data_1A30
# 
_entry.id   1A30 
# 
_audit_conform.dict_name       mmcif_pdbx.dic 
_audit_conform.dict_version    5.385 
_audit_conform.dict_location   http://mmcif.pdb.org/dictionaries/ascii/mmcif_pdbx.dic 
# 
loop_
_database_2.database_id 
_database_2.database_code 
_database_2.pdbx_database_accession 
_database_2.pdbx_DOI 
PDB   1A30         pdb_00001a30 10.2210/pdb1a30/pdb 
WWPDB D_1000170328 ?            ?                   
# 
loop_
_pdbx_audit_revision_history.ordinal 
_pdbx_audit_revision_history.data_content_type 
_pdbx_audit_revision_history.major_revision 
_pdbx_audit_revision_history.minor_revision 
_pdbx_audit_revision_history.revision_date 
1 'Structure model' 1 0 1998-04-29 
2 'Structure model' 1 1 2008-03-24 
3 'Structure model' 1 2 2011-07-13 
4 'Structure model' 1 3 2021-11-03 
5 'Structure model' 1 4 2024-02-07 
# 
_pdbx_audit_revision_details.ordinal             1 
_pdbx_audit_revision_details.revision_ordinal    1 
_pdbx_audit_revision_details.data_content_type   'Structure model' 
_pdbx_audit_revision_details.provider            repository 
_pdbx_audit_revision_details.type                'Initial release' 
_pdbx_audit_revision_details.description         ? 
_pdbx_audit_revision_details.details             ? 
# 
loop_
_pdbx_audit_revision_group.ordinal 
_pdbx_audit_revision_group.revision_ordinal 
_pdbx_audit_revision_group.data_content_type 
_pdbx_audit_revision_group.group 
1  2 'Structure model' 'Version format compliance' 
2  3 'Structure model' 'Atomic model'              
3  3 'Structure model' 'Database references'       
4  3 'Structure model' 'Derived calculations'      
5  3 'Structure model' 'Non-polymer description'   
6  3 'Structure model' 'Structure summary'         
7  3 'Structure model' 'Version format compliance' 
8  4 'Structure model' 'Database references'       
9  4 'Structure model' Other                       
10 5 'Structure model' 'Data collection'           
# 
loop_
_pdbx_audit_revision_category.ordinal 
_pdbx_audit_revision_category.revision_ordinal 
_pdbx_audit_revision_category.data_content_type 
_pdbx_audit_revision_category.category 
1 4 'Structure model' database_2           
2 4 'Structure model' pdbx_database_status 
3 4 'Structure model' struct_ref_seq_dif   
4 5 'Structure model' chem_comp_atom       
5 5 'Structure model' chem_comp_bond       
# 
loop_
_pdbx_audit_revision_item.ordinal 
_pdbx_audit_revision_item.revision_ordinal 
_pdbx_audit_revision_item.data_content_type 
_pdbx_audit_revision_item.item 
1 4 'Structure model' '_database_2.pdbx_DOI'                
2 4 'Structure model' '_database_2.pdbx_database_accession' 
3 4 'Structure model' '_pdbx_database_status.process_site'  
4 4 'Structure model' '_struct_ref_seq_dif.details'         
# 
_pdbx_database_status.status_code                     REL 
_pdbx_database_status.entry_id                        1A30 
_pdbx_database_status.recvd_initial_deposition_date   1998-01-27 
_pdbx_database_status.deposit_site                    ? 
_pdbx_database_status.process_site                    BNL 
_pdbx_database_status.status_code_sf                  REL 
_pdbx_database_status.status_code_mr                  ? 
_pdbx_database_status.SG_entry                        ? 
_pdbx_database_status.status_code_cs                  ? 
_pdbx_database_status.pdb_format_compatible           Y 
_pdbx_database_status.status_code_nmr_data            ? 
_pdbx_database_status.methods_development_category    ? 
# 
loop_
_audit_author.name 
_audit_author.pdbx_ordinal 
'Louis, J.M.'  1 
'Dyda, F.'     2 
'Nashed, N.T.' 3 
'Kimmel, A.R.' 4 
'Davies, D.R.' 5 
# 
_citation.id                        primary 
_citation.title                     
'Hydrophilic peptides derived from the transframe region of Gag-Pol inhibit the HIV-1 protease.' 
_citation.journal_abbrev            Biochemistry 
_citation.journal_volume            37 
_citation.page_first                2105 
_citation.page_last                 2110 
_citation.year                      1998 
_citation.journal_id_ASTM           BICHAW 
_citation.country                   US 
_citation.journal_id_ISSN           0006-2960 
_citation.journal_id_CSD            0033 
_citation.book_publisher            ? 
_citation.pdbx_database_id_PubMed   9485357 
_citation.pdbx_database_id_DOI      10.1021/bi972059x 
# 
loop_
_citation_author.citation_id 
_citation_author.name 
_citation_author.ordinal 
_citation_author.identifier_ORCID 
primary 'Louis, J.M.'  1 ? 
primary 'Dyda, F.'     2 ? 
primary 'Nashed, N.T.' 3 ? 
primary 'Kimmel, A.R.' 4 ? 
primary 'Davies, D.R.' 5 ? 
# 
loop_
_entity.id 
_entity.type 
_entity.src_method 
_entity.pdbx_description 
_entity.formula_weight 
_entity.pdbx_number_of_molecules 
_entity.pdbx_ec 
_entity.pdbx_mutation 
_entity.pdbx_fragment 
_entity.details 
1 polymer man 'HIV-1 PROTEASE'         10804.808 2   3.4.23.16 'Q7K, L33I, L63I' ? ? 
2 polymer man 'TRIPEPTIDE GLU-ASP-LEU' 375.375   1   ?         ?                 ? ? 
3 water   nat water                    18.015    216 ?         ?                 ? ? 
# 
loop_
_entity_poly.entity_id 
_entity_poly.type 
_entity_poly.nstd_linkage 
_entity_poly.nstd_monomer 
_entity_poly.pdbx_seq_one_letter_code 
_entity_poly.pdbx_seq_one_letter_code_can 
_entity_poly.pdbx_strand_id 
_entity_poly.pdbx_target_identifier 
1 'polypeptide(L)' no no 
;PQITLWKRPLVTIKIGGQLKEALLDTGADDTVIEEMSLPGRWKPKMIGGIGGFIKVRQYDQIIIEICGHKAIGTVLVGPT
PVNIIGRNLLTQIGCTLNF
;
;PQITLWKRPLVTIKIGGQLKEALLDTGADDTVIEEMSLPGRWKPKMIGGIGGFIKVRQYDQIIIEICGHKAIGTVLVGPT
PVNIIGRNLLTQIGCTLNF
;
A,B ? 
2 'polypeptide(L)' no no EDL                                                                                                    
EDL                                                                                                    C   ? 
# 
_pdbx_entity_nonpoly.entity_id   3 
_pdbx_entity_nonpoly.name        water 
_pdbx_entity_nonpoly.comp_id     HOH 
# 
loop_
_entity_poly_seq.entity_id 
_entity_poly_seq.num 
_entity_poly_seq.mon_id 
_entity_poly_seq.hetero 
1 1  PRO n 
1 2  GLN n 
1 3  ILE n 
1 4  THR n 
1 5  LEU n 
1 6  TRP n 
1 7  LYS n 
1 8  ARG n 
1 9  PRO n 
1 10 LEU n 
1 11 VAL n 
1 12 THR n 
1 13 ILE n 
1 14 LYS n 
1 15 ILE n 
1 16 GLY n 
1 17 GLY n 
1 18 GLN n 
1 19 LEU n 
1 20 LYS n 
1 21 GLU n 
1 22 ALA n 
1 23 LEU n 
1 24 LEU n 
1 25 ASP n 
1 26 THR n 
1 27 GLY n 
1 28 ALA n 
1 29 ASP n 
1 30 ASP n 
1 31 THR n 
1 32 VAL n 
1 33 ILE n 
1 34 GLU n 
1 35 GLU n 
1 36 MET n 
1 37 SER n 
1 38 LEU n 
1 39 PRO n 
1 40 GLY n 
1 41 ARG n 
1 42 TRP n 
1 43 LYS n 
1 44 PRO n 
1 45 LYS n 
1 46 MET n 
1 47 ILE n 
1 48 GLY n 
1 49 GLY n 
1 50 ILE n 
1 51 GLY n 
1 52 GLY n 
1 53 PHE n 
1 54 ILE n 
1 55 LYS n 
1 56 VAL n 
1 57 ARG n 
1 58 GLN n 
1 59 TYR n 
1 60 ASP n 
1 61 GLN n 
1 62 ILE n 
1 63 ILE n 
1 64 ILE n 
1 65 GLU n 
1 66 ILE n 
1 67 CYS n 
1 68 GLY n 
1 69 HIS n 
1 70 LYS n 
1 71 ALA n 
1 72 ILE n 
1 73 GLY n 
1 74 THR n 
1 75 VAL n 
1 76 LEU n 
1 77 VAL n 
1 78 GLY n 
1 79 PRO n 
1 80 THR n 
1 81 PRO n 
1 82 VAL n 
1 83 ASN n 
1 84 ILE n 
1 85 ILE n 
1 86 GLY n 
1 87 ARG n 
1 88 ASN n 
1 89 LEU n 
1 90 LEU n 
1 91 THR n 
1 92 GLN n 
1 93 ILE n 
1 94 GLY n 
1 95 CYS n 
1 96 THR n 
1 97 LEU n 
1 98 ASN n 
1 99 PHE n 
2 1  GLU n 
2 2  ASP n 
2 3  LEU n 
# 
_entity_src_gen.entity_id                          1 
_entity_src_gen.pdbx_src_id                        1 
_entity_src_gen.pdbx_alt_source_flag               sample 
_entity_src_gen.pdbx_seq_type                      ? 
_entity_src_gen.pdbx_beg_seq_num                   ? 
_entity_src_gen.pdbx_end_seq_num                   ? 
_entity_src_gen.gene_src_common_name               ? 
_entity_src_gen.gene_src_genus                     Lentivirus 
_entity_src_gen.pdbx_gene_src_gene                 ? 
_entity_src_gen.gene_src_species                   ? 
_entity_src_gen.gene_src_strain                    'ISOLATE HXB2' 
_entity_src_gen.gene_src_tissue                    ? 
_entity_src_gen.gene_src_tissue_fraction           ? 
_entity_src_gen.gene_src_details                   ? 
_entity_src_gen.pdbx_gene_src_fragment             ? 
_entity_src_gen.pdbx_gene_src_scientific_name      'Human immunodeficiency virus 1' 
_entity_src_gen.pdbx_gene_src_ncbi_taxonomy_id     11676 
_entity_src_gen.pdbx_gene_src_variant              ? 
_entity_src_gen.pdbx_gene_src_cell_line            ? 
_entity_src_gen.pdbx_gene_src_atcc                 ? 
_entity_src_gen.pdbx_gene_src_organ                ? 
_entity_src_gen.pdbx_gene_src_organelle            ? 
_entity_src_gen.pdbx_gene_src_cell                 ? 
_entity_src_gen.pdbx_gene_src_cellular_location    ? 
_entity_src_gen.host_org_common_name               ? 
_entity_src_gen.pdbx_host_org_scientific_name      'Escherichia coli BL21' 
_entity_src_gen.pdbx_host_org_ncbi_taxonomy_id     511693 
_entity_src_gen.host_org_genus                     Escherichia 
_entity_src_gen.pdbx_host_org_gene                 ? 
_entity_src_gen.pdbx_host_org_organ                ? 
_entity_src_gen.host_org_species                   'Escherichia coli' 
_entity_src_gen.pdbx_host_org_tissue               ? 
_entity_src_gen.pdbx_host_org_tissue_fraction      ? 
_entity_src_gen.pdbx_host_org_strain               BL21 
_entity_src_gen.pdbx_host_org_variant              ? 
_entity_src_gen.pdbx_host_org_cell_line            ? 
_entity_src_gen.pdbx_host_org_atcc                 ? 
_entity_src_gen.pdbx_host_org_culture_collection   ? 
_entity_src_gen.pdbx_host_org_cell                 ? 
_entity_src_gen.pdbx_host_org_organelle            ? 
_entity_src_gen.pdbx_host_org_cellular_location    ? 
_entity_src_gen.pdbx_host_org_vector_type          ? 
_entity_src_gen.pdbx_host_org_vector               'PET-11 A' 
_entity_src_gen.host_org_details                   ? 
_entity_src_gen.expression_system_id               ? 
_entity_src_gen.plasmid_name                       ? 
_entity_src_gen.plasmid_details                    ? 
_entity_src_gen.pdbx_description                   ? 
# 
loop_
_chem_comp.id 
_chem_comp.type 
_chem_comp.mon_nstd_flag 
_chem_comp.name 
_chem_comp.pdbx_synonyms 
_chem_comp.formula 
_chem_comp.formula_weight 
ALA 'L-peptide linking' y ALANINE         ? 'C3 H7 N O2'     89.093  
ARG 'L-peptide linking' y ARGININE        ? 'C6 H15 N4 O2 1' 175.209 
ASN 'L-peptide linking' y ASPARAGINE      ? 'C4 H8 N2 O3'    132.118 
ASP 'L-peptide linking' y 'ASPARTIC ACID' ? 'C4 H7 N O4'     133.103 
CYS 'L-peptide linking' y CYSTEINE        ? 'C3 H7 N O2 S'   121.158 
GLN 'L-peptide linking' y GLUTAMINE       ? 'C5 H10 N2 O3'   146.144 
GLU 'L-peptide linking' y 'GLUTAMIC ACID' ? 'C5 H9 N O4'     147.129 
GLY 'peptide linking'   y GLYCINE         ? 'C2 H5 N O2'     75.067  
HIS 'L-peptide linking' y HISTIDINE       ? 'C6 H10 N3 O2 1' 156.162 
HOH non-polymer         . WATER           ? 'H2 O'           18.015  
ILE 'L-peptide linking' y ISOLEUCINE      ? 'C6 H13 N O2'    131.173 
LEU 'L-peptide linking' y LEUCINE         ? 'C6 H13 N O2'    131.173 
LYS 'L-peptide linking' y LYSINE          ? 'C6 H15 N2 O2 1' 147.195 
MET 'L-peptide linking' y METHIONINE      ? 'C5 H11 N O2 S'  149.211 
PHE 'L-peptide linking' y PHENYLALANINE   ? 'C9 H11 N O2'    165.189 
PRO 'L-peptide linking' y PROLINE         ? 'C5 H9 N O2'     115.130 
SER 'L-peptide linking' y SERINE          ? 'C3 H7 N O3'     105.093 
THR 'L-peptide linking' y THREONINE       ? 'C4 H9 N O3'     119.119 
TRP 'L-peptide linking' y TRYPTOPHAN      ? 'C11 H12 N2 O2'  204.225 
TYR 'L-peptide linking' y TYROSINE        ? 'C9 H11 N O3'    181.189 
VAL 'L-peptide linking' y VALINE          ? 'C5 H11 N O2'    117.146 
# 
loop_
_pdbx_poly_seq_scheme.asym_id 
_pdbx_poly_seq_scheme.entity_id 
_pdbx_poly_seq_scheme.seq_id 
_pdbx_poly_seq_scheme.mon_id 
_pdbx_poly_seq_scheme.ndb_seq_num 
_pdbx_poly_seq_scheme.pdb_seq_num 
_pdbx_poly_seq_scheme.auth_seq_num 
_pdbx_poly_seq_scheme.pdb_mon_id 
_pdbx_poly_seq_scheme.auth_mon_id 
_pdbx_poly_seq_scheme.pdb_strand_id 
_pdbx_poly_seq_scheme.pdb_ins_code 
_pdbx_poly_seq_scheme.hetero 
A 1 1  PRO 1  1   1   PRO PRO A . n 
A 1 2  GLN 2  2   2   GLN GLN A . n 
A 1 3  ILE 3  3   3   ILE ILE A . n 
A 1 4  THR 4  4   4   THR THR A . n 
A 1 5  LEU 5  5   5   LEU LEU A . n 
A 1 6  TRP 6  6   6   TRP TRP A . n 
A 1 7  LYS 7  7   7   LYS LYS A . n 
A 1 8  ARG 8  8   8   ARG ARG A . n 
A 1 9  PRO 9  9   9   PRO PRO A . n 
A 1 10 LEU 10 10  10  LEU LEU A . n 
A 1 11 VAL 11 11  11  VAL VAL A . n 
A 1 12 THR 12 12  12  THR THR A . n 
A 1 13 ILE 13 13  13  ILE ILE A . n 
A 1 14 LYS 14 14  14  LYS LYS A . n 
A 1 15 ILE 15 15  15  ILE ILE A . n 
A 1 16 GLY 16 16  16  GLY GLY A . n 
A 1 17 GLY 17 17  17  GLY GLY A . n 
A 1 18 GLN 18 18  18  GLN GLN A . n 
A 1 19 LEU 19 19  19  LEU LEU A . n 
A 1 20 LYS 20 20  20  LYS LYS A . n 
A 1 21 GLU 21 21  21  GLU GLU A . n 
A 1 22 ALA 22 22  22  ALA ALA A . n 
A 1 23 LEU 23 23  23  LEU LEU A . n 
A 1 24 LEU 24 24  24  LEU LEU A . n 
A 1 25 ASP 25 25  25  ASP ASP A . n 
A 1 26 THR 26 26  26  THR THR A . n 
A 1 27 GLY 27 27  27  GLY GLY A . n 
A 1 28 ALA 28 28  28  ALA ALA A . n 
A 1 29 ASP 29 29  29  ASP ASP A . n 
A 1 30 ASP 30 30  30  ASP ASP A . n 
A 1 31 THR 31 31  31  THR THR A . n 
A 1 32 VAL 32 32  32  VAL VAL A . n 
A 1 33 ILE 33 33  33  ILE ILE A . n 
A 1 34 GLU 34 34  34  GLU GLU A . n 
A 1 35 GLU 35 35  35  GLU GLU A . n 
A 1 36 MET 36 36  36  MET MET A . n 
A 1 37 SER 37 37  37  SER SER A . n 
A 1 38 LEU 38 38  38  LEU LEU A . n 
A 1 39 PRO 39 39  39  PRO PRO A . n 
A 1 40 GLY 40 40  40  GLY GLY A . n 
A 1 41 ARG 41 41  41  ARG ARG A . n 
A 1 42 TRP 42 42  42  TRP TRP A . n 
A 1 43 LYS 43 43  43  LYS LYS A . n 
A 1 44 PRO 44 44  44  PRO PRO A . n 
A 1 45 LYS 45 45  45  LYS LYS A . n 
A 1 46 MET 46 46  46  MET MET A . n 
A 1 47 ILE 47 47  47  ILE ILE A . n 
A 1 48 GLY 48 48  48  GLY GLY A . n 
A 1 49 GLY 49 49  49  GLY GLY A . n 
A 1 50 ILE 50 50  50  ILE ILE A . n 
A 1 51 GLY 51 51  51  GLY GLY A . n 
A 1 52 GLY 52 52  52  GLY GLY A . n 
A 1 53 PHE 53 53  53  PHE PHE A . n 
A 1 54 ILE 54 54  54  ILE ILE A . n 
A 1 55 LYS 55 55  55  LYS LYS A . n 
A 1 56 VAL 56 56  56  VAL VAL A . n 
A 1 57 ARG 57 57  57  ARG ARG A . n 
A 1 58 GLN 58 58  58  GLN GLN A . n 
A 1 59 TYR 59 59  59  TYR TYR A . n 
A 1 60 ASP 60 60  60  ASP ASP A . n 
A 1 61 GLN 61 61  61  GLN GLN A . n 
A 1 62 ILE 62 62  62  ILE ILE A . n 
A 1 63 ILE 63 63  63  ILE ILE A . n 
A 1 64 ILE 64 64  64  ILE ILE A . n 
A 1 65 GLU 65 65  65  GLU GLU A . n 
A 1 66 ILE 66 66  66  ILE ILE A . n 
A 1 67 CYS 67 67  67  CYS CYS A . n 
A 1 68 GLY 68 68  68  GLY GLY A . n 
A 1 69 HIS 69 69  69  HIS HIS A . n 
A 1 70 LYS 70 70  70  LYS LYS A . n 
A 1 71 ALA 71 71  71  ALA ALA A . n 
A 1 72 ILE 72 72  72  ILE ILE A . n 
A 1 73 GLY 73 73  73  GLY GLY A . n 
A 1 74 THR 74 74  74  THR THR A . n 
A 1 75 VAL 75 75  75  VAL VAL A . n 
A 1 76 LEU 76 76  76  LEU LEU A . n 
A 1 77 VAL 77 77  77  VAL VAL A . n 
A 1 78 GLY 78 78  78  GLY GLY A . n 
A 1 79 PRO 79 79  79  PRO PRO A . n 
A 1 80 THR 80 80  80  THR THR A . n 
A 1 81 PRO 81 81  81  PRO PRO A . n 
A 1 82 VAL 82 82  82  VAL VAL A . n 
A 1 83 ASN 83 83  83  ASN ASN A . n 
A 1 84 ILE 84 84  84  ILE ILE A . n 
A 1 85 ILE 85 85  85  ILE ILE A . n 
A 1 86 GLY 86 86  86  GLY GLY A . n 
A 1 87 ARG 87 87  87  ARG ARG A . n 
A 1 88 ASN 88 88  88  ASN ASN A . n 
A 1 89 LEU 89 89  89  LEU LEU A . n 
A 1 90 LEU 90 90  90  LEU LEU A . n 
A 1 91 THR 91 91  91  THR THR A . n 
A 1 92 GLN 92 92  92  GLN GLN A . n 
A 1 93 ILE 93 93  93  ILE ILE A . n 
A 1 94 GLY 94 94  94  GLY GLY A . n 
A 1 95 CYS 95 95  95  CYS CYS A . n 
A 1 96 THR 96 96  96  THR THR A . n 
A 1 97 LEU 97 97  97  LEU LEU A . n 
A 1 98 ASN 98 98  98  ASN ASN A . n 
A 1 99 PHE 99 99  99  PHE PHE A . n 
B 1 1  PRO 1  1   1   PRO PRO B . n 
B 1 2  GLN 2  2   2   GLN GLN B . n 
B 1 3  ILE 3  3   3   ILE ILE B . n 
B 1 4  THR 4  4   4   THR THR B . n 
B 1 5  LEU 5  5   5   LEU LEU B . n 
B 1 6  TRP 6  6   6   TRP TRP B . n 
B 1 7  LYS 7  7   7   LYS LYS B . n 
B 1 8  ARG 8  8   8   ARG ARG B . n 
B 1 9  PRO 9  9   9   PRO PRO B . n 
B 1 10 LEU 10 10  10  LEU LEU B . n 
B 1 11 VAL 11 11  11  VAL VAL B . n 
B 1 12 THR 12 12  12  THR THR B . n 
B 1 13 ILE 13 13  13  ILE ILE B . n 
B 1 14 LYS 14 14  14  LYS LYS B . n 
B 1 15 ILE 15 15  15  ILE ILE B . n 
B 1 16 GLY 16 16  16  GLY GLY B . n 
B 1 17 GLY 17 17  17  GLY GLY B . n 
B 1 18 GLN 18 18  18  GLN GLN B . n 
B 1 19 LEU 19 19  19  LEU LEU B . n 
B 1 20 LYS 20 20  20  LYS LYS B . n 
B 1 21 GLU 21 21  21  GLU GLU B . n 
B 1 22 ALA 22 22  22  ALA ALA B . n 
B 1 23 LEU 23 23  23  LEU LEU B . n 
B 1 24 LEU 24 24  24  LEU LEU B . n 
B 1 25 ASP 25 25  25  ASP ASP B . n 
B 1 26 THR 26 26  26  THR THR B . n 
B 1 27 GLY 27 27  27  GLY GLY B . n 
B 1 28 ALA 28 28  28  ALA ALA B . n 
B 1 29 ASP 29 29  29  ASP ASP B . n 
B 1 30 ASP 30 30  30  ASP ASP B . n 
B 1 31 THR 31 31  31  THR THR B . n 
B 1 32 VAL 32 32  32  VAL VAL B . n 
B 1 33 ILE 33 33  33  ILE ILE B . n 
B 1 34 GLU 34 34  34  GLU GLU B . n 
B 1 35 GLU 35 35  35  GLU GLU B . n 
B 1 36 MET 36 36  36  MET MET B . n 
B 1 37 SER 37 37  37  SER SER B . n 
B 1 38 LEU 38 38  38  LEU LEU B . n 
B 1 39 PRO 39 39  39  PRO PRO B . n 
B 1 40 GLY 40 40  40  GLY GLY B . n 
B 1 41 ARG 41 41  41  ARG ARG B . n 
B 1 42 TRP 42 42  42  TRP TRP B . n 
B 1 43 LYS 43 43  43  LYS LYS B . n 
B 1 44 PRO 44 44  44  PRO PRO B . n 
B 1 45 LYS 45 45  45  LYS LYS B . n 
B 1 46 MET 46 46  46  MET MET B . n 
B 1 47 ILE 47 47  47  ILE ILE B . n 
B 1 48 GLY 48 48  48  GLY GLY B . n 
B 1 49 GLY 49 49  49  GLY GLY B . n 
B 1 50 ILE 50 50  50  ILE ILE B . n 
B 1 51 GLY 51 51  51  GLY GLY B . n 
B 1 52 GLY 52 52  52  GLY GLY B . n 
B 1 53 PHE 53 53  53  PHE PHE B . n 
B 1 54 ILE 54 54  54  ILE ILE B . n 
B 1 55 LYS 55 55  55  LYS LYS B . n 
B 1 56 VAL 56 56  56  VAL VAL B . n 
B 1 57 ARG 57 57  57  ARG ARG B . n 
B 1 58 GLN 58 58  58  GLN GLN B . n 
B 1 59 TYR 59 59  59  TYR TYR B . n 
B 1 60 ASP 60 60  60  ASP ASP B . n 
B 1 61 GLN 61 61  61  GLN GLN B . n 
B 1 62 ILE 62 62  62  ILE ILE B . n 
B 1 63 ILE 63 63  63  ILE ILE B . n 
B 1 64 ILE 64 64  64  ILE ILE B . n 
B 1 65 GLU 65 65  65  GLU GLU B . n 
B 1 66 ILE 66 66  66  ILE ILE B . n 
B 1 67 CYS 67 67  67  CYS CYS B . n 
B 1 68 GLY 68 68  68  GLY GLY B . n 
B 1 69 HIS 69 69  69  HIS HIS B . n 
B 1 70 LYS 70 70  70  LYS LYS B . n 
B 1 71 ALA 71 71  71  ALA ALA B . n 
B 1 72 ILE 72 72  72  ILE ILE B . n 
B 1 73 GLY 73 73  73  GLY GLY B . n 
B 1 74 THR 74 74  74  THR THR B . n 
B 1 75 VAL 75 75  75  VAL VAL B . n 
B 1 76 LEU 76 76  76  LEU LEU B . n 
B 1 77 VAL 77 77  77  VAL VAL B . n 
B 1 78 GLY 78 78  78  GLY GLY B . n 
B 1 79 PRO 79 79  79  PRO PRO B . n 
B 1 80 THR 80 80  80  THR THR B . n 
B 1 81 PRO 81 81  81  PRO PRO B . n 
B 1 82 VAL 82 82  82  VAL VAL B . n 
B 1 83 ASN 83 83  83  ASN ASN B . n 
B 1 84 ILE 84 84  84  ILE ILE B . n 
B 1 85 ILE 85 85  85  ILE ILE B . n 
B 1 86 GLY 86 86  86  GLY GLY B . n 
B 1 87 ARG 87 87  87  ARG ARG B . n 
B 1 88 ASN 88 88  88  ASN ASN B . n 
B 1 89 LEU 89 89  89  LEU LEU B . n 
B 1 90 LEU 90 90  90  LEU LEU B . n 
B 1 91 THR 91 91  91  THR THR B . n 
B 1 92 GLN 92 92  92  GLN GLN B . n 
B 1 93 ILE 93 93  93  ILE ILE B . n 
B 1 94 GLY 94 94  94  GLY GLY B . n 
B 1 95 CYS 95 95  95  CYS CYS B . n 
B 1 96 THR 96 96  96  THR THR B . n 
B 1 97 LEU 97 97  97  LEU LEU B . n 
B 1 98 ASN 98 98  98  ASN ASN B . n 
B 1 99 PHE 99 99  99  PHE PHE B . n 
C 2 1  GLU 1  506 506 GLU GLU C . n 
C 2 2  ASP 2  507 507 ASP ASP C . n 
C 2 3  LEU 3  508 508 LEU LEU C . n 
# 
loop_
_pdbx_nonpoly_scheme.asym_id 
_pdbx_nonpoly_scheme.entity_id 
_pdbx_nonpoly_scheme.mon_id 
_pdbx_nonpoly_scheme.ndb_seq_num 
_pdbx_nonpoly_scheme.pdb_seq_num 
_pdbx_nonpoly_scheme.auth_seq_num 
_pdbx_nonpoly_scheme.pdb_mon_id 
_pdbx_nonpoly_scheme.auth_mon_id 
_pdbx_nonpoly_scheme.pdb_strand_id 
_pdbx_nonpoly_scheme.pdb_ins_code 
D 3 HOH 1   1045 1045 HOH HOH A . 
D 3 HOH 2   1047 1047 HOH HOH A . 
D 3 HOH 3   1048 1048 HOH HOH A . 
D 3 HOH 4   1049 1049 HOH HOH A . 
D 3 HOH 5   1050 1050 HOH HOH A . 
D 3 HOH 6   1053 1053 HOH HOH A . 
D 3 HOH 7   1054 1054 HOH HOH A . 
D 3 HOH 8   1055 1055 HOH HOH A . 
D 3 HOH 9   1056 1056 HOH HOH A . 
D 3 HOH 10  1057 1057 HOH HOH A . 
D 3 HOH 11  1058 1058 HOH HOH A . 
D 3 HOH 12  1059 1059 HOH HOH A . 
D 3 HOH 13  1060 1060 HOH HOH A . 
D 3 HOH 14  1061 1061 HOH HOH A . 
D 3 HOH 15  1062 1062 HOH HOH A . 
D 3 HOH 16  1063 1063 HOH HOH A . 
D 3 HOH 17  1064 1064 HOH HOH A . 
D 3 HOH 18  1065 1065 HOH HOH A . 
D 3 HOH 19  1066 1066 HOH HOH A . 
D 3 HOH 20  1067 1067 HOH HOH A . 
D 3 HOH 21  1068 1068 HOH HOH A . 
D 3 HOH 22  1069 1069 HOH HOH A . 
D 3 HOH 23  1070 1070 HOH HOH A . 
D 3 HOH 24  1071 1071 HOH HOH A . 
D 3 HOH 25  1072 1072 HOH HOH A . 
D 3 HOH 26  1073 1073 HOH HOH A . 
D 3 HOH 27  1074 1074 HOH HOH A . 
D 3 HOH 28  1076 1076 HOH HOH A . 
D 3 HOH 29  1077 1077 HOH HOH A . 
D 3 HOH 30  1079 1079 HOH HOH A . 
D 3 HOH 31  1080 1080 HOH HOH A . 
D 3 HOH 32  1082 1082 HOH HOH A . 
D 3 HOH 33  1083 1083 HOH HOH A . 
D 3 HOH 34  1102 1102 HOH HOH A . 
D 3 HOH 35  1103 1103 HOH HOH A . 
D 3 HOH 36  1104 1104 HOH HOH A . 
D 3 HOH 37  1105 1105 HOH HOH A . 
D 3 HOH 38  1106 1106 HOH HOH A . 
D 3 HOH 39  1107 1107 HOH HOH A . 
D 3 HOH 40  1115 1115 HOH HOH A . 
D 3 HOH 41  1123 1123 HOH HOH A . 
D 3 HOH 42  1125 1125 HOH HOH A . 
D 3 HOH 43  1127 1127 HOH HOH A . 
D 3 HOH 44  1128 1128 HOH HOH A . 
D 3 HOH 45  1129 1129 HOH HOH A . 
D 3 HOH 46  1130 1130 HOH HOH A . 
D 3 HOH 47  1131 1131 HOH HOH A . 
D 3 HOH 48  1132 1132 HOH HOH A . 
D 3 HOH 49  1133 1133 HOH HOH A . 
D 3 HOH 50  1134 1134 HOH HOH A . 
D 3 HOH 51  1135 1135 HOH HOH A . 
D 3 HOH 52  1136 1136 HOH HOH A . 
D 3 HOH 53  1137 1137 HOH HOH A . 
D 3 HOH 54  1138 1138 HOH HOH A . 
D 3 HOH 55  1139 1139 HOH HOH A . 
D 3 HOH 56  1140 1140 HOH HOH A . 
D 3 HOH 57  1141 1141 HOH HOH A . 
D 3 HOH 58  1142 1142 HOH HOH A . 
D 3 HOH 59  1143 1143 HOH HOH A . 
D 3 HOH 60  1144 1144 HOH HOH A . 
D 3 HOH 61  1145 1145 HOH HOH A . 
D 3 HOH 62  1146 1146 HOH HOH A . 
D 3 HOH 63  1147 1147 HOH HOH A . 
D 3 HOH 64  1148 1148 HOH HOH A . 
D 3 HOH 65  1149 1149 HOH HOH A . 
D 3 HOH 66  1150 1150 HOH HOH A . 
D 3 HOH 67  1151 1151 HOH HOH A . 
D 3 HOH 68  1152 1152 HOH HOH A . 
D 3 HOH 69  1153 1153 HOH HOH A . 
D 3 HOH 70  1154 1154 HOH HOH A . 
D 3 HOH 71  1155 1155 HOH HOH A . 
D 3 HOH 72  1156 1156 HOH HOH A . 
D 3 HOH 73  1157 1157 HOH HOH A . 
D 3 HOH 74  1158 1158 HOH HOH A . 
D 3 HOH 75  1159 1159 HOH HOH A . 
D 3 HOH 76  1160 1160 HOH HOH A . 
D 3 HOH 77  1161 1161 HOH HOH A . 
D 3 HOH 78  1162 1162 HOH HOH A . 
D 3 HOH 79  1163 1163 HOH HOH A . 
D 3 HOH 80  1164 1164 HOH HOH A . 
D 3 HOH 81  1165 1165 HOH HOH A . 
D 3 HOH 82  1166 1166 HOH HOH A . 
D 3 HOH 83  1167 1167 HOH HOH A . 
D 3 HOH 84  1168 1168 HOH HOH A . 
D 3 HOH 85  1169 1169 HOH HOH A . 
D 3 HOH 86  1170 1170 HOH HOH A . 
D 3 HOH 87  1175 1175 HOH HOH A . 
D 3 HOH 88  1182 1182 HOH HOH A . 
D 3 HOH 89  1187 1187 HOH HOH A . 
D 3 HOH 90  1188 1188 HOH HOH A . 
D 3 HOH 91  1189 1189 HOH HOH A . 
D 3 HOH 92  1190 1190 HOH HOH A . 
D 3 HOH 93  1191 1191 HOH HOH A . 
D 3 HOH 94  1192 1192 HOH HOH A . 
D 3 HOH 95  1193 1193 HOH HOH A . 
D 3 HOH 96  1194 1194 HOH HOH A . 
D 3 HOH 97  1197 1197 HOH HOH A . 
D 3 HOH 98  1198 1198 HOH HOH A . 
D 3 HOH 99  1200 1200 HOH HOH A . 
D 3 HOH 100 1206 1206 HOH HOH A . 
D 3 HOH 101 1207 1207 HOH HOH A . 
D 3 HOH 102 1208 1208 HOH HOH A . 
D 3 HOH 103 1209 1209 HOH HOH A . 
D 3 HOH 104 1210 1210 HOH HOH A . 
D 3 HOH 105 1211 1211 HOH HOH A . 
D 3 HOH 106 1215 1215 HOH HOH A . 
E 3 HOH 1   1000 1000 HOH HOH B . 
E 3 HOH 2   1001 1001 HOH HOH B . 
E 3 HOH 3   1002 1002 HOH HOH B . 
E 3 HOH 4   1003 1003 HOH HOH B . 
E 3 HOH 5   1004 1004 HOH HOH B . 
E 3 HOH 6   1005 1005 HOH HOH B . 
E 3 HOH 7   1006 1006 HOH HOH B . 
E 3 HOH 8   1007 1007 HOH HOH B . 
E 3 HOH 9   1008 1008 HOH HOH B . 
E 3 HOH 10  1009 1009 HOH HOH B . 
E 3 HOH 11  1010 1010 HOH HOH B . 
E 3 HOH 12  1011 1011 HOH HOH B . 
E 3 HOH 13  1012 1012 HOH HOH B . 
E 3 HOH 14  1013 1013 HOH HOH B . 
E 3 HOH 15  1014 1014 HOH HOH B . 
E 3 HOH 16  1015 1015 HOH HOH B . 
E 3 HOH 17  1016 1016 HOH HOH B . 
E 3 HOH 18  1017 1017 HOH HOH B . 
E 3 HOH 19  1018 1018 HOH HOH B . 
E 3 HOH 20  1019 1019 HOH HOH B . 
E 3 HOH 21  1020 1020 HOH HOH B . 
E 3 HOH 22  1021 1021 HOH HOH B . 
E 3 HOH 23  1022 1022 HOH HOH B . 
E 3 HOH 24  1023 1023 HOH HOH B . 
E 3 HOH 25  1024 1024 HOH HOH B . 
E 3 HOH 26  1025 1025 HOH HOH B . 
E 3 HOH 27  1026 1026 HOH HOH B . 
E 3 HOH 28  1027 1027 HOH HOH B . 
E 3 HOH 29  1028 1028 HOH HOH B . 
E 3 HOH 30  1029 1029 HOH HOH B . 
E 3 HOH 31  1030 1030 HOH HOH B . 
E 3 HOH 32  1031 1031 HOH HOH B . 
E 3 HOH 33  1032 1032 HOH HOH B . 
E 3 HOH 34  1033 1033 HOH HOH B . 
E 3 HOH 35  1034 1034 HOH HOH B . 
E 3 HOH 36  1035 1035 HOH HOH B . 
E 3 HOH 37  1036 1036 HOH HOH B . 
E 3 HOH 38  1037 1037 HOH HOH B . 
E 3 HOH 39  1038 1038 HOH HOH B . 
E 3 HOH 40  1039 1039 HOH HOH B . 
E 3 HOH 41  1040 1040 HOH HOH B . 
E 3 HOH 42  1041 1041 HOH HOH B . 
E 3 HOH 43  1042 1042 HOH HOH B . 
E 3 HOH 44  1043 1043 HOH HOH B . 
E 3 HOH 45  1044 1044 HOH HOH B . 
E 3 HOH 46  1046 1046 HOH HOH B . 
E 3 HOH 47  1051 1051 HOH HOH B . 
E 3 HOH 48  1052 1052 HOH HOH B . 
E 3 HOH 49  1078 1078 HOH HOH B . 
E 3 HOH 50  1081 1081 HOH HOH B . 
E 3 HOH 51  1084 1084 HOH HOH B . 
E 3 HOH 52  1085 1085 HOH HOH B . 
E 3 HOH 53  1086 1086 HOH HOH B . 
E 3 HOH 54  1087 1087 HOH HOH B . 
E 3 HOH 55  1088 1088 HOH HOH B . 
E 3 HOH 56  1089 1089 HOH HOH B . 
E 3 HOH 57  1090 1090 HOH HOH B . 
E 3 HOH 58  1091 1091 HOH HOH B . 
E 3 HOH 59  1093 1093 HOH HOH B . 
E 3 HOH 60  1094 1094 HOH HOH B . 
E 3 HOH 61  1095 1095 HOH HOH B . 
E 3 HOH 62  1096 1096 HOH HOH B . 
E 3 HOH 63  1098 1098 HOH HOH B . 
E 3 HOH 64  1099 1099 HOH HOH B . 
E 3 HOH 65  1100 1100 HOH HOH B . 
E 3 HOH 66  1101 1101 HOH HOH B . 
E 3 HOH 67  1108 1108 HOH HOH B . 
E 3 HOH 68  1109 1109 HOH HOH B . 
E 3 HOH 69  1110 1110 HOH HOH B . 
E 3 HOH 70  1111 1111 HOH HOH B . 
E 3 HOH 71  1112 1112 HOH HOH B . 
E 3 HOH 72  1113 1113 HOH HOH B . 
E 3 HOH 73  1114 1114 HOH HOH B . 
E 3 HOH 74  1116 1116 HOH HOH B . 
E 3 HOH 75  1117 1117 HOH HOH B . 
E 3 HOH 76  1118 1118 HOH HOH B . 
E 3 HOH 77  1119 1119 HOH HOH B . 
E 3 HOH 78  1120 1120 HOH HOH B . 
E 3 HOH 79  1121 1121 HOH HOH B . 
E 3 HOH 80  1122 1122 HOH HOH B . 
E 3 HOH 81  1124 1124 HOH HOH B . 
E 3 HOH 82  1126 1126 HOH HOH B . 
E 3 HOH 83  1171 1171 HOH HOH B . 
E 3 HOH 84  1172 1172 HOH HOH B . 
E 3 HOH 85  1173 1173 HOH HOH B . 
E 3 HOH 86  1174 1174 HOH HOH B . 
E 3 HOH 87  1176 1176 HOH HOH B . 
E 3 HOH 88  1177 1177 HOH HOH B . 
E 3 HOH 89  1178 1178 HOH HOH B . 
E 3 HOH 90  1179 1179 HOH HOH B . 
E 3 HOH 91  1180 1180 HOH HOH B . 
E 3 HOH 92  1181 1181 HOH HOH B . 
E 3 HOH 93  1183 1183 HOH HOH B . 
E 3 HOH 94  1184 1184 HOH HOH B . 
E 3 HOH 95  1185 1185 HOH HOH B . 
E 3 HOH 96  1186 1186 HOH HOH B . 
E 3 HOH 97  1195 1195 HOH HOH B . 
E 3 HOH 98  1196 1196 HOH HOH B . 
E 3 HOH 99  1199 1199 HOH HOH B . 
E 3 HOH 100 1201 1201 HOH HOH B . 
E 3 HOH 101 1202 1202 HOH HOH B . 
E 3 HOH 102 1203 1203 HOH HOH B . 
E 3 HOH 103 1204 1204 HOH HOH B . 
E 3 HOH 104 1205 1205 HOH HOH B . 
E 3 HOH 105 1212 1212 HOH HOH B . 
E 3 HOH 106 1213 1213 HOH HOH B . 
E 3 HOH 107 1214 1214 HOH HOH B . 
F 3 HOH 1   1075 1075 HOH HOH C . 
F 3 HOH 2   1092 1092 HOH HOH C . 
F 3 HOH 3   1097 1097 HOH HOH C . 
# 
loop_
_pdbx_unobs_or_zero_occ_atoms.id 
_pdbx_unobs_or_zero_occ_atoms.PDB_model_num 
_pdbx_unobs_or_zero_occ_atoms.polymer_flag 
_pdbx_unobs_or_zero_occ_atoms.occupancy_flag 
_pdbx_unobs_or_zero_occ_atoms.auth_asym_id 
_pdbx_unobs_or_zero_occ_atoms.auth_comp_id 
_pdbx_unobs_or_zero_occ_atoms.auth_seq_id 
_pdbx_unobs_or_zero_occ_atoms.PDB_ins_code 
_pdbx_unobs_or_zero_occ_atoms.auth_atom_id 
_pdbx_unobs_or_zero_occ_atoms.label_alt_id 
_pdbx_unobs_or_zero_occ_atoms.label_asym_id 
_pdbx_unobs_or_zero_occ_atoms.label_comp_id 
_pdbx_unobs_or_zero_occ_atoms.label_seq_id 
_pdbx_unobs_or_zero_occ_atoms.label_atom_id 
1 1 Y 1 A ARG 41 ? CG  ? A ARG 41 CG  
2 1 Y 1 A ARG 41 ? CD  ? A ARG 41 CD  
3 1 Y 1 A ARG 41 ? NE  ? A ARG 41 NE  
4 1 Y 1 A ARG 41 ? CZ  ? A ARG 41 CZ  
5 1 Y 1 A ARG 41 ? NH1 ? A ARG 41 NH1 
6 1 Y 1 A ARG 41 ? NH2 ? A ARG 41 NH2 
# 
loop_
_software.name 
_software.classification 
_software.version 
_software.citation_id 
_software.pdbx_ordinal 
X-PLOR    'model building' 3.1 ? 1 
X-PLOR    refinement       3.1 ? 2 
DENZO     'data reduction' .   ? 3 
SCALEPACK 'data scaling'   .   ? 4 
X-PLOR    phasing          3.1 ? 5 
# 
_cell.entry_id           1A30 
_cell.length_a           58.470 
_cell.length_b           86.440 
_cell.length_c           45.810 
_cell.angle_alpha        90.00 
_cell.angle_beta         90.00 
_cell.angle_gamma        90.00 
_cell.Z_PDB              8 
_cell.pdbx_unique_axis   ? 
_cell.length_a_esd       ? 
_cell.length_b_esd       ? 
_cell.length_c_esd       ? 
_cell.angle_alpha_esd    ? 
_cell.angle_beta_esd     ? 
_cell.angle_gamma_esd    ? 
# 
_symmetry.entry_id                         1A30 
_symmetry.space_group_name_H-M             'P 21 21 2' 
_symmetry.pdbx_full_space_group_name_H-M   ? 
_symmetry.cell_setting                     ? 
_symmetry.Int_Tables_number                18 
_symmetry.space_group_name_Hall            ? 
# 
_exptl.entry_id          1A30 
_exptl.method            'X-RAY DIFFRACTION' 
_exptl.crystals_number   1 
# 
_exptl_crystal.id                    1 
_exptl_crystal.density_meas          ? 
_exptl_crystal.density_Matthews      2.65 
_exptl_crystal.density_percent_sol   42.5 
_exptl_crystal.description           ? 
_exptl_crystal.F_000                 ? 
_exptl_crystal.preparation           ? 
# 
_exptl_crystal_grow.crystal_id      1 
_exptl_crystal_grow.method          ? 
_exptl_crystal_grow.temp            ? 
_exptl_crystal_grow.temp_details    ? 
_exptl_crystal_grow.pH              4.2 
_exptl_crystal_grow.pdbx_pH_range   ? 
_exptl_crystal_grow.pdbx_details    'pH 4.2' 
# 
_diffrn.id                     1 
_diffrn.ambient_temp           95 
_diffrn.ambient_temp_details   ? 
_diffrn.crystal_id             1 
# 
_diffrn_detector.diffrn_id              1 
_diffrn_detector.detector               'IMAGE PLATE' 
_diffrn_detector.type                   'RIGAKU RAXIS IIC' 
_diffrn_detector.pdbx_collection_date   1996-05 
_diffrn_detector.details                'YALE MIRRORS' 
# 
_diffrn_radiation.diffrn_id                        1 
_diffrn_radiation.wavelength_id                    1 
_diffrn_radiation.pdbx_monochromatic_or_laue_m_l   M 
_diffrn_radiation.monochromator                    'NI FILTER' 
_diffrn_radiation.pdbx_diffrn_protocol             ? 
_diffrn_radiation.pdbx_scattering_type             x-ray 
# 
_diffrn_radiation_wavelength.id           1 
_diffrn_radiation_wavelength.wavelength   1.5418 
_diffrn_radiation_wavelength.wt           1.0 
# 
_diffrn_source.diffrn_id                   1 
_diffrn_source.source                      'ROTATING ANODE' 
_diffrn_source.type                        'RIGAKU RUH2R' 
_diffrn_source.pdbx_synchrotron_site       ? 
_diffrn_source.pdbx_synchrotron_beamline   ? 
_diffrn_source.pdbx_wavelength             1.5418 
_diffrn_source.pdbx_wavelength_list        ? 
# 
_reflns.entry_id                     1A30 
_reflns.observed_criterion_sigma_I   0.0 
_reflns.observed_criterion_sigma_F   ? 
_reflns.d_resolution_low             15.0 
_reflns.d_resolution_high            2.0 
_reflns.number_obs                   14128 
_reflns.number_all                   ? 
_reflns.percent_possible_obs         86.7 
_reflns.pdbx_Rmerge_I_obs            0.0480000 
_reflns.pdbx_Rsym_value              0.0480000 
_reflns.pdbx_netI_over_sigmaI        14.6 
_reflns.B_iso_Wilson_estimate        21.71 
_reflns.pdbx_redundancy              4.63 
_reflns.R_free_details               ? 
_reflns.limit_h_max                  ? 
_reflns.limit_h_min                  ? 
_reflns.limit_k_max                  ? 
_reflns.limit_k_min                  ? 
_reflns.limit_l_max                  ? 
_reflns.limit_l_min                  ? 
_reflns.observed_criterion_F_max     ? 
_reflns.observed_criterion_F_min     ? 
_reflns.pdbx_chi_squared             ? 
_reflns.pdbx_scaling_rejects         ? 
_reflns.pdbx_ordinal                 1 
_reflns.pdbx_diffrn_id               1 
# 
_reflns_shell.d_res_high             2.00 
_reflns_shell.d_res_low              2.06 
_reflns_shell.percent_possible_all   71.3 
_reflns_shell.Rmerge_I_obs           0.1210000 
_reflns_shell.pdbx_Rsym_value        0.1210000 
_reflns_shell.meanI_over_sigI_obs    5.6 
_reflns_shell.pdbx_redundancy        2.2 
_reflns_shell.percent_possible_obs   ? 
_reflns_shell.number_unique_all      ? 
_reflns_shell.number_measured_all    ? 
_reflns_shell.number_measured_obs    ? 
_reflns_shell.number_unique_obs      ? 
_reflns_shell.pdbx_chi_squared       ? 
_reflns_shell.pdbx_ordinal           1 
_reflns_shell.pdbx_diffrn_id         1 
# 
_refine.entry_id                                 1A30 
_refine.ls_number_reflns_obs                     13987 
_refine.ls_number_reflns_all                     ? 
_refine.pdbx_ls_sigma_I                          ? 
_refine.pdbx_ls_sigma_F                          2.0 
_refine.pdbx_data_cutoff_high_absF               100000.0 
_refine.pdbx_data_cutoff_low_absF                0.1 
_refine.pdbx_data_cutoff_high_rms_absF           ? 
_refine.ls_d_res_low                             15.0 
_refine.ls_d_res_high                            2.0 
_refine.ls_percent_reflns_obs                    97.3 
_refine.ls_R_factor_obs                          0.1890000 
_refine.ls_R_factor_all                          ? 
_refine.ls_R_factor_R_work                       0.1890000 
_refine.ls_R_factor_R_free                       0.2270000 
_refine.ls_R_factor_R_free_error                 0.008 
_refine.ls_R_factor_R_free_error_details         ? 
_refine.ls_percent_reflns_R_free                 5.0 
_refine.ls_number_reflns_R_free                  724 
_refine.ls_number_parameters                     ? 
_refine.ls_number_restraints                     ? 
_refine.occupancy_min                            ? 
_refine.occupancy_max                            ? 
_refine.B_iso_mean                               28.12 
_refine.aniso_B[1][1]                            1.00 
_refine.aniso_B[2][2]                            1.00 
_refine.aniso_B[3][3]                            1.00 
_refine.aniso_B[1][2]                            0.00 
_refine.aniso_B[1][3]                            0.00 
_refine.aniso_B[2][3]                            0.00 
_refine.solvent_model_details                    ? 
_refine.solvent_model_param_ksol                 ? 
_refine.solvent_model_param_bsol                 ? 
_refine.pdbx_ls_cross_valid_method               THROUGHOUT 
_refine.details                                  ? 
_refine.pdbx_starting_model                      ? 
_refine.pdbx_method_to_determine_struct          'USING ISOMORPHOUS TO PREVIOUS STRUCTURE' 
_refine.pdbx_isotropic_thermal_model             ? 
_refine.pdbx_stereochemistry_target_values       ? 
_refine.pdbx_stereochem_target_val_spec_case     ? 
_refine.pdbx_R_Free_selection_details            RANDOM 
_refine.pdbx_overall_ESU_R_Free                  ? 
_refine.overall_SU_ML                            ? 
_refine.overall_SU_B                             ? 
_refine.pdbx_refine_id                           'X-RAY DIFFRACTION' 
_refine.ls_redundancy_reflns_obs                 ? 
_refine.pdbx_overall_phase_error                 ? 
_refine.B_iso_min                                ? 
_refine.B_iso_max                                ? 
_refine.correlation_coeff_Fo_to_Fc               ? 
_refine.correlation_coeff_Fo_to_Fc_free          ? 
_refine.pdbx_solvent_vdw_probe_radii             ? 
_refine.pdbx_solvent_ion_probe_radii             ? 
_refine.pdbx_solvent_shrinkage_radii             ? 
_refine.overall_SU_R_Cruickshank_DPI             ? 
_refine.overall_SU_R_free                        ? 
_refine.ls_wR_factor_R_free                      ? 
_refine.ls_wR_factor_R_work                      ? 
_refine.overall_FOM_free_R_set                   ? 
_refine.overall_FOM_work_R_set                   ? 
_refine.pdbx_overall_ESU_R                       ? 
_refine.pdbx_diffrn_id                           1 
_refine.pdbx_TLS_residual_ADP_flag               ? 
_refine.pdbx_overall_SU_R_free_Cruickshank_DPI   ? 
_refine.pdbx_overall_SU_R_Blow_DPI               ? 
_refine.pdbx_overall_SU_R_free_Blow_DPI          ? 
# 
_refine_hist.pdbx_refine_id                   'X-RAY DIFFRACTION' 
_refine_hist.cycle_id                         LAST 
_refine_hist.pdbx_number_atoms_protein        1536 
_refine_hist.pdbx_number_atoms_nucleic_acid   0 
_refine_hist.pdbx_number_atoms_ligand         0 
_refine_hist.number_atoms_solvent             216 
_refine_hist.number_atoms_total               1752 
_refine_hist.d_res_high                       2.0 
_refine_hist.d_res_low                        15.0 
# 
loop_
_refine_ls_restr.type 
_refine_ls_restr.dev_ideal 
_refine_ls_restr.dev_ideal_target 
_refine_ls_restr.weight 
_refine_ls_restr.number 
_refine_ls_restr.pdbx_refine_id 
_refine_ls_restr.pdbx_restraint_function 
x_bond_d                0.007 ? ? ? 'X-RAY DIFFRACTION' ? 
x_bond_d_na             ?     ? ? ? 'X-RAY DIFFRACTION' ? 
x_bond_d_prot           ?     ? ? ? 'X-RAY DIFFRACTION' ? 
x_angle_d               ?     ? ? ? 'X-RAY DIFFRACTION' ? 
x_angle_d_na            ?     ? ? ? 'X-RAY DIFFRACTION' ? 
x_angle_d_prot          ?     ? ? ? 'X-RAY DIFFRACTION' ? 
x_angle_deg             1.381 ? ? ? 'X-RAY DIFFRACTION' ? 
x_angle_deg_na          ?     ? ? ? 'X-RAY DIFFRACTION' ? 
x_angle_deg_prot        ?     ? ? ? 'X-RAY DIFFRACTION' ? 
x_dihedral_angle_d      26.39 ? ? ? 'X-RAY DIFFRACTION' ? 
x_dihedral_angle_d_na   ?     ? ? ? 'X-RAY DIFFRACTION' ? 
x_dihedral_angle_d_prot ?     ? ? ? 'X-RAY DIFFRACTION' ? 
x_improper_angle_d      1.230 ? ? ? 'X-RAY DIFFRACTION' ? 
x_improper_angle_d_na   ?     ? ? ? 'X-RAY DIFFRACTION' ? 
x_improper_angle_d_prot ?     ? ? ? 'X-RAY DIFFRACTION' ? 
x_mcbond_it             ?     ? ? ? 'X-RAY DIFFRACTION' ? 
x_mcangle_it            ?     ? ? ? 'X-RAY DIFFRACTION' ? 
x_scbond_it             ?     ? ? ? 'X-RAY DIFFRACTION' ? 
x_scangle_it            ?     ? ? ? 'X-RAY DIFFRACTION' ? 
# 
_refine_ls_shell.pdbx_total_number_of_bins_used   8 
_refine_ls_shell.d_res_high                       2.00 
_refine_ls_shell.d_res_low                        2.09 
_refine_ls_shell.number_reflns_R_work             1238 
_refine_ls_shell.R_factor_R_work                  0.2700000 
_refine_ls_shell.percent_reflns_obs               64.97 
_refine_ls_shell.R_factor_R_free                  0.2998000 
_refine_ls_shell.R_factor_R_free_error            0.003 
_refine_ls_shell.percent_reflns_R_free            4.31 
_refine_ls_shell.number_reflns_R_free             59 
_refine_ls_shell.pdbx_refine_id                   'X-RAY DIFFRACTION' 
_refine_ls_shell.redundancy_reflns_obs            ? 
_refine_ls_shell.number_reflns_all                ? 
_refine_ls_shell.number_reflns_obs                ? 
_refine_ls_shell.R_factor_all                     ? 
# 
loop_
_pdbx_xplor_file.serial_no 
_pdbx_xplor_file.param_file 
_pdbx_xplor_file.topol_file 
_pdbx_xplor_file.pdbx_refine_id 
1 PARHCSDX.PRO TOPHCSDX.PRO 'X-RAY DIFFRACTION' 
2 PARAM19.SOL  ?            'X-RAY DIFFRACTION' 
# 
_struct_ncs_oper.id             1 
_struct_ncs_oper.code           given 
_struct_ncs_oper.details        ? 
_struct_ncs_oper.matrix[1][1]   -0.22097064 
_struct_ncs_oper.matrix[1][2]   -0.14613722 
_struct_ncs_oper.matrix[1][3]   0.96429761 
_struct_ncs_oper.matrix[2][1]   -0.14613722 
_struct_ncs_oper.matrix[2][2]   -0.97259577 
_struct_ncs_oper.matrix[2][3]   -0.18090988 
_struct_ncs_oper.matrix[3][1]   0.96429761 
_struct_ncs_oper.matrix[3][2]   -0.18090988 
_struct_ncs_oper.matrix[3][3]   0.19356641 
_struct_ncs_oper.vector[1]      0.10637 
_struct_ncs_oper.vector[2]      0.03065 
_struct_ncs_oper.vector[3]      -0.08321 
# 
_struct.entry_id                  1A30 
_struct.title                     'HIV-1 PROTEASE COMPLEXED WITH A TRIPEPTIDE INHIBITOR' 
_struct.pdbx_model_details        ? 
_struct.pdbx_CASP_flag            ? 
_struct.pdbx_model_type_details   ? 
# 
_struct_keywords.entry_id        1A30 
_struct_keywords.pdbx_keywords   'HYDROLASE/HYDROLASE INHIBITOR' 
_struct_keywords.text            'ASPARTIC PROTEASE, HIV PROTEASE, HYDROLASE-HYDROLASE INHIBITOR complex' 
# 
loop_
_struct_asym.id 
_struct_asym.pdbx_blank_PDB_chainid_flag 
_struct_asym.pdbx_modified 
_struct_asym.entity_id 
_struct_asym.details 
A N N 1 ? 
B N N 1 ? 
C N N 2 ? 
D N N 3 ? 
E N N 3 ? 
F N N 3 ? 
# 
loop_
_struct_ref.id 
_struct_ref.db_name 
_struct_ref.db_code 
_struct_ref.entity_id 
_struct_ref.pdbx_db_accession 
_struct_ref.pdbx_align_begin 
_struct_ref.pdbx_seq_one_letter_code 
_struct_ref.pdbx_db_isoform 
1 UNP POL_HV1H2 1 P04585 1 
;FFREDLAFLQGKAREFSSEQTRANSPTISSEQTRANSPTRRELQVWGRDNNSLSEAGADRQGTVSFNFPQITLWQRPLVT
IKIGGQLKEALLDTGADDTVLEEMSLPGRWKPKMIGGIGGFIKVRQYDQILIEICGHKAIGTVLVGPTPVNIIGRNLLTQ
IGCTLNFPISPIETVPVKLKPGMDGPKVKQWPLTEEKIKALVEICTEMEKEGKISKIGPENPYNTPVFAIKKKDSTKWRK
LVDFRELNKRTQDFWEVQLGIPHPAGLKKKKSVTVLDVGDAYFSVPLDEDFRKYTAFTIPSINNETPGIRYQYNVLPQGW
KGSPAIFQSSMTKILEPFRKQNPDIVIYQYMDDLYVGSDLEIGQHRTKIEELRQHLLRWGLTTPDKKHQKEPPFLWMGYE
LHPDKWTVQPIVLPEKDSWTVNDIQKLVGKLNWASQIYPGIKVRQLCKLLRGTKALTEVIPLTEEAELELAENREILKEP
VHGVYYDPSKDLIAEIQKQGQGQWTYQIYQEPFKNLKTGKYARTRGAHTNDVKQLTEAVQKITTESIVIWGKTPKFKLPI
QKETWETWWTEYWQATWIPEWEFVNTPPLVKLWYQLEKEPIVGAETFYVDGAASRETKLGKAGYVTNRGRQKVVTLTDTT
NQKTELQAIHLALQDSGLEVNIVTDSQYALGIIQAQPDKSESELVNQIIEQLIKKEKVYLAWVPAHKGIGGNEQVDKLVS
AGIRKVLFLDGIDKAQDEHEKYHSNWRAMASDFNLPPVVAKEIVASCDKCQLKGEAMHGQVDCSPGIWQLDCTHLEGKVI
LVAVHVASGYIEAEVIPAETGQETAYFLLKLAGRWPVKTIHTDNGSNFTSTTVKAACWWAGIKQEFGIPYNPQSQGVVES
MNKELKKIIGQVRDQAEHLKTAVQMAVFIHNFKRKGGIGGYSAGERIVDIIATDIQTKELQKQITKIQNFRVYYRDSRDP
LWKGPAKLLWKGEGAVVIQDNSDIKVVPRRKAKIIRDYGKQMAGDDCVASRQDED
;
? 
2 PDB 1A30      2 1A30   ? ? ? 
# 
loop_
_struct_ref_seq.align_id 
_struct_ref_seq.ref_id 
_struct_ref_seq.pdbx_PDB_id_code 
_struct_ref_seq.pdbx_strand_id 
_struct_ref_seq.seq_align_beg 
_struct_ref_seq.pdbx_seq_align_beg_ins_code 
_struct_ref_seq.seq_align_end 
_struct_ref_seq.pdbx_seq_align_end_ins_code 
_struct_ref_seq.pdbx_db_accession 
_struct_ref_seq.db_align_beg 
_struct_ref_seq.pdbx_db_align_beg_ins_code 
_struct_ref_seq.db_align_end 
_struct_ref_seq.pdbx_db_align_end_ins_code 
_struct_ref_seq.pdbx_auth_seq_align_beg 
_struct_ref_seq.pdbx_auth_seq_align_end 
1 1 1A30 A 1 ? 99 ? P04585 69  ? 167 ? 1   99  
2 1 1A30 B 1 ? 99 ? P04585 69  ? 167 ? 1   99  
3 2 1A30 C 1 ? 3  ? 1A30   506 ? 508 ? 506 508 
# 
loop_
_struct_ref_seq_dif.align_id 
_struct_ref_seq_dif.pdbx_pdb_id_code 
_struct_ref_seq_dif.mon_id 
_struct_ref_seq_dif.pdbx_pdb_strand_id 
_struct_ref_seq_dif.seq_num 
_struct_ref_seq_dif.pdbx_pdb_ins_code 
_struct_ref_seq_dif.pdbx_seq_db_name 
_struct_ref_seq_dif.pdbx_seq_db_accession_code 
_struct_ref_seq_dif.db_mon_id 
_struct_ref_seq_dif.pdbx_seq_db_seq_num 
_struct_ref_seq_dif.details 
_struct_ref_seq_dif.pdbx_auth_seq_num 
_struct_ref_seq_dif.pdbx_ordinal 
1 1A30 LYS A 7  ? UNP P04585 GLN 75  'engineered mutation' 7  1 
1 1A30 ILE A 33 ? UNP P04585 LEU 101 'engineered mutation' 33 2 
1 1A30 ILE A 63 ? UNP P04585 LEU 131 'engineered mutation' 63 3 
2 1A30 LYS B 7  ? UNP P04585 GLN 75  'engineered mutation' 7  4 
2 1A30 ILE B 33 ? UNP P04585 LEU 101 'engineered mutation' 33 5 
2 1A30 ILE B 63 ? UNP P04585 LEU 131 'engineered mutation' 63 6 
# 
_pdbx_struct_assembly.id                   1 
_pdbx_struct_assembly.details              author_and_software_defined_assembly 
_pdbx_struct_assembly.method_details       PISA 
_pdbx_struct_assembly.oligomeric_details   trimeric 
_pdbx_struct_assembly.oligomeric_count     3 
# 
loop_
_pdbx_struct_assembly_prop.biol_id 
_pdbx_struct_assembly_prop.type 
_pdbx_struct_assembly_prop.value 
_pdbx_struct_assembly_prop.details 
1 'ABSA (A^2)' 4530 ? 
1 MORE         -26  ? 
1 'SSA (A^2)'  9280 ? 
# 
_pdbx_struct_assembly_gen.assembly_id       1 
_pdbx_struct_assembly_gen.oper_expression   1 
_pdbx_struct_assembly_gen.asym_id_list      A,B,C,D,E,F 
# 
_pdbx_struct_oper_list.id                   1 
_pdbx_struct_oper_list.type                 'identity operation' 
_pdbx_struct_oper_list.name                 1_555 
_pdbx_struct_oper_list.symmetry_operation   x,y,z 
_pdbx_struct_oper_list.matrix[1][1]         1.0000000000 
_pdbx_struct_oper_list.matrix[1][2]         0.0000000000 
_pdbx_struct_oper_list.matrix[1][3]         0.0000000000 
_pdbx_struct_oper_list.vector[1]            0.0000000000 
_pdbx_struct_oper_list.matrix[2][1]         0.0000000000 
_pdbx_struct_oper_list.matrix[2][2]         1.0000000000 
_pdbx_struct_oper_list.matrix[2][3]         0.0000000000 
_pdbx_struct_oper_list.vector[2]            0.0000000000 
_pdbx_struct_oper_list.matrix[3][1]         0.0000000000 
_pdbx_struct_oper_list.matrix[3][2]         0.0000000000 
_pdbx_struct_oper_list.matrix[3][3]         1.0000000000 
_pdbx_struct_oper_list.vector[3]            0.0000000000 
# 
_struct_biol.id        1 
_struct_biol.details   ? 
# 
loop_
_struct_conf.conf_type_id 
_struct_conf.id 
_struct_conf.pdbx_PDB_helix_id 
_struct_conf.beg_label_comp_id 
_struct_conf.beg_label_asym_id 
_struct_conf.beg_label_seq_id 
_struct_conf.pdbx_beg_PDB_ins_code 
_struct_conf.end_label_comp_id 
_struct_conf.end_label_asym_id 
_struct_conf.end_label_seq_id 
_struct_conf.pdbx_end_PDB_ins_code 
_struct_conf.beg_auth_comp_id 
_struct_conf.beg_auth_asym_id 
_struct_conf.beg_auth_seq_id 
_struct_conf.end_auth_comp_id 
_struct_conf.end_auth_asym_id 
_struct_conf.end_auth_seq_id 
_struct_conf.pdbx_PDB_helix_class 
_struct_conf.details 
_struct_conf.pdbx_PDB_helix_length 
HELX_P HELX_P1 1 ARG A 87 ? LEU A 90 ? ARG A 87 LEU A 90 1 ? 4 
HELX_P HELX_P2 2 ARG B 87 ? LEU B 90 ? ARG B 87 LEU B 90 1 ? 4 
# 
_struct_conf_type.id          HELX_P 
_struct_conf_type.criteria    ? 
_struct_conf_type.reference   ? 
# 
loop_
_struct_sheet.id 
_struct_sheet.type 
_struct_sheet.number_strands 
_struct_sheet.details 
A ? 4 ? 
B ? 4 ? 
C ? 2 ? 
D ? 3 ? 
E ? 2 ? 
# 
loop_
_struct_sheet_order.sheet_id 
_struct_sheet_order.range_id_1 
_struct_sheet_order.range_id_2 
_struct_sheet_order.offset 
_struct_sheet_order.sense 
A 1 2 ? anti-parallel 
A 2 3 ? anti-parallel 
A 3 4 ? anti-parallel 
B 1 2 ? parallel      
B 2 3 ? anti-parallel 
B 3 4 ? anti-parallel 
C 1 2 ? anti-parallel 
D 1 2 ? anti-parallel 
D 2 3 ? anti-parallel 
E 1 2 ? anti-parallel 
# 
loop_
_struct_sheet_range.sheet_id 
_struct_sheet_range.id 
_struct_sheet_range.beg_label_comp_id 
_struct_sheet_range.beg_label_asym_id 
_struct_sheet_range.beg_label_seq_id 
_struct_sheet_range.pdbx_beg_PDB_ins_code 
_struct_sheet_range.end_label_comp_id 
_struct_sheet_range.end_label_asym_id 
_struct_sheet_range.end_label_seq_id 
_struct_sheet_range.pdbx_end_PDB_ins_code 
_struct_sheet_range.beg_auth_comp_id 
_struct_sheet_range.beg_auth_asym_id 
_struct_sheet_range.beg_auth_seq_id 
_struct_sheet_range.end_auth_comp_id 
_struct_sheet_range.end_auth_asym_id 
_struct_sheet_range.end_auth_seq_id 
A 1 GLN A 18 ? LEU A 23 ? GLN A 18 LEU A 23 
A 2 LEU A 10 ? ILE A 15 ? LEU A 10 ILE A 15 
A 3 ILE A 62 ? ILE A 66 ? ILE A 62 ILE A 66 
A 4 HIS A 69 ? GLY A 73 ? HIS A 69 GLY A 73 
B 1 VAL A 32 ? GLU A 34 ? VAL A 32 GLU A 34 
B 2 VAL A 75 ? GLY A 78 ? VAL A 75 GLY A 78 
B 3 GLY A 52 ? TYR A 59 ? GLY A 52 TYR A 59 
B 4 TRP A 42 ? GLY A 49 ? TRP A 42 GLY A 49 
C 1 LEU B 10 ? ILE B 15 ? LEU B 10 ILE B 15 
C 2 GLN B 18 ? LEU B 23 ? GLN B 18 LEU B 23 
D 1 LYS B 43 ? GLY B 48 ? LYS B 43 GLY B 48 
D 2 PHE B 53 ? TYR B 59 ? PHE B 53 TYR B 59 
D 3 VAL B 75 ? GLY B 78 ? VAL B 75 GLY B 78 
E 1 ILE B 62 ? ILE B 66 ? ILE B 62 ILE B 66 
E 2 HIS B 69 ? GLY B 73 ? HIS B 69 GLY B 73 
# 
loop_
_pdbx_struct_sheet_hbond.sheet_id 
_pdbx_struct_sheet_hbond.range_id_1 
_pdbx_struct_sheet_hbond.range_id_2 
_pdbx_struct_sheet_hbond.range_1_label_atom_id 
_pdbx_struct_sheet_hbond.range_1_label_comp_id 
_pdbx_struct_sheet_hbond.range_1_label_asym_id 
_pdbx_struct_sheet_hbond.range_1_label_seq_id 
_pdbx_struct_sheet_hbond.range_1_PDB_ins_code 
_pdbx_struct_sheet_hbond.range_1_auth_atom_id 
_pdbx_struct_sheet_hbond.range_1_auth_comp_id 
_pdbx_struct_sheet_hbond.range_1_auth_asym_id 
_pdbx_struct_sheet_hbond.range_1_auth_seq_id 
_pdbx_struct_sheet_hbond.range_2_label_atom_id 
_pdbx_struct_sheet_hbond.range_2_label_comp_id 
_pdbx_struct_sheet_hbond.range_2_label_asym_id 
_pdbx_struct_sheet_hbond.range_2_label_seq_id 
_pdbx_struct_sheet_hbond.range_2_PDB_ins_code 
_pdbx_struct_sheet_hbond.range_2_auth_atom_id 
_pdbx_struct_sheet_hbond.range_2_auth_comp_id 
_pdbx_struct_sheet_hbond.range_2_auth_asym_id 
_pdbx_struct_sheet_hbond.range_2_auth_seq_id 
A 1 2 O GLN A 18 ? O GLN A 18 N ILE A 15 ? N ILE A 15 
A 2 3 O LYS A 14 ? O LYS A 14 N GLU A 65 ? N GLU A 65 
A 3 4 O ILE A 62 ? O ILE A 62 N GLY A 73 ? N GLY A 73 
B 1 2 O ILE A 33 ? O ILE A 33 N LEU A 76 ? N LEU A 76 
B 2 3 O VAL A 75 ? O VAL A 75 N TYR A 59 ? N TYR A 59 
B 3 4 O GLY A 52 ? O GLY A 52 N GLY A 49 ? N GLY A 49 
C 1 2 O VAL B 11 ? O VAL B 11 N ALA B 22 ? N ALA B 22 
D 1 2 O LYS B 43 ? O LYS B 43 N GLN B 58 ? N GLN B 58 
D 2 3 O ARG B 57 ? O ARG B 57 N VAL B 77 ? N VAL B 77 
E 1 2 O ILE B 62 ? O ILE B 62 N GLY B 73 ? N GLY B 73 
# 
_struct_site.id                   AC1 
_struct_site.pdbx_evidence_code   Software 
_struct_site.pdbx_auth_asym_id    ? 
_struct_site.pdbx_auth_comp_id    ? 
_struct_site.pdbx_auth_seq_id     ? 
_struct_site.pdbx_auth_ins_code   ? 
_struct_site.pdbx_num_residues    15 
_struct_site.details              'BINDING SITE FOR CHAIN C OF TRIPEPTIDE GLU-ASP-LEU' 
# 
loop_
_struct_site_gen.id 
_struct_site_gen.site_id 
_struct_site_gen.pdbx_num_res 
_struct_site_gen.label_comp_id 
_struct_site_gen.label_asym_id 
_struct_site_gen.label_seq_id 
_struct_site_gen.pdbx_auth_ins_code 
_struct_site_gen.auth_comp_id 
_struct_site_gen.auth_asym_id 
_struct_site_gen.auth_seq_id 
_struct_site_gen.label_atom_id 
_struct_site_gen.label_alt_id 
_struct_site_gen.symmetry 
_struct_site_gen.details 
1  AC1 15 ASP A 25 ? ASP A 25   . ? 1_555 ? 
2  AC1 15 GLY A 27 ? GLY A 27   . ? 1_555 ? 
3  AC1 15 ALA A 28 ? ALA A 28   . ? 1_555 ? 
4  AC1 15 ASP A 29 ? ASP A 29   . ? 1_555 ? 
5  AC1 15 ASP A 30 ? ASP A 30   . ? 1_555 ? 
6  AC1 15 ILE A 47 ? ILE A 47   . ? 1_555 ? 
7  AC1 15 GLY A 48 ? GLY A 48   . ? 1_555 ? 
8  AC1 15 ILE A 50 ? ILE A 50   . ? 1_555 ? 
9  AC1 15 HOH D .  ? HOH A 1076 . ? 1_555 ? 
10 AC1 15 ARG B 8  ? ARG B 8    . ? 1_555 ? 
11 AC1 15 ASP B 25 ? ASP B 25   . ? 1_555 ? 
12 AC1 15 VAL B 82 ? VAL B 82   . ? 1_555 ? 
13 AC1 15 HOH F .  ? HOH C 1075 . ? 1_555 ? 
14 AC1 15 HOH F .  ? HOH C 1092 . ? 1_555 ? 
15 AC1 15 HOH F .  ? HOH C 1097 . ? 1_555 ? 
# 
loop_
_pdbx_validate_torsion.id 
_pdbx_validate_torsion.PDB_model_num 
_pdbx_validate_torsion.auth_comp_id 
_pdbx_validate_torsion.auth_asym_id 
_pdbx_validate_torsion.auth_seq_id 
_pdbx_validate_torsion.PDB_ins_code 
_pdbx_validate_torsion.label_alt_id 
_pdbx_validate_torsion.phi 
_pdbx_validate_torsion.psi 
1 1 GLU A 35 ? ? -34.48 116.96 
2 1 PRO A 79 ? ? -69.53 50.80  
# 
loop_
_chem_comp_atom.comp_id 
_chem_comp_atom.atom_id 
_chem_comp_atom.type_symbol 
_chem_comp_atom.pdbx_aromatic_flag 
_chem_comp_atom.pdbx_stereo_config 
_chem_comp_atom.pdbx_ordinal 
ALA N    N N N 1   
ALA CA   C N S 2   
ALA C    C N N 3   
ALA O    O N N 4   
ALA CB   C N N 5   
ALA OXT  O N N 6   
ALA H    H N N 7   
ALA H2   H N N 8   
ALA HA   H N N 9   
ALA HB1  H N N 10  
ALA HB2  H N N 11  
ALA HB3  H N N 12  
ALA HXT  H N N 13  
ARG N    N N N 14  
ARG CA   C N S 15  
ARG C    C N N 16  
ARG O    O N N 17  
ARG CB   C N N 18  
ARG CG   C N N 19  
ARG CD   C N N 20  
ARG NE   N N N 21  
ARG CZ   C N N 22  
ARG NH1  N N N 23  
ARG NH2  N N N 24  
ARG OXT  O N N 25  
ARG H    H N N 26  
ARG H2   H N N 27  
ARG HA   H N N 28  
ARG HB2  H N N 29  
ARG HB3  H N N 30  
ARG HG2  H N N 31  
ARG HG3  H N N 32  
ARG HD2  H N N 33  
ARG HD3  H N N 34  
ARG HE   H N N 35  
ARG HH11 H N N 36  
ARG HH12 H N N 37  
ARG HH21 H N N 38  
ARG HH22 H N N 39  
ARG HXT  H N N 40  
ASN N    N N N 41  
ASN CA   C N S 42  
ASN C    C N N 43  
ASN O    O N N 44  
ASN CB   C N N 45  
ASN CG   C N N 46  
ASN OD1  O N N 47  
ASN ND2  N N N 48  
ASN OXT  O N N 49  
ASN H    H N N 50  
ASN H2   H N N 51  
ASN HA   H N N 52  
ASN HB2  H N N 53  
ASN HB3  H N N 54  
ASN HD21 H N N 55  
ASN HD22 H N N 56  
ASN HXT  H N N 57  
ASP N    N N N 58  
ASP CA   C N S 59  
ASP C    C N N 60  
ASP O    O N N 61  
ASP CB   C N N 62  
ASP CG   C N N 63  
ASP OD1  O N N 64  
ASP OD2  O N N 65  
ASP OXT  O N N 66  
ASP H    H N N 67  
ASP H2   H N N 68  
ASP HA   H N N 69  
ASP HB2  H N N 70  
ASP HB3  H N N 71  
ASP HD2  H N N 72  
ASP HXT  H N N 73  
CYS N    N N N 74  
CYS CA   C N R 75  
CYS C    C N N 76  
CYS O    O N N 77  
CYS CB   C N N 78  
CYS SG   S N N 79  
CYS OXT  O N N 80  
CYS H    H N N 81  
CYS H2   H N N 82  
CYS HA   H N N 83  
CYS HB2  H N N 84  
CYS HB3  H N N 85  
CYS HG   H N N 86  
CYS HXT  H N N 87  
GLN N    N N N 88  
GLN CA   C N S 89  
GLN C    C N N 90  
GLN O    O N N 91  
GLN CB   C N N 92  
GLN CG   C N N 93  
GLN CD   C N N 94  
GLN OE1  O N N 95  
GLN NE2  N N N 96  
GLN OXT  O N N 97  
GLN H    H N N 98  
GLN H2   H N N 99  
GLN HA   H N N 100 
GLN HB2  H N N 101 
GLN HB3  H N N 102 
GLN HG2  H N N 103 
GLN HG3  H N N 104 
GLN HE21 H N N 105 
GLN HE22 H N N 106 
GLN HXT  H N N 107 
GLU N    N N N 108 
GLU CA   C N S 109 
GLU C    C N N 110 
GLU O    O N N 111 
GLU CB   C N N 112 
GLU CG   C N N 113 
GLU CD   C N N 114 
GLU OE1  O N N 115 
GLU OE2  O N N 116 
GLU OXT  O N N 117 
GLU H    H N N 118 
GLU H2   H N N 119 
GLU HA   H N N 120 
GLU HB2  H N N 121 
GLU HB3  H N N 122 
GLU HG2  H N N 123 
GLU HG3  H N N 124 
GLU HE2  H N N 125 
GLU HXT  H N N 126 
GLY N    N N N 127 
GLY CA   C N N 128 
GLY C    C N N 129 
GLY O    O N N 130 
GLY OXT  O N N 131 
GLY H    H N N 132 
GLY H2   H N N 133 
GLY HA2  H N N 134 
GLY HA3  H N N 135 
GLY HXT  H N N 136 
HIS N    N N N 137 
HIS CA   C N S 138 
HIS C    C N N 139 
HIS O    O N N 140 
HIS CB   C N N 141 
HIS CG   C Y N 142 
HIS ND1  N Y N 143 
HIS CD2  C Y N 144 
HIS CE1  C Y N 145 
HIS NE2  N Y N 146 
HIS OXT  O N N 147 
HIS H    H N N 148 
HIS H2   H N N 149 
HIS HA   H N N 150 
HIS HB2  H N N 151 
HIS HB3  H N N 152 
HIS HD1  H N N 153 
HIS HD2  H N N 154 
HIS HE1  H N N 155 
HIS HE2  H N N 156 
HIS HXT  H N N 157 
HOH O    O N N 158 
HOH H1   H N N 159 
HOH H2   H N N 160 
ILE N    N N N 161 
ILE CA   C N S 162 
ILE C    C N N 163 
ILE O    O N N 164 
ILE CB   C N S 165 
ILE CG1  C N N 166 
ILE CG2  C N N 167 
ILE CD1  C N N 168 
ILE OXT  O N N 169 
ILE H    H N N 170 
ILE H2   H N N 171 
ILE HA   H N N 172 
ILE HB   H N N 173 
ILE HG12 H N N 174 
ILE HG13 H N N 175 
ILE HG21 H N N 176 
ILE HG22 H N N 177 
ILE HG23 H N N 178 
ILE HD11 H N N 179 
ILE HD12 H N N 180 
ILE HD13 H N N 181 
ILE HXT  H N N 182 
LEU N    N N N 183 
LEU CA   C N S 184 
LEU C    C N N 185 
LEU O    O N N 186 
LEU CB   C N N 187 
LEU CG   C N N 188 
LEU CD1  C N N 189 
LEU CD2  C N N 190 
LEU OXT  O N N 191 
LEU H    H N N 192 
LEU H2   H N N 193 
LEU HA   H N N 194 
LEU HB2  H N N 195 
LEU HB3  H N N 196 
LEU HG   H N N 197 
LEU HD11 H N N 198 
LEU HD12 H N N 199 
LEU HD13 H N N 200 
LEU HD21 H N N 201 
LEU HD22 H N N 202 
LEU HD23 H N N 203 
LEU HXT  H N N 204 
LYS N    N N N 205 
LYS CA   C N S 206 
LYS C    C N N 207 
LYS O    O N N 208 
LYS CB   C N N 209 
LYS CG   C N N 210 
LYS CD   C N N 211 
LYS CE   C N N 212 
LYS NZ   N N N 213 
LYS OXT  O N N 214 
LYS H    H N N 215 
LYS H2   H N N 216 
LYS HA   H N N 217 
LYS HB2  H N N 218 
LYS HB3  H N N 219 
LYS HG2  H N N 220 
LYS HG3  H N N 221 
LYS HD2  H N N 222 
LYS HD3  H N N 223 
LYS HE2  H N N 224 
LYS HE3  H N N 225 
LYS HZ1  H N N 226 
LYS HZ2  H N N 227 
LYS HZ3  H N N 228 
LYS HXT  H N N 229 
MET N    N N N 230 
MET CA   C N S 231 
MET C    C N N 232 
MET O    O N N 233 
MET CB   C N N 234 
MET CG   C N N 235 
MET SD   S N N 236 
MET CE   C N N 237 
MET OXT  O N N 238 
MET H    H N N 239 
MET H2   H N N 240 
MET HA   H N N 241 
MET HB2  H N N 242 
MET HB3  H N N 243 
MET HG2  H N N 244 
MET HG3  H N N 245 
MET HE1  H N N 246 
MET HE2  H N N 247 
MET HE3  H N N 248 
MET HXT  H N N 249 
PHE N    N N N 250 
PHE CA   C N S 251 
PHE C    C N N 252 
PHE O    O N N 253 
PHE CB   C N N 254 
PHE CG   C Y N 255 
PHE CD1  C Y N 256 
PHE CD2  C Y N 257 
PHE CE1  C Y N 258 
PHE CE2  C Y N 259 
PHE CZ   C Y N 260 
PHE OXT  O N N 261 
PHE H    H N N 262 
PHE H2   H N N 263 
PHE HA   H N N 264 
PHE HB2  H N N 265 
PHE HB3  H N N 266 
PHE HD1  H N N 267 
PHE HD2  H N N 268 
PHE HE1  H N N 269 
PHE HE2  H N N 270 
PHE HZ   H N N 271 
PHE HXT  H N N 272 
PRO N    N N N 273 
PRO CA   C N S 274 
PRO C    C N N 275 
PRO O    O N N 276 
PRO CB   C N N 277 
PRO CG   C N N 278 
PRO CD   C N N 279 
PRO OXT  O N N 280 
PRO H    H N N 281 
PRO HA   H N N 282 
PRO HB2  H N N 283 
PRO HB3  H N N 284 
PRO HG2  H N N 285 
PRO HG3  H N N 286 
PRO HD2  H N N 287 
PRO HD3  H N N 288 
PRO HXT  H N N 289 
SER N    N N N 290 
SER CA   C N S 291 
SER C    C N N 292 
SER O    O N N 293 
SER CB   C N N 294 
SER OG   O N N 295 
SER OXT  O N N 296 
SER H    H N N 297 
SER H2   H N N 298 
SER HA   H N N 299 
SER HB2  H N N 300 
SER HB3  H N N 301 
SER HG   H N N 302 
SER HXT  H N N 303 
THR N    N N N 304 
THR CA   C N S 305 
THR C    C N N 306 
THR O    O N N 307 
THR CB   C N R 308 
THR OG1  O N N 309 
THR CG2  C N N 310 
THR OXT  O N N 311 
THR H    H N N 312 
THR H2   H N N 313 
THR HA   H N N 314 
THR HB   H N N 315 
THR HG1  H N N 316 
THR HG21 H N N 317 
THR HG22 H N N 318 
THR HG23 H N N 319 
THR HXT  H N N 320 
TRP N    N N N 321 
TRP CA   C N S 322 
TRP C    C N N 323 
TRP O    O N N 324 
TRP CB   C N N 325 
TRP CG   C Y N 326 
TRP CD1  C Y N 327 
TRP CD2  C Y N 328 
TRP NE1  N Y N 329 
TRP CE2  C Y N 330 
TRP CE3  C Y N 331 
TRP CZ2  C Y N 332 
TRP CZ3  C Y N 333 
TRP CH2  C Y N 334 
TRP OXT  O N N 335 
TRP H    H N N 336 
TRP H2   H N N 337 
TRP HA   H N N 338 
TRP HB2  H N N 339 
TRP HB3  H N N 340 
TRP HD1  H N N 341 
TRP HE1  H N N 342 
TRP HE3  H N N 343 
TRP HZ2  H N N 344 
TRP HZ3  H N N 345 
TRP HH2  H N N 346 
TRP HXT  H N N 347 
TYR N    N N N 348 
TYR CA   C N S 349 
TYR C    C N N 350 
TYR O    O N N 351 
TYR CB   C N N 352 
TYR CG   C Y N 353 
TYR CD1  C Y N 354 
TYR CD2  C Y N 355 
TYR CE1  C Y N 356 
TYR CE2  C Y N 357 
TYR CZ   C Y N 358 
TYR OH   O N N 359 
TYR OXT  O N N 360 
TYR H    H N N 361 
TYR H2   H N N 362 
TYR HA   H N N 363 
TYR HB2  H N N 364 
TYR HB3  H N N 365 
TYR HD1  H N N 366 
TYR HD2  H N N 367 
TYR HE1  H N N 368 
TYR HE2  H N N 369 
TYR HH   H N N 370 
TYR HXT  H N N 371 
VAL N    N N N 372 
VAL CA   C N S 373 
VAL C    C N N 374 
VAL O    O N N 375 
VAL CB   C N N 376 
VAL CG1  C N N 377 
VAL CG2  C N N 378 
VAL OXT  O N N 379 
VAL H    H N N 380 
VAL H2   H N N 381 
VAL HA   H N N 382 
VAL HB   H N N 383 
VAL HG11 H N N 384 
VAL HG12 H N N 385 
VAL HG13 H N N 386 
VAL HG21 H N N 387 
VAL HG22 H N N 388 
VAL HG23 H N N 389 
VAL HXT  H N N 390 
# 
loop_
_chem_comp_bond.comp_id 
_chem_comp_bond.atom_id_1 
_chem_comp_bond.atom_id_2 
_chem_comp_bond.value_order 
_chem_comp_bond.pdbx_aromatic_flag 
_chem_comp_bond.pdbx_stereo_config 
_chem_comp_bond.pdbx_ordinal 
ALA N   CA   sing N N 1   
ALA N   H    sing N N 2   
ALA N   H2   sing N N 3   
ALA CA  C    sing N N 4   
ALA CA  CB   sing N N 5   
ALA CA  HA   sing N N 6   
ALA C   O    doub N N 7   
ALA C   OXT  sing N N 8   
ALA CB  HB1  sing N N 9   
ALA CB  HB2  sing N N 10  
ALA CB  HB3  sing N N 11  
ALA OXT HXT  sing N N 12  
ARG N   CA   sing N N 13  
ARG N   H    sing N N 14  
ARG N   H2   sing N N 15  
ARG CA  C    sing N N 16  
ARG CA  CB   sing N N 17  
ARG CA  HA   sing N N 18  
ARG C   O    doub N N 19  
ARG C   OXT  sing N N 20  
ARG CB  CG   sing N N 21  
ARG CB  HB2  sing N N 22  
ARG CB  HB3  sing N N 23  
ARG CG  CD   sing N N 24  
ARG CG  HG2  sing N N 25  
ARG CG  HG3  sing N N 26  
ARG CD  NE   sing N N 27  
ARG CD  HD2  sing N N 28  
ARG CD  HD3  sing N N 29  
ARG NE  CZ   sing N N 30  
ARG NE  HE   sing N N 31  
ARG CZ  NH1  sing N N 32  
ARG CZ  NH2  doub N N 33  
ARG NH1 HH11 sing N N 34  
ARG NH1 HH12 sing N N 35  
ARG NH2 HH21 sing N N 36  
ARG NH2 HH22 sing N N 37  
ARG OXT HXT  sing N N 38  
ASN N   CA   sing N N 39  
ASN N   H    sing N N 40  
ASN N   H2   sing N N 41  
ASN CA  C    sing N N 42  
ASN CA  CB   sing N N 43  
ASN CA  HA   sing N N 44  
ASN C   O    doub N N 45  
ASN C   OXT  sing N N 46  
ASN CB  CG   sing N N 47  
ASN CB  HB2  sing N N 48  
ASN CB  HB3  sing N N 49  
ASN CG  OD1  doub N N 50  
ASN CG  ND2  sing N N 51  
ASN ND2 HD21 sing N N 52  
ASN ND2 HD22 sing N N 53  
ASN OXT HXT  sing N N 54  
ASP N   CA   sing N N 55  
ASP N   H    sing N N 56  
ASP N   H2   sing N N 57  
ASP CA  C    sing N N 58  
ASP CA  CB   sing N N 59  
ASP CA  HA   sing N N 60  
ASP C   O    doub N N 61  
ASP C   OXT  sing N N 62  
ASP CB  CG   sing N N 63  
ASP CB  HB2  sing N N 64  
ASP CB  HB3  sing N N 65  
ASP CG  OD1  doub N N 66  
ASP CG  OD2  sing N N 67  
ASP OD2 HD2  sing N N 68  
ASP OXT HXT  sing N N 69  
CYS N   CA   sing N N 70  
CYS N   H    sing N N 71  
CYS N   H2   sing N N 72  
CYS CA  C    sing N N 73  
CYS CA  CB   sing N N 74  
CYS CA  HA   sing N N 75  
CYS C   O    doub N N 76  
CYS C   OXT  sing N N 77  
CYS CB  SG   sing N N 78  
CYS CB  HB2  sing N N 79  
CYS CB  HB3  sing N N 80  
CYS SG  HG   sing N N 81  
CYS OXT HXT  sing N N 82  
GLN N   CA   sing N N 83  
GLN N   H    sing N N 84  
GLN N   H2   sing N N 85  
GLN CA  C    sing N N 86  
GLN CA  CB   sing N N 87  
GLN CA  HA   sing N N 88  
GLN C   O    doub N N 89  
GLN C   OXT  sing N N 90  
GLN CB  CG   sing N N 91  
GLN CB  HB2  sing N N 92  
GLN CB  HB3  sing N N 93  
GLN CG  CD   sing N N 94  
GLN CG  HG2  sing N N 95  
GLN CG  HG3  sing N N 96  
GLN CD  OE1  doub N N 97  
GLN CD  NE2  sing N N 98  
GLN NE2 HE21 sing N N 99  
GLN NE2 HE22 sing N N 100 
GLN OXT HXT  sing N N 101 
GLU N   CA   sing N N 102 
GLU N   H    sing N N 103 
GLU N   H2   sing N N 104 
GLU CA  C    sing N N 105 
GLU CA  CB   sing N N 106 
GLU CA  HA   sing N N 107 
GLU C   O    doub N N 108 
GLU C   OXT  sing N N 109 
GLU CB  CG   sing N N 110 
GLU CB  HB2  sing N N 111 
GLU CB  HB3  sing N N 112 
GLU CG  CD   sing N N 113 
GLU CG  HG2  sing N N 114 
GLU CG  HG3  sing N N 115 
GLU CD  OE1  doub N N 116 
GLU CD  OE2  sing N N 117 
GLU OE2 HE2  sing N N 118 
GLU OXT HXT  sing N N 119 
GLY N   CA   sing N N 120 
GLY N   H    sing N N 121 
GLY N   H2   sing N N 122 
GLY CA  C    sing N N 123 
GLY CA  HA2  sing N N 124 
GLY CA  HA3  sing N N 125 
GLY C   O    doub N N 126 
GLY C   OXT  sing N N 127 
GLY OXT HXT  sing N N 128 
HIS N   CA   sing N N 129 
HIS N   H    sing N N 130 
HIS N   H2   sing N N 131 
HIS CA  C    sing N N 132 
HIS CA  CB   sing N N 133 
HIS CA  HA   sing N N 134 
HIS C   O    doub N N 135 
HIS C   OXT  sing N N 136 
HIS CB  CG   sing N N 137 
HIS CB  HB2  sing N N 138 
HIS CB  HB3  sing N N 139 
HIS CG  ND1  sing Y N 140 
HIS CG  CD2  doub Y N 141 
HIS ND1 CE1  doub Y N 142 
HIS ND1 HD1  sing N N 143 
HIS CD2 NE2  sing Y N 144 
HIS CD2 HD2  sing N N 145 
HIS CE1 NE2  sing Y N 146 
HIS CE1 HE1  sing N N 147 
HIS NE2 HE2  sing N N 148 
HIS OXT HXT  sing N N 149 
HOH O   H1   sing N N 150 
HOH O   H2   sing N N 151 
ILE N   CA   sing N N 152 
ILE N   H    sing N N 153 
ILE N   H2   sing N N 154 
ILE CA  C    sing N N 155 
ILE CA  CB   sing N N 156 
ILE CA  HA   sing N N 157 
ILE C   O    doub N N 158 
ILE C   OXT  sing N N 159 
ILE CB  CG1  sing N N 160 
ILE CB  CG2  sing N N 161 
ILE CB  HB   sing N N 162 
ILE CG1 CD1  sing N N 163 
ILE CG1 HG12 sing N N 164 
ILE CG1 HG13 sing N N 165 
ILE CG2 HG21 sing N N 166 
ILE CG2 HG22 sing N N 167 
ILE CG2 HG23 sing N N 168 
ILE CD1 HD11 sing N N 169 
ILE CD1 HD12 sing N N 170 
ILE CD1 HD13 sing N N 171 
ILE OXT HXT  sing N N 172 
LEU N   CA   sing N N 173 
LEU N   H    sing N N 174 
LEU N   H2   sing N N 175 
LEU CA  C    sing N N 176 
LEU CA  CB   sing N N 177 
LEU CA  HA   sing N N 178 
LEU C   O    doub N N 179 
LEU C   OXT  sing N N 180 
LEU CB  CG   sing N N 181 
LEU CB  HB2  sing N N 182 
LEU CB  HB3  sing N N 183 
LEU CG  CD1  sing N N 184 
LEU CG  CD2  sing N N 185 
LEU CG  HG   sing N N 186 
LEU CD1 HD11 sing N N 187 
LEU CD1 HD12 sing N N 188 
LEU CD1 HD13 sing N N 189 
LEU CD2 HD21 sing N N 190 
LEU CD2 HD22 sing N N 191 
LEU CD2 HD23 sing N N 192 
LEU OXT HXT  sing N N 193 
LYS N   CA   sing N N 194 
LYS N   H    sing N N 195 
LYS N   H2   sing N N 196 
LYS CA  C    sing N N 197 
LYS CA  CB   sing N N 198 
LYS CA  HA   sing N N 199 
LYS C   O    doub N N 200 
LYS C   OXT  sing N N 201 
LYS CB  CG   sing N N 202 
LYS CB  HB2  sing N N 203 
LYS CB  HB3  sing N N 204 
LYS CG  CD   sing N N 205 
LYS CG  HG2  sing N N 206 
LYS CG  HG3  sing N N 207 
LYS CD  CE   sing N N 208 
LYS CD  HD2  sing N N 209 
LYS CD  HD3  sing N N 210 
LYS CE  NZ   sing N N 211 
LYS CE  HE2  sing N N 212 
LYS CE  HE3  sing N N 213 
LYS NZ  HZ1  sing N N 214 
LYS NZ  HZ2  sing N N 215 
LYS NZ  HZ3  sing N N 216 
LYS OXT HXT  sing N N 217 
MET N   CA   sing N N 218 
MET N   H    sing N N 219 
MET N   H2   sing N N 220 
MET CA  C    sing N N 221 
MET CA  CB   sing N N 222 
MET CA  HA   sing N N 223 
MET C   O    doub N N 224 
MET C   OXT  sing N N 225 
MET CB  CG   sing N N 226 
MET CB  HB2  sing N N 227 
MET CB  HB3  sing N N 228 
MET CG  SD   sing N N 229 
MET CG  HG2  sing N N 230 
MET CG  HG3  sing N N 231 
MET SD  CE   sing N N 232 
MET CE  HE1  sing N N 233 
MET CE  HE2  sing N N 234 
MET CE  HE3  sing N N 235 
MET OXT HXT  sing N N 236 
PHE N   CA   sing N N 237 
PHE N   H    sing N N 238 
PHE N   H2   sing N N 239 
PHE CA  C    sing N N 240 
PHE CA  CB   sing N N 241 
PHE CA  HA   sing N N 242 
PHE C   O    doub N N 243 
PHE C   OXT  sing N N 244 
PHE CB  CG   sing N N 245 
PHE CB  HB2  sing N N 246 
PHE CB  HB3  sing N N 247 
PHE CG  CD1  doub Y N 248 
PHE CG  CD2  sing Y N 249 
PHE CD1 CE1  sing Y N 250 
PHE CD1 HD1  sing N N 251 
PHE CD2 CE2  doub Y N 252 
PHE CD2 HD2  sing N N 253 
PHE CE1 CZ   doub Y N 254 
PHE CE1 HE1  sing N N 255 
PHE CE2 CZ   sing Y N 256 
PHE CE2 HE2  sing N N 257 
PHE CZ  HZ   sing N N 258 
PHE OXT HXT  sing N N 259 
PRO N   CA   sing N N 260 
PRO N   CD   sing N N 261 
PRO N   H    sing N N 262 
PRO CA  C    sing N N 263 
PRO CA  CB   sing N N 264 
PRO CA  HA   sing N N 265 
PRO C   O    doub N N 266 
PRO C   OXT  sing N N 267 
PRO CB  CG   sing N N 268 
PRO CB  HB2  sing N N 269 
PRO CB  HB3  sing N N 270 
PRO CG  CD   sing N N 271 
PRO CG  HG2  sing N N 272 
PRO CG  HG3  sing N N 273 
PRO CD  HD2  sing N N 274 
PRO CD  HD3  sing N N 275 
PRO OXT HXT  sing N N 276 
SER N   CA   sing N N 277 
SER N   H    sing N N 278 
SER N   H2   sing N N 279 
SER CA  C    sing N N 280 
SER CA  CB   sing N N 281 
SER CA  HA   sing N N 282 
SER C   O    doub N N 283 
SER C   OXT  sing N N 284 
SER CB  OG   sing N N 285 
SER CB  HB2  sing N N 286 
SER CB  HB3  sing N N 287 
SER OG  HG   sing N N 288 
SER OXT HXT  sing N N 289 
THR N   CA   sing N N 290 
THR N   H    sing N N 291 
THR N   H2   sing N N 292 
THR CA  C    sing N N 293 
THR CA  CB   sing N N 294 
THR CA  HA   sing N N 295 
THR C   O    doub N N 296 
THR C   OXT  sing N N 297 
THR CB  OG1  sing N N 298 
THR CB  CG2  sing N N 299 
THR CB  HB   sing N N 300 
THR OG1 HG1  sing N N 301 
THR CG2 HG21 sing N N 302 
THR CG2 HG22 sing N N 303 
THR CG2 HG23 sing N N 304 
THR OXT HXT  sing N N 305 
TRP N   CA   sing N N 306 
TRP N   H    sing N N 307 
TRP N   H2   sing N N 308 
TRP CA  C    sing N N 309 
TRP CA  CB   sing N N 310 
TRP CA  HA   sing N N 311 
TRP C   O    doub N N 312 
TRP C   OXT  sing N N 313 
TRP CB  CG   sing N N 314 
TRP CB  HB2  sing N N 315 
TRP CB  HB3  sing N N 316 
TRP CG  CD1  doub Y N 317 
TRP CG  CD2  sing Y N 318 
TRP CD1 NE1  sing Y N 319 
TRP CD1 HD1  sing N N 320 
TRP CD2 CE2  doub Y N 321 
TRP CD2 CE3  sing Y N 322 
TRP NE1 CE2  sing Y N 323 
TRP NE1 HE1  sing N N 324 
TRP CE2 CZ2  sing Y N 325 
TRP CE3 CZ3  doub Y N 326 
TRP CE3 HE3  sing N N 327 
TRP CZ2 CH2  doub Y N 328 
TRP CZ2 HZ2  sing N N 329 
TRP CZ3 CH2  sing Y N 330 
TRP CZ3 HZ3  sing N N 331 
TRP CH2 HH2  sing N N 332 
TRP OXT HXT  sing N N 333 
TYR N   CA   sing N N 334 
TYR N   H    sing N N 335 
TYR N   H2   sing N N 336 
TYR CA  C    sing N N 337 
TYR CA  CB   sing N N 338 
TYR CA  HA   sing N N 339 
TYR C   O    doub N N 340 
TYR C   OXT  sing N N 341 
TYR CB  CG   sing N N 342 
TYR CB  HB2  sing N N 343 
TYR CB  HB3  sing N N 344 
TYR CG  CD1  doub Y N 345 
TYR CG  CD2  sing Y N 346 
TYR CD1 CE1  sing Y N 347 
TYR CD1 HD1  sing N N 348 
TYR CD2 CE2  doub Y N 349 
TYR CD2 HD2  sing N N 350 
TYR CE1 CZ   doub Y N 351 
TYR CE1 HE1  sing N N 352 
TYR CE2 CZ   sing Y N 353 
TYR CE2 HE2  sing N N 354 
TYR CZ  OH   sing N N 355 
TYR OH  HH   sing N N 356 
TYR OXT HXT  sing N N 357 
VAL N   CA   sing N N 358 
VAL N   H    sing N N 359 
VAL N   H2   sing N N 360 
VAL CA  C    sing N N 361 
VAL CA  CB   sing N N 362 
VAL CA  HA   sing N N 363 
VAL C   O    doub N N 364 
VAL C   OXT  sing N N 365 
VAL CB  CG1  sing N N 366 
VAL CB  CG2  sing N N 367 
VAL CB  HB   sing N N 368 
VAL CG1 HG11 sing N N 369 
VAL CG1 HG12 sing N N 370 
VAL CG1 HG13 sing N N 371 
VAL CG2 HG21 sing N N 372 
VAL CG2 HG22 sing N N 373 
VAL CG2 HG23 sing N N 374 
VAL OXT HXT  sing N N 375 
# 
_atom_sites.entry_id                    1A30 
_atom_sites.fract_transf_matrix[1][1]   0.00415642 
_atom_sites.fract_transf_matrix[1][2]   0.00713003 
_atom_sites.fract_transf_matrix[1][3]   -0.01497997 
_atom_sites.fract_transf_matrix[2][1]   -0.01097239 
_atom_sites.fract_transf_matrix[2][2]   0.00337311 
_atom_sites.fract_transf_matrix[2][3]   -0.00143896 
_atom_sites.fract_transf_matrix[3][1]   0.00444262 
_atom_sites.fract_transf_matrix[3][2]   0.01879317 
_atom_sites.fract_transf_matrix[3][3]   0.01017767 
_atom_sites.fract_transf_vector[1]      0.261905 
_atom_sites.fract_transf_vector[2]      0.304976 
_atom_sites.fract_transf_vector[3]      0.081084 
# 
loop_
_atom_type.symbol 
C 
N 
O 
S 
# 
loop_
_atom_site.group_PDB 
_atom_site.id 
_atom_site.type_symbol 
_atom_site.label_atom_id 
_atom_site.label_alt_id 
_atom_site.label_comp_id 
_atom_site.label_asym_id 
_atom_site.label_entity_id 
_atom_site.label_seq_id 
_atom_site.pdbx_PDB_ins_code 
_atom_site.Cartn_x 
_atom_site.Cartn_y 
_atom_site.Cartn_z 
_atom_site.occupancy 
_atom_site.B_iso_or_equiv 
_atom_site.pdbx_formal_charge 
_atom_site.auth_seq_id 
_atom_site.auth_comp_id 
_atom_site.auth_asym_id 
_atom_site.auth_atom_id 
_atom_site.pdbx_PDB_model_num 
ATOM   1    N N   . PRO A 1 1  ? -9.626  10.791  -12.542 1.00 30.76 ? 1    PRO A N   1 
ATOM   2    C CA  . PRO A 1 1  ? -8.588  10.513  -13.558 1.00 30.76 ? 1    PRO A CA  1 
ATOM   3    C C   . PRO A 1 1  ? -8.115  9.065   -13.450 1.00 29.79 ? 1    PRO A C   1 
ATOM   4    O O   . PRO A 1 1  ? -8.516  8.350   -12.533 1.00 28.63 ? 1    PRO A O   1 
ATOM   5    C CB  . PRO A 1 1  ? -7.430  11.455  -13.249 1.00 31.01 ? 1    PRO A CB  1 
ATOM   6    C CG  . PRO A 1 1  ? -7.547  11.573  -11.751 1.00 31.08 ? 1    PRO A CG  1 
ATOM   7    C CD  . PRO A 1 1  ? -9.066  11.660  -11.492 1.00 31.03 ? 1    PRO A CD  1 
ATOM   8    N N   . GLN A 1 2  ? -7.303  8.629   -14.412 1.00 28.67 ? 2    GLN A N   1 
ATOM   9    C CA  . GLN A 1 2  ? -6.743  7.284   -14.402 1.00 27.91 ? 2    GLN A CA  1 
ATOM   10   C C   . GLN A 1 2  ? -5.260  7.439   -14.102 1.00 29.38 ? 2    GLN A C   1 
ATOM   11   O O   . GLN A 1 2  ? -4.544  8.163   -14.806 1.00 30.39 ? 2    GLN A O   1 
ATOM   12   C CB  . GLN A 1 2  ? -6.940  6.569   -15.737 1.00 22.92 ? 2    GLN A CB  1 
ATOM   13   C CG  . GLN A 1 2  ? -6.248  5.216   -15.783 1.00 27.41 ? 2    GLN A CG  1 
ATOM   14   C CD  . GLN A 1 2  ? -6.691  4.342   -16.932 1.00 30.67 ? 2    GLN A CD  1 
ATOM   15   O OE1 . GLN A 1 2  ? -5.994  4.224   -17.948 1.00 36.24 ? 2    GLN A OE1 1 
ATOM   16   N NE2 . GLN A 1 2  ? -7.829  3.688   -16.770 1.00 23.67 ? 2    GLN A NE2 1 
ATOM   17   N N   . ILE A 1 3  ? -4.812  6.786   -13.036 1.00 28.17 ? 3    ILE A N   1 
ATOM   18   C CA  . ILE A 1 3  ? -3.427  6.852   -12.611 1.00 25.85 ? 3    ILE A CA  1 
ATOM   19   C C   . ILE A 1 3  ? -2.749  5.516   -12.864 1.00 25.23 ? 3    ILE A C   1 
ATOM   20   O O   . ILE A 1 3  ? -3.207  4.473   -12.387 1.00 25.10 ? 3    ILE A O   1 
ATOM   21   C CB  . ILE A 1 3  ? -3.341  7.242   -11.116 1.00 26.34 ? 3    ILE A CB  1 
ATOM   22   C CG1 . ILE A 1 3  ? -4.095  8.564   -10.896 1.00 24.98 ? 3    ILE A CG1 1 
ATOM   23   C CG2 . ILE A 1 3  ? -1.879  7.355   -10.667 1.00 26.15 ? 3    ILE A CG2 1 
ATOM   24   C CD1 . ILE A 1 3  ? -4.026  9.118   -9.495  1.00 24.89 ? 3    ILE A CD1 1 
ATOM   25   N N   . THR A 1 4  ? -1.710  5.544   -13.694 1.00 24.52 ? 4    THR A N   1 
ATOM   26   C CA  . THR A 1 4  ? -0.957  4.341   -14.013 1.00 24.50 ? 4    THR A CA  1 
ATOM   27   C C   . THR A 1 4  ? 0.017   4.078   -12.859 1.00 23.77 ? 4    THR A C   1 
ATOM   28   O O   . THR A 1 4  ? 0.289   4.973   -12.053 1.00 22.06 ? 4    THR A O   1 
ATOM   29   C CB  . THR A 1 4  ? -0.212  4.495   -15.347 1.00 24.73 ? 4    THR A CB  1 
ATOM   30   O OG1 . THR A 1 4  ? 0.638   5.649   -15.288 1.00 26.22 ? 4    THR A OG1 1 
ATOM   31   C CG2 . THR A 1 4  ? -1.213  4.667   -16.486 1.00 23.83 ? 4    THR A CG2 1 
ATOM   32   N N   . LEU A 1 5  ? 0.542   2.863   -12.766 1.00 25.04 ? 5    LEU A N   1 
ATOM   33   C CA  . LEU A 1 5  ? 1.435   2.548   -11.659 1.00 25.03 ? 5    LEU A CA  1 
ATOM   34   C C   . LEU A 1 5  ? 2.912   2.382   -12.032 1.00 26.86 ? 5    LEU A C   1 
ATOM   35   O O   . LEU A 1 5  ? 3.668   1.697   -11.325 1.00 29.07 ? 5    LEU A O   1 
ATOM   36   C CB  . LEU A 1 5  ? 0.897   1.329   -10.895 1.00 23.33 ? 5    LEU A CB  1 
ATOM   37   C CG  . LEU A 1 5  ? -0.470  1.595   -10.258 1.00 19.48 ? 5    LEU A CG  1 
ATOM   38   C CD1 . LEU A 1 5  ? -1.080  0.305   -9.747  1.00 18.60 ? 5    LEU A CD1 1 
ATOM   39   C CD2 . LEU A 1 5  ? -0.327  2.627   -9.146  1.00 18.15 ? 5    LEU A CD2 1 
ATOM   40   N N   . TRP A 1 6  ? 3.327   3.033   -13.125 1.00 24.16 ? 6    TRP A N   1 
ATOM   41   C CA  . TRP A 1 6  ? 4.720   2.977   -13.577 1.00 22.00 ? 6    TRP A CA  1 
ATOM   42   C C   . TRP A 1 6  ? 5.627   3.594   -12.514 1.00 22.14 ? 6    TRP A C   1 
ATOM   43   O O   . TRP A 1 6  ? 6.777   3.194   -12.366 1.00 23.98 ? 6    TRP A O   1 
ATOM   44   C CB  . TRP A 1 6  ? 4.887   3.665   -14.935 1.00 21.38 ? 6    TRP A CB  1 
ATOM   45   C CG  . TRP A 1 6  ? 4.071   3.012   -16.028 1.00 20.56 ? 6    TRP A CG  1 
ATOM   46   C CD1 . TRP A 1 6  ? 2.958   3.523   -16.640 1.00 20.31 ? 6    TRP A CD1 1 
ATOM   47   C CD2 . TRP A 1 6  ? 4.278   1.711   -16.597 1.00 20.21 ? 6    TRP A CD2 1 
ATOM   48   N NE1 . TRP A 1 6  ? 2.452   2.619   -17.540 1.00 19.81 ? 6    TRP A NE1 1 
ATOM   49   C CE2 . TRP A 1 6  ? 3.244   1.499   -17.541 1.00 20.03 ? 6    TRP A CE2 1 
ATOM   50   C CE3 . TRP A 1 6  ? 5.236   0.706   -16.404 1.00 19.76 ? 6    TRP A CE3 1 
ATOM   51   C CZ2 . TRP A 1 6  ? 3.135   0.317   -18.289 1.00 20.04 ? 6    TRP A CZ2 1 
ATOM   52   C CZ3 . TRP A 1 6  ? 5.132   -0.470  -17.149 1.00 19.85 ? 6    TRP A CZ3 1 
ATOM   53   C CH2 . TRP A 1 6  ? 4.084   -0.653  -18.080 1.00 20.22 ? 6    TRP A CH2 1 
ATOM   54   N N   . LYS A 1 7  ? 5.119   4.580   -11.789 1.00 22.35 ? 7    LYS A N   1 
ATOM   55   C CA  . LYS A 1 7  ? 5.870   5.169   -10.688 1.00 22.33 ? 7    LYS A CA  1 
ATOM   56   C C   . LYS A 1 7  ? 4.890   5.414   -9.557  1.00 21.06 ? 7    LYS A C   1 
ATOM   57   O O   . LYS A 1 7  ? 3.684   5.216   -9.725  1.00 19.18 ? 7    LYS A O   1 
ATOM   58   C CB  . LYS A 1 7  ? 6.590   6.449   -11.077 1.00 34.38 ? 7    LYS A CB  1 
ATOM   59   C CG  . LYS A 1 7  ? 7.705   6.263   -12.101 1.00 56.78 ? 7    LYS A CG  1 
ATOM   60   C CD  . LYS A 1 7  ? 8.407   7.571   -12.420 1.00 59.61 ? 7    LYS A CD  1 
ATOM   61   C CE  . LYS A 1 7  ? 9.512   7.330   -13.420 1.00 62.91 ? 7    LYS A CE  1 
ATOM   62   N NZ  . LYS A 1 7  ? 10.256  8.562   -13.777 1.00 63.67 ? 7    LYS A NZ  1 
ATOM   63   N N   . ARG A 1 8  ? 5.409   5.810   -8.404  1.00 21.72 ? 8    ARG A N   1 
ATOM   64   C CA  . ARG A 1 8  ? 4.584   6.034   -7.220  1.00 23.15 ? 8    ARG A CA  1 
ATOM   65   C C   . ARG A 1 8  ? 3.393   6.956   -7.416  1.00 23.84 ? 8    ARG A C   1 
ATOM   66   O O   . ARG A 1 8  ? 3.540   8.090   -7.871  1.00 23.69 ? 8    ARG A O   1 
ATOM   67   C CB  . ARG A 1 8  ? 5.446   6.540   -6.068  1.00 21.80 ? 8    ARG A CB  1 
ATOM   68   C CG  . ARG A 1 8  ? 6.446   5.514   -5.575  1.00 22.58 ? 8    ARG A CG  1 
ATOM   69   C CD  . ARG A 1 8  ? 7.336   6.099   -4.511  1.00 23.37 ? 8    ARG A CD  1 
ATOM   70   N NE  . ARG A 1 8  ? 8.401   5.174   -4.135  1.00 26.22 ? 8    ARG A NE  1 
ATOM   71   C CZ  . ARG A 1 8  ? 9.559   5.553   -3.604  1.00 32.17 ? 8    ARG A CZ  1 
ATOM   72   N NH1 . ARG A 1 8  ? 9.798   6.840   -3.383  1.00 28.96 ? 8    ARG A NH1 1 
ATOM   73   N NH2 . ARG A 1 8  ? 10.476  4.648   -3.287  1.00 29.28 ? 8    ARG A NH2 1 
ATOM   74   N N   . PRO A 1 9  ? 2.184   6.470   -7.083  1.00 23.73 ? 9    PRO A N   1 
ATOM   75   C CA  . PRO A 1 9  ? 0.991   7.309   -7.240  1.00 23.40 ? 9    PRO A CA  1 
ATOM   76   C C   . PRO A 1 9  ? 0.917   8.410   -6.179  1.00 23.67 ? 9    PRO A C   1 
ATOM   77   O O   . PRO A 1 9  ? 0.154   8.310   -5.222  1.00 22.85 ? 9    PRO A O   1 
ATOM   78   C CB  . PRO A 1 9  ? -0.151  6.298   -7.112  1.00 22.81 ? 9    PRO A CB  1 
ATOM   79   C CG  . PRO A 1 9  ? 0.423   5.261   -6.179  1.00 22.89 ? 9    PRO A CG  1 
ATOM   80   C CD  . PRO A 1 9  ? 1.818   5.090   -6.719  1.00 23.29 ? 9    PRO A CD  1 
ATOM   81   N N   . LEU A 1 10 ? 1.745   9.443   -6.337  1.00 24.05 ? 10   LEU A N   1 
ATOM   82   C CA  . LEU A 1 10 ? 1.785   10.575  -5.412  1.00 23.74 ? 10   LEU A CA  1 
ATOM   83   C C   . LEU A 1 10 ? 0.807   11.658  -5.883  1.00 23.51 ? 10   LEU A C   1 
ATOM   84   O O   . LEU A 1 10 ? 0.698   11.918  -7.085  1.00 25.65 ? 10   LEU A O   1 
ATOM   85   C CB  . LEU A 1 10 ? 3.203   11.159  -5.374  1.00 24.89 ? 10   LEU A CB  1 
ATOM   86   C CG  . LEU A 1 10 ? 4.187   10.904  -4.225  1.00 27.62 ? 10   LEU A CG  1 
ATOM   87   C CD1 . LEU A 1 10 ? 3.907   9.610   -3.494  1.00 27.98 ? 10   LEU A CD1 1 
ATOM   88   C CD2 . LEU A 1 10 ? 5.600   10.907  -4.793  1.00 27.31 ? 10   LEU A CD2 1 
ATOM   89   N N   . VAL A 1 11 ? 0.072   12.259  -4.950  1.00 20.50 ? 11   VAL A N   1 
ATOM   90   C CA  . VAL A 1 11 ? -0.877  13.331  -5.275  1.00 19.20 ? 11   VAL A CA  1 
ATOM   91   C C   . VAL A 1 11 ? -0.747  14.442  -4.246  1.00 18.98 ? 11   VAL A C   1 
ATOM   92   O O   . VAL A 1 11 ? -0.183  14.227  -3.171  1.00 19.07 ? 11   VAL A O   1 
ATOM   93   C CB  . VAL A 1 11 ? -2.362  12.857  -5.264  1.00 18.39 ? 11   VAL A CB  1 
ATOM   94   C CG1 . VAL A 1 11 ? -2.610  11.837  -6.357  1.00 18.82 ? 11   VAL A CG1 1 
ATOM   95   C CG2 . VAL A 1 11 ? -2.746  12.305  -3.897  1.00 17.37 ? 11   VAL A CG2 1 
ATOM   96   N N   . THR A 1 12 ? -1.236  15.631  -4.587  1.00 18.18 ? 12   THR A N   1 
ATOM   97   C CA  . THR A 1 12 ? -1.201  16.759  -3.669  1.00 19.55 ? 12   THR A CA  1 
ATOM   98   C C   . THR A 1 12 ? -2.491  16.709  -2.846  1.00 23.48 ? 12   THR A C   1 
ATOM   99   O O   . THR A 1 12 ? -3.578  16.450  -3.377  1.00 23.50 ? 12   THR A O   1 
ATOM   100  C CB  . THR A 1 12 ? -1.121  18.106  -4.414  1.00 26.59 ? 12   THR A CB  1 
ATOM   101  O OG1 . THR A 1 12 ? -0.028  18.089  -5.339  1.00 32.24 ? 12   THR A OG1 1 
ATOM   102  C CG2 . THR A 1 12 ? -0.898  19.235  -3.430  1.00 27.62 ? 12   THR A CG2 1 
ATOM   103  N N   . ILE A 1 13 ? -2.361  16.923  -1.544  1.00 24.69 ? 13   ILE A N   1 
ATOM   104  C CA  . ILE A 1 13 ? -3.500  16.898  -0.640  1.00 26.22 ? 13   ILE A CA  1 
ATOM   105  C C   . ILE A 1 13 ? -3.499  18.172  0.195   1.00 27.42 ? 13   ILE A C   1 
ATOM   106  O O   . ILE A 1 13 ? -2.508  18.902  0.222   1.00 29.50 ? 13   ILE A O   1 
ATOM   107  C CB  . ILE A 1 13 ? -3.438  15.683  0.330   1.00 26.76 ? 13   ILE A CB  1 
ATOM   108  C CG1 . ILE A 1 13 ? -2.186  15.772  1.213   1.00 29.80 ? 13   ILE A CG1 1 
ATOM   109  C CG2 . ILE A 1 13 ? -3.459  14.378  -0.454  1.00 25.01 ? 13   ILE A CG2 1 
ATOM   110  C CD1 . ILE A 1 13 ? -2.203  14.857  2.427   1.00 28.07 ? 13   ILE A CD1 1 
ATOM   111  N N   . LYS A 1 14 ? -4.614  18.441  0.862   1.00 26.72 ? 14   LYS A N   1 
ATOM   112  C CA  . LYS A 1 14 ? -4.727  19.615  1.709   1.00 27.07 ? 14   LYS A CA  1 
ATOM   113  C C   . LYS A 1 14 ? -5.330  19.134  3.015   1.00 27.11 ? 14   LYS A C   1 
ATOM   114  O O   . LYS A 1 14 ? -6.426  18.564  3.035   1.00 26.73 ? 14   LYS A O   1 
ATOM   115  C CB  . LYS A 1 14 ? -5.626  20.660  1.054   1.00 33.78 ? 14   LYS A CB  1 
ATOM   116  C CG  . LYS A 1 14 ? -5.598  22.033  1.712   1.00 44.87 ? 14   LYS A CG  1 
ATOM   117  C CD  . LYS A 1 14 ? -6.548  22.979  0.976   1.00 55.58 ? 14   LYS A CD  1 
ATOM   118  C CE  . LYS A 1 14 ? -6.659  24.323  1.668   1.00 63.98 ? 14   LYS A CE  1 
ATOM   119  N NZ  . LYS A 1 14 ? -5.376  25.067  1.625   1.00 71.15 ? 14   LYS A NZ  1 
ATOM   120  N N   . ILE A 1 15 ? -4.574  19.292  4.092   1.00 27.66 ? 15   ILE A N   1 
ATOM   121  C CA  . ILE A 1 15 ? -5.029  18.873  5.405   1.00 29.01 ? 15   ILE A CA  1 
ATOM   122  C C   . ILE A 1 15 ? -4.585  19.921  6.409   1.00 30.51 ? 15   ILE A C   1 
ATOM   123  O O   . ILE A 1 15 ? -3.447  20.398  6.354   1.00 30.96 ? 15   ILE A O   1 
ATOM   124  C CB  . ILE A 1 15 ? -4.464  17.476  5.783   1.00 27.83 ? 15   ILE A CB  1 
ATOM   125  C CG1 . ILE A 1 15 ? -4.987  17.049  7.156   1.00 25.79 ? 15   ILE A CG1 1 
ATOM   126  C CG2 . ILE A 1 15 ? -2.949  17.487  5.748   1.00 27.78 ? 15   ILE A CG2 1 
ATOM   127  C CD1 . ILE A 1 15 ? -4.519  15.699  7.594   1.00 27.07 ? 15   ILE A CD1 1 
ATOM   128  N N   . GLY A 1 16 ? -5.509  20.330  7.274   1.00 31.18 ? 16   GLY A N   1 
ATOM   129  C CA  . GLY A 1 16 ? -5.198  21.332  8.277   1.00 32.58 ? 16   GLY A CA  1 
ATOM   130  C C   . GLY A 1 16 ? -4.710  22.642  7.680   1.00 34.13 ? 16   GLY A C   1 
ATOM   131  O O   . GLY A 1 16 ? -3.948  23.369  8.317   1.00 34.03 ? 16   GLY A O   1 
ATOM   132  N N   . GLY A 1 17 ? -5.151  22.940  6.461   1.00 35.03 ? 17   GLY A N   1 
ATOM   133  C CA  . GLY A 1 17 ? -4.745  24.163  5.794   1.00 36.49 ? 17   GLY A CA  1 
ATOM   134  C C   . GLY A 1 17 ? -3.310  24.133  5.304   1.00 38.52 ? 17   GLY A C   1 
ATOM   135  O O   . GLY A 1 17 ? -2.696  25.180  5.102   1.00 40.57 ? 17   GLY A O   1 
ATOM   136  N N   . GLN A 1 18 ? -2.758  22.937  5.143   1.00 38.42 ? 18   GLN A N   1 
ATOM   137  C CA  . GLN A 1 18 ? -1.385  22.775  4.666   1.00 38.28 ? 18   GLN A CA  1 
ATOM   138  C C   . GLN A 1 18 ? -1.406  21.887  3.418   1.00 37.41 ? 18   GLN A C   1 
ATOM   139  O O   . GLN A 1 18 ? -2.149  20.910  3.363   1.00 37.05 ? 18   GLN A O   1 
ATOM   140  C CB  . GLN A 1 18 ? -0.500  22.164  5.771   1.00 36.65 ? 18   GLN A CB  1 
ATOM   141  C CG  . GLN A 1 18 ? -0.382  23.046  7.021   1.00 42.09 ? 18   GLN A CG  1 
ATOM   142  C CD  . GLN A 1 18 ? 0.355   22.386  8.188   1.00 50.65 ? 18   GLN A CD  1 
ATOM   143  O OE1 . GLN A 1 18 ? 1.244   21.551  7.998   1.00 47.31 ? 18   GLN A OE1 1 
ATOM   144  N NE2 . GLN A 1 18 ? -0.001  22.785  9.404   1.00 50.48 ? 18   GLN A NE2 1 
ATOM   145  N N   . LEU A 1 19 ? -0.666  22.277  2.387   1.00 37.02 ? 19   LEU A N   1 
ATOM   146  C CA  . LEU A 1 19 ? -0.605  21.498  1.150   1.00 36.36 ? 19   LEU A CA  1 
ATOM   147  C C   . LEU A 1 19 ? 0.525   20.473  1.341   1.00 35.21 ? 19   LEU A C   1 
ATOM   148  O O   . LEU A 1 19 ? 1.592   20.824  1.850   1.00 35.85 ? 19   LEU A O   1 
ATOM   149  C CB  . LEU A 1 19 ? -0.311  22.430  -0.036  1.00 36.37 ? 19   LEU A CB  1 
ATOM   150  C CG  . LEU A 1 19 ? -1.160  22.303  -1.307  1.00 38.15 ? 19   LEU A CG  1 
ATOM   151  C CD1 . LEU A 1 19 ? -2.635  22.503  -0.999  1.00 37.99 ? 19   LEU A CD1 1 
ATOM   152  C CD2 . LEU A 1 19 ? -0.704  23.329  -2.325  1.00 41.24 ? 19   LEU A CD2 1 
ATOM   153  N N   . LYS A 1 20 ? 0.282   19.209  0.994   1.00 32.50 ? 20   LYS A N   1 
ATOM   154  C CA  . LYS A 1 20 ? 1.291   18.156  1.153   1.00 29.05 ? 20   LYS A CA  1 
ATOM   155  C C   . LYS A 1 20 ? 1.226   17.144  0.022   1.00 28.59 ? 20   LYS A C   1 
ATOM   156  O O   . LYS A 1 20 ? 0.304   17.174  -0.793  1.00 30.33 ? 20   LYS A O   1 
ATOM   157  C CB  . LYS A 1 20 ? 1.075   17.392  2.464   1.00 22.68 ? 20   LYS A CB  1 
ATOM   158  C CG  . LYS A 1 20 ? 1.166   18.213  3.726   1.00 26.11 ? 20   LYS A CG  1 
ATOM   159  C CD  . LYS A 1 20 ? 0.886   17.345  4.938   1.00 30.31 ? 20   LYS A CD  1 
ATOM   160  C CE  . LYS A 1 20 ? 0.695   18.184  6.183   1.00 43.28 ? 20   LYS A CE  1 
ATOM   161  N NZ  . LYS A 1 20 ? 1.902   18.979  6.526   1.00 56.65 ? 20   LYS A NZ  1 
ATOM   162  N N   . GLU A 1 21 ? 2.222   16.264  -0.040  1.00 26.80 ? 21   GLU A N   1 
ATOM   163  C CA  . GLU A 1 21 ? 2.252   15.199  -1.042  1.00 25.88 ? 21   GLU A CA  1 
ATOM   164  C C   . GLU A 1 21 ? 1.973   13.905  -0.297  1.00 23.93 ? 21   GLU A C   1 
ATOM   165  O O   . GLU A 1 21 ? 2.458   13.712  0.818   1.00 24.10 ? 21   GLU A O   1 
ATOM   166  C CB  . GLU A 1 21 ? 3.609   15.099  -1.739  1.00 28.44 ? 21   GLU A CB  1 
ATOM   167  C CG  . GLU A 1 21 ? 3.832   16.109  -2.854  1.00 42.58 ? 21   GLU A CG  1 
ATOM   168  C CD  . GLU A 1 21 ? 2.942   15.875  -4.065  1.00 50.81 ? 21   GLU A CD  1 
ATOM   169  O OE1 . GLU A 1 21 ? 2.961   14.758  -4.625  1.00 48.81 ? 21   GLU A OE1 1 
ATOM   170  O OE2 . GLU A 1 21 ? 2.239   16.823  -4.471  1.00 64.99 ? 21   GLU A OE2 1 
ATOM   171  N N   . ALA A 1 22 ? 1.201   13.021  -0.909  1.00 20.44 ? 22   ALA A N   1 
ATOM   172  C CA  . ALA A 1 22 ? 0.856   11.761  -0.278  1.00 19.17 ? 22   ALA A CA  1 
ATOM   173  C C   . ALA A 1 22 ? 0.749   10.684  -1.318  1.00 19.44 ? 22   ALA A C   1 
ATOM   174  O O   . ALA A 1 22 ? 0.512   10.961  -2.491  1.00 21.24 ? 22   ALA A O   1 
ATOM   175  C CB  . ALA A 1 22 ? -0.457  11.891  0.473   1.00 19.06 ? 22   ALA A CB  1 
ATOM   176  N N   . LEU A 1 23 ? 0.919   9.448   -0.870  1.00 18.82 ? 23   LEU A N   1 
ATOM   177  C CA  . LEU A 1 23 ? 0.859   8.273   -1.718  1.00 18.66 ? 23   LEU A CA  1 
ATOM   178  C C   . LEU A 1 23 ? -0.514  7.591   -1.669  1.00 19.18 ? 23   LEU A C   1 
ATOM   179  O O   . LEU A 1 23 ? -1.041  7.318   -0.585  1.00 20.73 ? 23   LEU A O   1 
ATOM   180  C CB  . LEU A 1 23 ? 1.922   7.291   -1.234  1.00 18.82 ? 23   LEU A CB  1 
ATOM   181  C CG  . LEU A 1 23 ? 2.098   5.989   -2.002  1.00 19.62 ? 23   LEU A CG  1 
ATOM   182  C CD1 . LEU A 1 23 ? 2.792   6.266   -3.335  1.00 19.54 ? 23   LEU A CD1 1 
ATOM   183  C CD2 . LEU A 1 23 ? 2.908   5.034   -1.138  1.00 18.19 ? 23   LEU A CD2 1 
ATOM   184  N N   . LEU A 1 24 ? -1.101  7.320   -2.830  1.00 18.59 ? 24   LEU A N   1 
ATOM   185  C CA  . LEU A 1 24 ? -2.390  6.631   -2.876  1.00 17.99 ? 24   LEU A CA  1 
ATOM   186  C C   . LEU A 1 24 ? -2.034  5.172   -2.609  1.00 18.06 ? 24   LEU A C   1 
ATOM   187  O O   . LEU A 1 24 ? -1.535  4.466   -3.485  1.00 18.58 ? 24   LEU A O   1 
ATOM   188  C CB  . LEU A 1 24 ? -3.065  6.811   -4.239  1.00 16.94 ? 24   LEU A CB  1 
ATOM   189  C CG  . LEU A 1 24 ? -3.365  8.262   -4.621  1.00 16.51 ? 24   LEU A CG  1 
ATOM   190  C CD1 . LEU A 1 24 ? -4.123  8.296   -5.937  1.00 16.10 ? 24   LEU A CD1 1 
ATOM   191  C CD2 . LEU A 1 24 ? -4.173  8.943   -3.529  1.00 14.31 ? 24   LEU A CD2 1 
ATOM   192  N N   . ASP A 1 25 ? -2.337  4.727   -1.397  1.00 17.27 ? 25   ASP A N   1 
ATOM   193  C CA  . ASP A 1 25 ? -1.978  3.401   -0.917  1.00 15.20 ? 25   ASP A CA  1 
ATOM   194  C C   . ASP A 1 25 ? -3.118  2.413   -0.672  1.00 15.33 ? 25   ASP A C   1 
ATOM   195  O O   . ASP A 1 25 ? -3.655  2.363   0.433   1.00 16.53 ? 25   ASP A O   1 
ATOM   196  C CB  . ASP A 1 25 ? -1.217  3.635   0.389   1.00 16.71 ? 25   ASP A CB  1 
ATOM   197  C CG  . ASP A 1 25 ? -0.416  2.447   0.846   1.00 16.91 ? 25   ASP A CG  1 
ATOM   198  O OD1 . ASP A 1 25 ? -0.600  1.314   0.345   1.00 18.26 ? 25   ASP A OD1 1 
ATOM   199  O OD2 . ASP A 1 25 ? 0.411   2.675   1.746   1.00 19.87 ? 25   ASP A OD2 1 
ATOM   200  N N   . THR A 1 26 ? -3.416  1.556   -1.642  1.00 14.34 ? 26   THR A N   1 
ATOM   201  C CA  . THR A 1 26 ? -4.482  0.569   -1.460  1.00 15.39 ? 26   THR A CA  1 
ATOM   202  C C   . THR A 1 26 ? -4.117  -0.501  -0.426  1.00 17.72 ? 26   THR A C   1 
ATOM   203  O O   . THR A 1 26 ? -4.987  -1.256  0.016   1.00 18.17 ? 26   THR A O   1 
ATOM   204  C CB  . THR A 1 26 ? -4.835  -0.153  -2.759  1.00 14.58 ? 26   THR A CB  1 
ATOM   205  O OG1 . THR A 1 26 ? -3.677  -0.836  -3.249  1.00 14.02 ? 26   THR A OG1 1 
ATOM   206  C CG2 . THR A 1 26 ? -5.325  0.831   -3.811  1.00 17.32 ? 26   THR A CG2 1 
ATOM   207  N N   . GLY A 1 27 ? -2.838  -0.585  -0.062  1.00 16.85 ? 27   GLY A N   1 
ATOM   208  C CA  . GLY A 1 27 ? -2.413  -1.576  0.913   1.00 16.81 ? 27   GLY A CA  1 
ATOM   209  C C   . GLY A 1 27 ? -2.560  -1.096  2.347   1.00 17.71 ? 27   GLY A C   1 
ATOM   210  O O   . GLY A 1 27 ? -2.282  -1.840  3.294   1.00 18.32 ? 27   GLY A O   1 
ATOM   211  N N   . ALA A 1 28 ? -3.018  0.142   2.511   1.00 18.14 ? 28   ALA A N   1 
ATOM   212  C CA  . ALA A 1 28 ? -3.201  0.738   3.830   1.00 18.84 ? 28   ALA A CA  1 
ATOM   213  C C   . ALA A 1 28 ? -4.652  0.832   4.298   1.00 19.66 ? 28   ALA A C   1 
ATOM   214  O O   . ALA A 1 28 ? -5.509  1.366   3.581   1.00 20.45 ? 28   ALA A O   1 
ATOM   215  C CB  . ALA A 1 28 ? -2.575  2.125   3.856   1.00 18.94 ? 28   ALA A CB  1 
ATOM   216  N N   . ASP A 1 29 ? -4.927  0.330   5.503   1.00 18.53 ? 29   ASP A N   1 
ATOM   217  C CA  . ASP A 1 29 ? -6.274  0.418   6.071   1.00 18.26 ? 29   ASP A CA  1 
ATOM   218  C C   . ASP A 1 29 ? -6.565  1.861   6.446   1.00 19.99 ? 29   ASP A C   1 
ATOM   219  O O   . ASP A 1 29 ? -7.686  2.333   6.264   1.00 22.12 ? 29   ASP A O   1 
ATOM   220  C CB  . ASP A 1 29 ? -6.418  -0.378  7.374   1.00 14.60 ? 29   ASP A CB  1 
ATOM   221  C CG  . ASP A 1 29 ? -6.208  -1.853  7.205   1.00 16.05 ? 29   ASP A CG  1 
ATOM   222  O OD1 . ASP A 1 29 ? -6.347  -2.379  6.080   1.00 18.26 ? 29   ASP A OD1 1 
ATOM   223  O OD2 . ASP A 1 29 ? -5.917  -2.495  8.235   1.00 18.45 ? 29   ASP A OD2 1 
ATOM   224  N N   . ASP A 1 30 ? -5.559  2.544   6.996   1.00 19.18 ? 30   ASP A N   1 
ATOM   225  C CA  . ASP A 1 30 ? -5.693  3.922   7.463   1.00 18.21 ? 30   ASP A CA  1 
ATOM   226  C C   . ASP A 1 30 ? -4.933  4.947   6.621   1.00 18.03 ? 30   ASP A C   1 
ATOM   227  O O   . ASP A 1 30 ? -4.198  4.601   5.695   1.00 19.32 ? 30   ASP A O   1 
ATOM   228  C CB  . ASP A 1 30 ? -5.169  4.047   8.905   1.00 20.80 ? 30   ASP A CB  1 
ATOM   229  C CG  . ASP A 1 30 ? -5.463  2.824   9.765   1.00 24.43 ? 30   ASP A CG  1 
ATOM   230  O OD1 . ASP A 1 30 ? -6.648  2.532   10.021  1.00 25.16 ? 30   ASP A OD1 1 
ATOM   231  O OD2 . ASP A 1 30 ? -4.493  2.169   10.203  1.00 26.22 ? 30   ASP A OD2 1 
ATOM   232  N N   . THR A 1 31 ? -5.101  6.209   6.984   1.00 16.84 ? 31   THR A N   1 
ATOM   233  C CA  . THR A 1 31 ? -4.429  7.325   6.339   1.00 17.92 ? 31   THR A CA  1 
ATOM   234  C C   . THR A 1 31 ? -3.472  7.812   7.428   1.00 17.62 ? 31   THR A C   1 
ATOM   235  O O   . THR A 1 31 ? -3.897  8.073   8.563   1.00 17.11 ? 31   THR A O   1 
ATOM   236  C CB  . THR A 1 31 ? -5.451  8.428   5.930   1.00 14.12 ? 31   THR A CB  1 
ATOM   237  O OG1 . THR A 1 31 ? -6.269  7.929   4.866   1.00 16.10 ? 31   THR A OG1 1 
ATOM   238  C CG2 . THR A 1 31 ? -4.755  9.698   5.481   1.00 12.95 ? 31   THR A CG2 1 
ATOM   239  N N   . VAL A 1 32 ? -2.180  7.833   7.111   1.00 16.86 ? 32   VAL A N   1 
ATOM   240  C CA  . VAL A 1 32 ? -1.151  8.235   8.064   1.00 17.05 ? 32   VAL A CA  1 
ATOM   241  C C   . VAL A 1 32 ? -0.347  9.415   7.516   1.00 18.96 ? 32   VAL A C   1 
ATOM   242  O O   . VAL A 1 32 ? 0.232   9.340   6.426   1.00 17.92 ? 32   VAL A O   1 
ATOM   243  C CB  . VAL A 1 32 ? -0.181  7.040   8.386   1.00 15.59 ? 32   VAL A CB  1 
ATOM   244  C CG1 . VAL A 1 32 ? 0.668   7.351   9.608   1.00 14.93 ? 32   VAL A CG1 1 
ATOM   245  C CG2 . VAL A 1 32 ? -0.971  5.747   8.593   1.00 15.23 ? 32   VAL A CG2 1 
ATOM   246  N N   . ILE A 1 33 ? -0.373  10.520  8.254   1.00 21.90 ? 33   ILE A N   1 
ATOM   247  C CA  . ILE A 1 33 ? 0.344   11.733  7.880   1.00 23.96 ? 33   ILE A CA  1 
ATOM   248  C C   . ILE A 1 33 ? 1.554   11.936  8.805   1.00 24.65 ? 33   ILE A C   1 
ATOM   249  O O   . ILE A 1 33 ? 1.513   11.585  9.990   1.00 23.10 ? 33   ILE A O   1 
ATOM   250  C CB  . ILE A 1 33 ? -0.592  12.984  7.950   1.00 23.77 ? 33   ILE A CB  1 
ATOM   251  C CG1 . ILE A 1 33 ? -1.815  12.782  7.045   1.00 23.12 ? 33   ILE A CG1 1 
ATOM   252  C CG2 . ILE A 1 33 ? 0.160   14.254  7.555   1.00 23.66 ? 33   ILE A CG2 1 
ATOM   253  C CD1 . ILE A 1 33 ? -1.478  12.470  5.600   1.00 23.31 ? 33   ILE A CD1 1 
ATOM   254  N N   . GLU A 1 34 ? 2.640   12.453  8.242   1.00 25.39 ? 34   GLU A N   1 
ATOM   255  C CA  . GLU A 1 34 ? 3.851   12.727  8.995   1.00 25.67 ? 34   GLU A CA  1 
ATOM   256  C C   . GLU A 1 34 ? 3.545   13.752  10.076  1.00 25.94 ? 34   GLU A C   1 
ATOM   257  O O   . GLU A 1 34 ? 2.653   14.591  9.913   1.00 26.98 ? 34   GLU A O   1 
ATOM   258  C CB  . GLU A 1 34 ? 4.950   13.238  8.066   1.00 25.43 ? 34   GLU A CB  1 
ATOM   259  C CG  . GLU A 1 34 ? 5.502   12.163  7.149   1.00 31.31 ? 34   GLU A CG  1 
ATOM   260  C CD  . GLU A 1 34 ? 6.458   12.698  6.095   1.00 41.47 ? 34   GLU A CD  1 
ATOM   261  O OE1 . GLU A 1 34 ? 6.752   13.915  6.101   1.00 52.08 ? 34   GLU A OE1 1 
ATOM   262  O OE2 . GLU A 1 34 ? 6.907   11.893  5.251   1.00 39.12 ? 34   GLU A OE2 1 
ATOM   263  N N   . GLU A 1 35 ? 4.300   13.678  11.165  1.00 25.69 ? 35   GLU A N   1 
ATOM   264  C CA  . GLU A 1 35 ? 4.150   14.547  12.328  1.00 25.80 ? 35   GLU A CA  1 
ATOM   265  C C   . GLU A 1 35 ? 3.721   15.985  11.999  1.00 25.97 ? 35   GLU A C   1 
ATOM   266  O O   . GLU A 1 35 ? 4.409   16.714  11.274  1.00 25.45 ? 35   GLU A O   1 
ATOM   267  C CB  . GLU A 1 35 ? 5.452   14.534  13.140  1.00 27.18 ? 35   GLU A CB  1 
ATOM   268  C CG  . GLU A 1 35 ? 5.278   14.487  14.648  1.00 38.70 ? 35   GLU A CG  1 
ATOM   269  C CD  . GLU A 1 35 ? 4.677   13.188  15.145  1.00 56.65 ? 35   GLU A CD  1 
ATOM   270  O OE1 . GLU A 1 35 ? 5.431   12.204  15.316  1.00 61.52 ? 35   GLU A OE1 1 
ATOM   271  O OE2 . GLU A 1 35 ? 3.452   13.155  15.381  1.00 69.48 ? 35   GLU A OE2 1 
ATOM   272  N N   . MET A 1 36 ? 2.542   16.352  12.490  1.00 26.93 ? 36   MET A N   1 
ATOM   273  C CA  . MET A 1 36 ? 1.976   17.684  12.292  1.00 27.98 ? 36   MET A CA  1 
ATOM   274  C C   . MET A 1 36 ? 0.913   17.896  13.365  1.00 29.56 ? 36   MET A C   1 
ATOM   275  O O   . MET A 1 36 ? 0.588   16.978  14.121  1.00 30.29 ? 36   MET A O   1 
ATOM   276  C CB  . MET A 1 36 ? 1.332   17.819  10.903  1.00 27.54 ? 36   MET A CB  1 
ATOM   277  C CG  . MET A 1 36 ? 0.010   17.079  10.760  1.00 27.89 ? 36   MET A CG  1 
ATOM   278  S SD  . MET A 1 36 ? -0.868  17.396  9.219   1.00 28.58 ? 36   MET A SD  1 
ATOM   279  C CE  . MET A 1 36 ? -1.384  19.117  9.488   1.00 27.82 ? 36   MET A CE  1 
ATOM   280  N N   . SER A 1 37 ? 0.371   19.102  13.422  1.00 31.28 ? 37   SER A N   1 
ATOM   281  C CA  . SER A 1 37 ? -0.653  19.408  14.431  1.00 33.91 ? 37   SER A CA  1 
ATOM   282  C C   . SER A 1 37 ? -2.037  19.447  13.778  1.00 33.72 ? 37   SER A C   1 
ATOM   283  O O   . SER A 1 37 ? -2.226  19.952  12.674  1.00 33.02 ? 37   SER A O   1 
ATOM   284  C CB  . SER A 1 37 ? -0.365  20.767  15.072  1.00 39.21 ? 37   SER A CB  1 
ATOM   285  O OG  . SER A 1 37 ? 0.214   21.642  14.116  1.00 42.41 ? 37   SER A OG  1 
ATOM   286  N N   . LEU A 1 38 ? -3.001  18.843  14.475  1.00 32.99 ? 38   LEU A N   1 
ATOM   287  C CA  . LEU A 1 38 ? -4.389  18.828  14.046  1.00 32.19 ? 38   LEU A CA  1 
ATOM   288  C C   . LEU A 1 38 ? -5.181  19.170  15.298  1.00 33.52 ? 38   LEU A C   1 
ATOM   289  O O   . LEU A 1 38 ? -4.737  18.889  16.417  1.00 33.51 ? 38   LEU A O   1 
ATOM   290  C CB  . LEU A 1 38 ? -4.805  17.452  13.511  1.00 30.88 ? 38   LEU A CB  1 
ATOM   291  C CG  . LEU A 1 38 ? -4.337  17.074  12.101  1.00 29.55 ? 38   LEU A CG  1 
ATOM   292  C CD1 . LEU A 1 38 ? -4.822  15.670  11.749  1.00 28.07 ? 38   LEU A CD1 1 
ATOM   293  C CD2 . LEU A 1 38 ? -4.848  18.088  11.083  1.00 26.32 ? 38   LEU A CD2 1 
ATOM   294  N N   . PRO A 1 39 ? -6.310  19.868  15.137  1.00 35.71 ? 39   PRO A N   1 
ATOM   295  C CA  . PRO A 1 39 ? -7.172  20.265  16.251  1.00 36.09 ? 39   PRO A CA  1 
ATOM   296  C C   . PRO A 1 39 ? -8.090  19.127  16.678  1.00 36.48 ? 39   PRO A C   1 
ATOM   297  O O   . PRO A 1 39 ? -8.360  18.199  15.911  1.00 36.58 ? 39   PRO A O   1 
ATOM   298  C CB  . PRO A 1 39 ? -7.974  21.411  15.653  1.00 36.79 ? 39   PRO A CB  1 
ATOM   299  C CG  . PRO A 1 39 ? -8.163  20.950  14.238  1.00 37.29 ? 39   PRO A CG  1 
ATOM   300  C CD  . PRO A 1 39 ? -6.779  20.463  13.870  1.00 36.77 ? 39   PRO A CD  1 
ATOM   301  N N   . GLY A 1 40 ? -8.586  19.210  17.902  1.00 37.25 ? 40   GLY A N   1 
ATOM   302  C CA  . GLY A 1 40 ? -9.483  18.183  18.384  1.00 37.51 ? 40   GLY A CA  1 
ATOM   303  C C   . GLY A 1 40 ? -8.805  17.229  19.333  1.00 37.37 ? 40   GLY A C   1 
ATOM   304  O O   . GLY A 1 40 ? -7.622  17.370  19.652  1.00 38.11 ? 40   GLY A O   1 
ATOM   305  N N   . ARG A 1 41 ? -9.580  16.272  19.814  1.00 36.12 ? 41   ARG A N   1 
ATOM   306  C CA  . ARG A 1 41 ? -9.072  15.282  20.737  1.00 34.79 ? 41   ARG A CA  1 
ATOM   307  C C   . ARG A 1 41 ? -8.425  14.190  19.905  1.00 33.73 ? 41   ARG A C   1 
ATOM   308  O O   . ARG A 1 41 ? -8.712  14.055  18.711  1.00 33.73 ? 41   ARG A O   1 
ATOM   309  C CB  . ARG A 1 41 ? -10.224 14.709  21.572  1.00 34.58 ? 41   ARG A CB  1 
ATOM   310  N N   . TRP A 1 42 ? -7.518  13.444  20.522  1.00 32.74 ? 42   TRP A N   1 
ATOM   311  C CA  . TRP A 1 42 ? -6.849  12.339  19.847  1.00 32.78 ? 42   TRP A CA  1 
ATOM   312  C C   . TRP A 1 42 ? -6.563  11.236  20.851  1.00 32.75 ? 42   TRP A C   1 
ATOM   313  O O   . TRP A 1 42 ? -6.476  11.485  22.056  1.00 34.39 ? 42   TRP A O   1 
ATOM   314  C CB  . TRP A 1 42 ? -5.536  12.795  19.195  1.00 32.85 ? 42   TRP A CB  1 
ATOM   315  C CG  . TRP A 1 42 ? -4.549  13.381  20.147  1.00 32.97 ? 42   TRP A CG  1 
ATOM   316  C CD1 . TRP A 1 42 ? -4.393  14.699  20.447  1.00 33.48 ? 42   TRP A CD1 1 
ATOM   317  C CD2 . TRP A 1 42 ? -3.582  12.670  20.934  1.00 32.35 ? 42   TRP A CD2 1 
ATOM   318  N NE1 . TRP A 1 42 ? -3.392  14.858  21.374  1.00 33.79 ? 42   TRP A NE1 1 
ATOM   319  C CE2 . TRP A 1 42 ? -2.877  13.628  21.691  1.00 32.91 ? 42   TRP A CE2 1 
ATOM   320  C CE3 . TRP A 1 42 ? -3.246  11.317  21.075  1.00 32.71 ? 42   TRP A CE3 1 
ATOM   321  C CZ2 . TRP A 1 42 ? -1.850  13.279  22.580  1.00 32.63 ? 42   TRP A CZ2 1 
ATOM   322  C CZ3 . TRP A 1 42 ? -2.224  10.968  21.960  1.00 32.60 ? 42   TRP A CZ3 1 
ATOM   323  C CH2 . TRP A 1 42 ? -1.541  11.949  22.700  1.00 32.43 ? 42   TRP A CH2 1 
ATOM   324  N N   . LYS A 1 43 ? -6.435  10.014  20.360  1.00 32.29 ? 43   LYS A N   1 
ATOM   325  C CA  . LYS A 1 43 ? -6.122  8.897   21.233  1.00 32.82 ? 43   LYS A CA  1 
ATOM   326  C C   . LYS A 1 43 ? -4.988  8.090   20.619  1.00 30.39 ? 43   LYS A C   1 
ATOM   327  O O   . LYS A 1 43 ? -4.841  8.030   19.394  1.00 28.35 ? 43   LYS A O   1 
ATOM   328  C CB  . LYS A 1 43 ? -7.355  8.028   21.528  1.00 36.84 ? 43   LYS A CB  1 
ATOM   329  C CG  . LYS A 1 43 ? -8.021  7.362   20.342  1.00 39.38 ? 43   LYS A CG  1 
ATOM   330  C CD  . LYS A 1 43 ? -9.328  6.716   20.783  1.00 38.96 ? 43   LYS A CD  1 
ATOM   331  C CE  . LYS A 1 43 ? -10.172 6.320   19.589  1.00 51.52 ? 43   LYS A CE  1 
ATOM   332  N NZ  . LYS A 1 43 ? -11.526 5.842   19.980  1.00 60.67 ? 43   LYS A NZ  1 
ATOM   333  N N   . PRO A 1 44 ? -4.103  7.556   21.470  1.00 28.61 ? 44   PRO A N   1 
ATOM   334  C CA  . PRO A 1 44 ? -2.969  6.760   20.994  1.00 27.38 ? 44   PRO A CA  1 
ATOM   335  C C   . PRO A 1 44 ? -3.415  5.489   20.278  1.00 25.77 ? 44   PRO A C   1 
ATOM   336  O O   . PRO A 1 44 ? -4.455  4.902   20.610  1.00 25.82 ? 44   PRO A O   1 
ATOM   337  C CB  . PRO A 1 44 ? -2.192  6.465   22.286  1.00 28.19 ? 44   PRO A CB  1 
ATOM   338  C CG  . PRO A 1 44 ? -3.251  6.515   23.360  1.00 28.42 ? 44   PRO A CG  1 
ATOM   339  C CD  . PRO A 1 44 ? -4.084  7.696   22.939  1.00 28.63 ? 44   PRO A CD  1 
ATOM   340  N N   . LYS A 1 45 ? -2.618  5.074   19.296  1.00 23.15 ? 45   LYS A N   1 
ATOM   341  C CA  . LYS A 1 45 ? -2.890  3.883   18.500  1.00 21.71 ? 45   LYS A CA  1 
ATOM   342  C C   . LYS A 1 45 ? -1.553  3.320   18.032  1.00 20.53 ? 45   LYS A C   1 
ATOM   343  O O   . LYS A 1 45 ? -0.562  4.041   17.964  1.00 19.11 ? 45   LYS A O   1 
ATOM   344  C CB  . LYS A 1 45 ? -3.738  4.269   17.276  1.00 22.43 ? 45   LYS A CB  1 
ATOM   345  C CG  . LYS A 1 45 ? -4.274  3.112   16.441  1.00 13.89 ? 45   LYS A CG  1 
ATOM   346  C CD  . LYS A 1 45 ? -5.004  3.652   15.219  1.00 13.58 ? 45   LYS A CD  1 
ATOM   347  C CE  . LYS A 1 45 ? -5.556  2.540   14.338  1.00 23.53 ? 45   LYS A CE  1 
ATOM   348  N NZ  . LYS A 1 45 ? -6.772  1.905   14.925  1.00 29.48 ? 45   LYS A NZ  1 
ATOM   349  N N   . MET A 1 46 ? -1.528  2.026   17.738  1.00 22.17 ? 46   MET A N   1 
ATOM   350  C CA  . MET A 1 46 ? -0.332  1.355   17.250  1.00 23.12 ? 46   MET A CA  1 
ATOM   351  C C   . MET A 1 46 ? -0.700  0.779   15.893  1.00 22.30 ? 46   MET A C   1 
ATOM   352  O O   . MET A 1 46 ? -1.691  0.063   15.772  1.00 22.35 ? 46   MET A O   1 
ATOM   353  C CB  . MET A 1 46 ? 0.068   0.203   18.177  1.00 24.40 ? 46   MET A CB  1 
ATOM   354  C CG  . MET A 1 46 ? 0.792   0.614   19.438  1.00 26.64 ? 46   MET A CG  1 
ATOM   355  S SD  . MET A 1 46 ? 2.475   1.162   19.091  1.00 29.26 ? 46   MET A SD  1 
ATOM   356  C CE  . MET A 1 46 ? 3.394   -0.426  19.121  1.00 29.01 ? 46   MET A CE  1 
ATOM   357  N N   . ILE A 1 47 ? 0.062   1.124   14.863  1.00 20.98 ? 47   ILE A N   1 
ATOM   358  C CA  . ILE A 1 47 ? -0.208  0.597   13.533  1.00 21.37 ? 47   ILE A CA  1 
ATOM   359  C C   . ILE A 1 47 ? 1.026   -0.136  13.028  1.00 21.10 ? 47   ILE A C   1 
ATOM   360  O O   . ILE A 1 47 ? 2.151   0.268   13.316  1.00 21.07 ? 47   ILE A O   1 
ATOM   361  C CB  . ILE A 1 47 ? -0.614  1.713   12.536  1.00 21.45 ? 47   ILE A CB  1 
ATOM   362  C CG1 . ILE A 1 47 ? 0.481   2.777   12.443  1.00 18.85 ? 47   ILE A CG1 1 
ATOM   363  C CG2 . ILE A 1 47 ? -1.961  2.305   12.941  1.00 20.65 ? 47   ILE A CG2 1 
ATOM   364  C CD1 . ILE A 1 47 ? 0.186   3.878   11.440  1.00 17.75 ? 47   ILE A CD1 1 
ATOM   365  N N   . GLY A 1 48 ? 0.820   -1.228  12.306  1.00 20.26 ? 48   GLY A N   1 
ATOM   366  C CA  . GLY A 1 48 ? 1.956   -1.973  11.818  1.00 21.66 ? 48   GLY A CA  1 
ATOM   367  C C   . GLY A 1 48 ? 1.927   -2.305  10.348  1.00 24.02 ? 48   GLY A C   1 
ATOM   368  O O   . GLY A 1 48 ? 0.884   -2.217  9.691   1.00 23.19 ? 48   GLY A O   1 
ATOM   369  N N   . GLY A 1 49 ? 3.087   -2.714  9.852   1.00 25.77 ? 49   GLY A N   1 
ATOM   370  C CA  . GLY A 1 49 ? 3.252   -3.092  8.463   1.00 26.84 ? 49   GLY A CA  1 
ATOM   371  C C   . GLY A 1 49 ? 4.660   -3.625  8.319   1.00 26.88 ? 49   GLY A C   1 
ATOM   372  O O   . GLY A 1 49 ? 5.191   -4.216  9.263   1.00 28.05 ? 49   GLY A O   1 
ATOM   373  N N   . ILE A 1 50 ? 5.281   -3.401  7.165   1.00 25.50 ? 50   ILE A N   1 
ATOM   374  C CA  . ILE A 1 50 ? 6.644   -3.869  6.929   1.00 25.82 ? 50   ILE A CA  1 
ATOM   375  C C   . ILE A 1 50 ? 7.583   -3.210  7.940   1.00 25.97 ? 50   ILE A C   1 
ATOM   376  O O   . ILE A 1 50 ? 7.571   -1.988  8.109   1.00 26.32 ? 50   ILE A O   1 
ATOM   377  C CB  . ILE A 1 50 ? 7.109   -3.546  5.477   1.00 27.00 ? 50   ILE A CB  1 
ATOM   378  C CG1 . ILE A 1 50 ? 6.399   -4.466  4.487   1.00 25.46 ? 50   ILE A CG1 1 
ATOM   379  C CG2 . ILE A 1 50 ? 8.627   -3.705  5.323   1.00 27.53 ? 50   ILE A CG2 1 
ATOM   380  C CD1 . ILE A 1 50 ? 6.814   -5.886  4.599   1.00 23.53 ? 50   ILE A CD1 1 
ATOM   381  N N   . GLY A 1 51 ? 8.351   -4.024  8.652   1.00 25.78 ? 51   GLY A N   1 
ATOM   382  C CA  . GLY A 1 51 ? 9.279   -3.480  9.629   1.00 26.42 ? 51   GLY A CA  1 
ATOM   383  C C   . GLY A 1 51 ? 8.760   -3.328  11.046  1.00 26.13 ? 51   GLY A C   1 
ATOM   384  O O   . GLY A 1 51 ? 9.510   -2.924  11.934  1.00 27.47 ? 51   GLY A O   1 
ATOM   385  N N   . GLY A 1 52 ? 7.485   -3.615  11.268  1.00 25.58 ? 52   GLY A N   1 
ATOM   386  C CA  . GLY A 1 52 ? 6.956   -3.504  12.616  1.00 25.17 ? 52   GLY A CA  1 
ATOM   387  C C   . GLY A 1 52 ? 5.858   -2.484  12.813  1.00 24.21 ? 52   GLY A C   1 
ATOM   388  O O   . GLY A 1 52 ? 5.134   -2.145  11.872  1.00 26.09 ? 52   GLY A O   1 
ATOM   389  N N   . PHE A 1 53 ? 5.754   -1.979  14.037  1.00 21.22 ? 53   PHE A N   1 
ATOM   390  C CA  . PHE A 1 53 ? 4.726   -1.010  14.399  1.00 19.41 ? 53   PHE A CA  1 
ATOM   391  C C   . PHE A 1 53 ? 5.280   0.349   14.764  1.00 19.95 ? 53   PHE A C   1 
ATOM   392  O O   . PHE A 1 53 ? 6.461   0.476   15.043  1.00 22.70 ? 53   PHE A O   1 
ATOM   393  C CB  . PHE A 1 53 ? 3.943   -1.519  15.616  1.00 18.27 ? 53   PHE A CB  1 
ATOM   394  C CG  . PHE A 1 53 ? 3.033   -2.680  15.326  1.00 17.61 ? 53   PHE A CG  1 
ATOM   395  C CD1 . PHE A 1 53 ? 3.547   -3.943  15.094  1.00 16.64 ? 53   PHE A CD1 1 
ATOM   396  C CD2 . PHE A 1 53 ? 1.653   -2.507  15.317  1.00 17.60 ? 53   PHE A CD2 1 
ATOM   397  C CE1 . PHE A 1 53 ? 2.706   -5.016  14.863  1.00 18.33 ? 53   PHE A CE1 1 
ATOM   398  C CE2 . PHE A 1 53 ? 0.800   -3.573  15.085  1.00 18.30 ? 53   PHE A CE2 1 
ATOM   399  C CZ  . PHE A 1 53 ? 1.325   -4.832  14.857  1.00 19.27 ? 53   PHE A CZ  1 
ATOM   400  N N   . ILE A 1 54 ? 4.412   1.354   14.761  1.00 20.39 ? 54   ILE A N   1 
ATOM   401  C CA  . ILE A 1 54 ? 4.755   2.720   15.175  1.00 21.20 ? 54   ILE A CA  1 
ATOM   402  C C   . ILE A 1 54 ? 3.535   3.254   15.937  1.00 21.63 ? 54   ILE A C   1 
ATOM   403  O O   . ILE A 1 54 ? 2.398   2.842   15.680  1.00 22.27 ? 54   ILE A O   1 
ATOM   404  C CB  . ILE A 1 54 ? 5.107   3.688   13.991  1.00 21.28 ? 54   ILE A CB  1 
ATOM   405  C CG1 . ILE A 1 54 ? 3.903   3.887   13.065  1.00 22.72 ? 54   ILE A CG1 1 
ATOM   406  C CG2 . ILE A 1 54 ? 6.329   3.179   13.217  1.00 20.97 ? 54   ILE A CG2 1 
ATOM   407  C CD1 . ILE A 1 54 ? 4.071   5.031   12.078  1.00 19.12 ? 54   ILE A CD1 1 
ATOM   408  N N   . LYS A 1 55 ? 3.777   4.122   16.912  1.00 21.81 ? 55   LYS A N   1 
ATOM   409  C CA  . LYS A 1 55 ? 2.710   4.698   17.706  1.00 21.72 ? 55   LYS A CA  1 
ATOM   410  C C   . LYS A 1 55 ? 2.287   5.991   17.028  1.00 20.79 ? 55   LYS A C   1 
ATOM   411  O O   . LYS A 1 55 ? 3.131   6.800   16.632  1.00 19.96 ? 55   LYS A O   1 
ATOM   412  C CB  . LYS A 1 55 ? 3.198   4.981   19.125  1.00 25.34 ? 55   LYS A CB  1 
ATOM   413  C CG  . LYS A 1 55 ? 2.100   5.422   20.081  1.00 26.41 ? 55   LYS A CG  1 
ATOM   414  C CD  . LYS A 1 55 ? 2.679   5.894   21.401  1.00 34.98 ? 55   LYS A CD  1 
ATOM   415  C CE  . LYS A 1 55 ? 1.591   6.433   22.301  1.00 43.48 ? 55   LYS A CE  1 
ATOM   416  N NZ  . LYS A 1 55 ? 2.156   7.063   23.518  1.00 49.62 ? 55   LYS A NZ  1 
ATOM   417  N N   . VAL A 1 56 ? 0.980   6.183   16.905  1.00 21.08 ? 56   VAL A N   1 
ATOM   418  C CA  . VAL A 1 56 ? 0.440   7.368   16.255  1.00 20.32 ? 56   VAL A CA  1 
ATOM   419  C C   . VAL A 1 56 ? -0.708  7.992   17.052  1.00 20.56 ? 56   VAL A C   1 
ATOM   420  O O   . VAL A 1 56 ? -1.224  7.394   17.996  1.00 20.76 ? 56   VAL A O   1 
ATOM   421  C CB  . VAL A 1 56 ? -0.071  7.014   14.836  1.00 19.63 ? 56   VAL A CB  1 
ATOM   422  C CG1 . VAL A 1 56 ? 1.082   6.496   13.968  1.00 19.40 ? 56   VAL A CG1 1 
ATOM   423  C CG2 . VAL A 1 56 ? -1.187  5.970   14.921  1.00 18.66 ? 56   VAL A CG2 1 
ATOM   424  N N   . ARG A 1 57 ? -1.058  9.222   16.694  1.00 21.34 ? 57   ARG A N   1 
ATOM   425  C CA  . ARG A 1 57 ? -2.159  9.937   17.324  1.00 21.79 ? 57   ARG A CA  1 
ATOM   426  C C   . ARG A 1 57 ? -3.336  9.867   16.344  1.00 21.87 ? 57   ARG A C   1 
ATOM   427  O O   . ARG A 1 57 ? -3.211  10.234  15.167  1.00 20.83 ? 57   ARG A O   1 
ATOM   428  C CB  . ARG A 1 57 ? -1.780  11.392  17.616  1.00 21.62 ? 57   ARG A CB  1 
ATOM   429  C CG  . ARG A 1 57 ? -0.573  11.544  18.526  1.00 25.18 ? 57   ARG A CG  1 
ATOM   430  C CD  . ARG A 1 57 ? -0.444  12.961  19.080  1.00 32.55 ? 57   ARG A CD  1 
ATOM   431  N NE  . ARG A 1 57 ? -0.532  13.990  18.043  1.00 51.56 ? 57   ARG A NE  1 
ATOM   432  C CZ  . ARG A 1 57 ? 0.486   14.400  17.285  1.00 60.05 ? 57   ARG A CZ  1 
ATOM   433  N NH1 . ARG A 1 57 ? 1.698   13.873  17.432  1.00 61.28 ? 57   ARG A NH1 1 
ATOM   434  N NH2 . ARG A 1 57 ? 0.294   15.350  16.378  1.00 52.26 ? 57   ARG A NH2 1 
ATOM   435  N N   . GLN A 1 58 ? -4.441  9.303   16.812  1.00 21.90 ? 58   GLN A N   1 
ATOM   436  C CA  . GLN A 1 58 ? -5.639  9.149   16.001  1.00 21.77 ? 58   GLN A CA  1 
ATOM   437  C C   . GLN A 1 58 ? -6.597  10.316  16.159  1.00 22.23 ? 58   GLN A C   1 
ATOM   438  O O   . GLN A 1 58 ? -7.112  10.564  17.255  1.00 22.31 ? 58   GLN A O   1 
ATOM   439  C CB  . GLN A 1 58 ? -6.370  7.856   16.369  1.00 19.96 ? 58   GLN A CB  1 
ATOM   440  C CG  . GLN A 1 58 ? -7.743  7.744   15.731  1.00 28.64 ? 58   GLN A CG  1 
ATOM   441  C CD  . GLN A 1 58 ? -8.528  6.518   16.177  1.00 28.51 ? 58   GLN A CD  1 
ATOM   442  O OE1 . GLN A 1 58 ? -7.996  5.625   16.829  1.00 29.90 ? 58   GLN A OE1 1 
ATOM   443  N NE2 . GLN A 1 58 ? -9.799  6.467   15.799  1.00 24.34 ? 58   GLN A NE2 1 
ATOM   444  N N   . TYR A 1 59 ? -6.831  11.031  15.064  1.00 23.16 ? 59   TYR A N   1 
ATOM   445  C CA  . TYR A 1 59 ? -7.767  12.150  15.058  1.00 24.01 ? 59   TYR A CA  1 
ATOM   446  C C   . TYR A 1 59 ? -8.948  11.704  14.212  1.00 23.35 ? 59   TYR A C   1 
ATOM   447  O O   . TYR A 1 59 ? -8.765  11.096  13.157  1.00 22.07 ? 59   TYR A O   1 
ATOM   448  C CB  . TYR A 1 59 ? -7.145  13.390  14.423  1.00 24.66 ? 59   TYR A CB  1 
ATOM   449  C CG  . TYR A 1 59 ? -6.020  14.005  15.214  1.00 25.69 ? 59   TYR A CG  1 
ATOM   450  C CD1 . TYR A 1 59 ? -4.692  13.599  15.016  1.00 25.93 ? 59   TYR A CD1 1 
ATOM   451  C CD2 . TYR A 1 59 ? -6.268  15.026  16.128  1.00 25.48 ? 59   TYR A CD2 1 
ATOM   452  C CE1 . TYR A 1 59 ? -3.642  14.203  15.706  1.00 23.99 ? 59   TYR A CE1 1 
ATOM   453  C CE2 . TYR A 1 59 ? -5.225  15.632  16.824  1.00 27.90 ? 59   TYR A CE2 1 
ATOM   454  C CZ  . TYR A 1 59 ? -3.915  15.219  16.606  1.00 27.61 ? 59   TYR A CZ  1 
ATOM   455  O OH  . TYR A 1 59 ? -2.890  15.840  17.286  1.00 28.75 ? 59   TYR A OH  1 
ATOM   456  N N   . ASP A 1 60 ? -10.163 11.951  14.685  1.00 24.74 ? 60   ASP A N   1 
ATOM   457  C CA  . ASP A 1 60 ? -11.326 11.552  13.906  1.00 24.14 ? 60   ASP A CA  1 
ATOM   458  C C   . ASP A 1 60 ? -11.972 12.744  13.225  1.00 22.75 ? 60   ASP A C   1 
ATOM   459  O O   . ASP A 1 60 ? -11.712 13.899  13.578  1.00 21.11 ? 60   ASP A O   1 
ATOM   460  C CB  . ASP A 1 60 ? -12.350 10.839  14.779  1.00 24.58 ? 60   ASP A CB  1 
ATOM   461  C CG  . ASP A 1 60 ? -11.785 9.607   15.453  1.00 32.04 ? 60   ASP A CG  1 
ATOM   462  O OD1 . ASP A 1 60 ? -11.088 8.817   14.783  1.00 29.67 ? 60   ASP A OD1 1 
ATOM   463  O OD2 . ASP A 1 60 ? -12.049 9.428   16.659  1.00 39.18 ? 60   ASP A OD2 1 
ATOM   464  N N   . GLN A 1 61 ? -12.779 12.443  12.214  1.00 24.16 ? 61   GLN A N   1 
ATOM   465  C CA  . GLN A 1 61 ? -13.509 13.448  11.456  1.00 25.69 ? 61   GLN A CA  1 
ATOM   466  C C   . GLN A 1 61 ? -12.657 14.643  11.018  1.00 26.16 ? 61   GLN A C   1 
ATOM   467  O O   . GLN A 1 61 ? -12.957 15.806  11.320  1.00 26.13 ? 61   GLN A O   1 
ATOM   468  C CB  . GLN A 1 61 ? -14.743 13.885  12.246  1.00 28.77 ? 61   GLN A CB  1 
ATOM   469  C CG  . GLN A 1 61 ? -15.739 12.749  12.435  1.00 39.97 ? 61   GLN A CG  1 
ATOM   470  C CD  . GLN A 1 61 ? -16.799 13.059  13.469  1.00 65.48 ? 61   GLN A CD  1 
ATOM   471  O OE1 . GLN A 1 61 ? -16.752 14.095  14.136  1.00 68.23 ? 61   GLN A OE1 1 
ATOM   472  N NE2 . GLN A 1 61 ? -17.754 12.150  13.626  1.00 74.77 ? 61   GLN A NE2 1 
ATOM   473  N N   . ILE A 1 62 ? -11.582 14.332  10.308  1.00 25.81 ? 62   ILE A N   1 
ATOM   474  C CA  . ILE A 1 62 ? -10.672 15.342  9.795   1.00 26.18 ? 62   ILE A CA  1 
ATOM   475  C C   . ILE A 1 62 ? -10.952 15.456  8.296   1.00 25.82 ? 62   ILE A C   1 
ATOM   476  O O   . ILE A 1 62 ? -11.138 14.447  7.612   1.00 24.67 ? 62   ILE A O   1 
ATOM   477  C CB  . ILE A 1 62 ? -9.184  14.940  10.048  1.00 26.48 ? 62   ILE A CB  1 
ATOM   478  C CG1 . ILE A 1 62 ? -8.894  14.904  11.557  1.00 25.43 ? 62   ILE A CG1 1 
ATOM   479  C CG2 . ILE A 1 62 ? -8.221  15.884  9.311   1.00 25.52 ? 62   ILE A CG2 1 
ATOM   480  C CD1 . ILE A 1 62 ? -9.201  16.205  12.298  1.00 26.80 ? 62   ILE A CD1 1 
ATOM   481  N N   . ILE A 1 63 ? -11.062 16.683  7.805   1.00 27.12 ? 63   ILE A N   1 
ATOM   482  C CA  . ILE A 1 63 ? -11.324 16.902  6.390   1.00 28.90 ? 63   ILE A CA  1 
ATOM   483  C C   . ILE A 1 63 ? -10.001 16.960  5.640   1.00 29.23 ? 63   ILE A C   1 
ATOM   484  O O   . ILE A 1 63 ? -9.028  17.538  6.130   1.00 29.46 ? 63   ILE A O   1 
ATOM   485  C CB  . ILE A 1 63 ? -12.082 18.230  6.133   1.00 29.72 ? 63   ILE A CB  1 
ATOM   486  C CG1 . ILE A 1 63 ? -13.426 18.234  6.859   1.00 32.36 ? 63   ILE A CG1 1 
ATOM   487  C CG2 . ILE A 1 63 ? -12.317 18.414  4.641   1.00 30.22 ? 63   ILE A CG2 1 
ATOM   488  C CD1 . ILE A 1 63 ? -14.166 19.541  6.735   1.00 36.33 ? 63   ILE A CD1 1 
ATOM   489  N N   . ILE A 1 64 ? -9.966  16.334  4.473   1.00 28.97 ? 64   ILE A N   1 
ATOM   490  C CA  . ILE A 1 64 ? -8.784  16.329  3.626   1.00 30.88 ? 64   ILE A CA  1 
ATOM   491  C C   . ILE A 1 64 ? -9.251  16.475  2.182   1.00 31.86 ? 64   ILE A C   1 
ATOM   492  O O   . ILE A 1 64 ? -10.325 15.989  1.823   1.00 32.02 ? 64   ILE A O   1 
ATOM   493  C CB  . ILE A 1 64 ? -7.970  15.000  3.741   1.00 31.27 ? 64   ILE A CB  1 
ATOM   494  C CG1 . ILE A 1 64 ? -7.370  14.849  5.137   1.00 36.49 ? 64   ILE A CG1 1 
ATOM   495  C CG2 . ILE A 1 64 ? -6.822  14.980  2.726   1.00 31.46 ? 64   ILE A CG2 1 
ATOM   496  C CD1 . ILE A 1 64 ? -6.358  13.723  5.242   1.00 39.49 ? 64   ILE A CD1 1 
ATOM   497  N N   . GLU A 1 65 ? -8.489  17.212  1.381   1.00 32.63 ? 65   GLU A N   1 
ATOM   498  C CA  . GLU A 1 65 ? -8.817  17.362  -0.028  1.00 33.23 ? 65   GLU A CA  1 
ATOM   499  C C   . GLU A 1 65 ? -7.755  16.567  -0.773  1.00 33.38 ? 65   GLU A C   1 
ATOM   500  O O   . GLU A 1 65 ? -6.562  16.763  -0.542  1.00 31.87 ? 65   GLU A O   1 
ATOM   501  C CB  . GLU A 1 65 ? -8.801  18.828  -0.473  1.00 34.19 ? 65   GLU A CB  1 
ATOM   502  C CG  . GLU A 1 65 ? -9.292  18.990  -1.916  1.00 47.02 ? 65   GLU A CG  1 
ATOM   503  C CD  . GLU A 1 65 ? -9.351  20.429  -2.398  1.00 66.80 ? 65   GLU A CD  1 
ATOM   504  O OE1 . GLU A 1 65 ? -8.445  21.225  -2.063  1.00 69.25 ? 65   GLU A OE1 1 
ATOM   505  O OE2 . GLU A 1 65 ? -10.304 20.755  -3.139  1.00 78.08 ? 65   GLU A OE2 1 
ATOM   506  N N   . ILE A 1 66 ? -8.196  15.646  -1.625  1.00 35.41 ? 66   ILE A N   1 
ATOM   507  C CA  . ILE A 1 66 ? -7.309  14.784  -2.405  1.00 36.74 ? 66   ILE A CA  1 
ATOM   508  C C   . ILE A 1 66 ? -7.699  14.942  -3.875  1.00 39.60 ? 66   ILE A C   1 
ATOM   509  O O   . ILE A 1 66 ? -8.753  14.461  -4.296  1.00 38.70 ? 66   ILE A O   1 
ATOM   510  C CB  . ILE A 1 66 ? -7.494  13.292  -1.990  1.00 35.39 ? 66   ILE A CB  1 
ATOM   511  C CG1 . ILE A 1 66 ? -7.279  13.129  -0.482  1.00 33.66 ? 66   ILE A CG1 1 
ATOM   512  C CG2 . ILE A 1 66 ? -6.528  12.400  -2.743  1.00 34.89 ? 66   ILE A CG2 1 
ATOM   513  C CD1 . ILE A 1 66 ? -8.073  11.995  0.138   1.00 26.92 ? 66   ILE A CD1 1 
ATOM   514  N N   . CYS A 1 67 ? -6.875  15.659  -4.635  1.00 44.52 ? 67   CYS A N   1 
ATOM   515  C CA  . CYS A 1 67 ? -7.130  15.895  -6.055  1.00 47.43 ? 67   CYS A CA  1 
ATOM   516  C C   . CYS A 1 67 ? -8.441  16.619  -6.353  1.00 48.72 ? 67   CYS A C   1 
ATOM   517  O O   . CYS A 1 67 ? -9.137  16.274  -7.313  1.00 50.65 ? 67   CYS A O   1 
ATOM   518  C CB  . CYS A 1 67 ? -7.089  14.585  -6.833  1.00 48.46 ? 67   CYS A CB  1 
ATOM   519  S SG  . CYS A 1 67 ? -5.450  13.940  -7.028  1.00 49.07 ? 67   CYS A SG  1 
ATOM   520  N N   . GLY A 1 68 ? -8.785  17.612  -5.538  1.00 48.14 ? 68   GLY A N   1 
ATOM   521  C CA  . GLY A 1 68 ? -10.011 18.359  -5.762  1.00 47.71 ? 68   GLY A CA  1 
ATOM   522  C C   . GLY A 1 68 ? -11.258 17.631  -5.289  1.00 47.48 ? 68   GLY A C   1 
ATOM   523  O O   . GLY A 1 68 ? -12.385 18.046  -5.583  1.00 49.36 ? 68   GLY A O   1 
ATOM   524  N N   . HIS A 1 69 ? -11.052 16.521  -4.587  1.00 44.32 ? 69   HIS A N   1 
ATOM   525  C CA  . HIS A 1 69 ? -12.144 15.727  -4.042  1.00 41.39 ? 69   HIS A CA  1 
ATOM   526  C C   . HIS A 1 69 ? -12.056 15.835  -2.526  1.00 38.64 ? 69   HIS A C   1 
ATOM   527  O O   . HIS A 1 69 ? -11.059 15.437  -1.919  1.00 36.59 ? 69   HIS A O   1 
ATOM   528  C CB  . HIS A 1 69 ? -12.017 14.262  -4.462  1.00 41.73 ? 69   HIS A CB  1 
ATOM   529  C CG  . HIS A 1 69 ? -12.288 14.014  -5.915  1.00 42.74 ? 69   HIS A CG  1 
ATOM   530  N ND1 . HIS A 1 69 ? -11.511 14.547  -6.922  1.00 43.33 ? 69   HIS A ND1 1 
ATOM   531  C CD2 . HIS A 1 69 ? -13.232 13.262  -6.528  1.00 43.34 ? 69   HIS A CD2 1 
ATOM   532  C CE1 . HIS A 1 69 ? -11.963 14.132  -8.093  1.00 43.53 ? 69   HIS A CE1 1 
ATOM   533  N NE2 . HIS A 1 69 ? -13.007 13.350  -7.881  1.00 43.51 ? 69   HIS A NE2 1 
ATOM   534  N N   . LYS A 1 70 ? -13.059 16.464  -1.930  1.00 37.04 ? 70   LYS A N   1 
ATOM   535  C CA  . LYS A 1 70 ? -13.117 16.632  -0.486  1.00 35.86 ? 70   LYS A CA  1 
ATOM   536  C C   . LYS A 1 70 ? -13.633 15.327  0.161   1.00 34.91 ? 70   LYS A C   1 
ATOM   537  O O   . LYS A 1 70 ? -14.480 14.622  -0.413  1.00 35.23 ? 70   LYS A O   1 
ATOM   538  C CB  . LYS A 1 70 ? -14.008 17.846  -0.159  1.00 34.43 ? 70   LYS A CB  1 
ATOM   539  C CG  . LYS A 1 70 ? -14.391 18.034  1.301   1.00 49.36 ? 70   LYS A CG  1 
ATOM   540  C CD  . LYS A 1 70 ? -15.652 17.232  1.648   1.00 64.25 ? 70   LYS A CD  1 
ATOM   541  C CE  . LYS A 1 70 ? -15.928 17.212  3.143   1.00 60.14 ? 70   LYS A CE  1 
ATOM   542  N NZ  . LYS A 1 70 ? -17.035 16.275  3.469   1.00 48.69 ? 70   LYS A NZ  1 
ATOM   543  N N   . ALA A 1 71 ? -13.059 14.970  1.307   1.00 31.94 ? 71   ALA A N   1 
ATOM   544  C CA  . ALA A 1 71 ? -13.461 13.775  2.041   1.00 29.41 ? 71   ALA A CA  1 
ATOM   545  C C   . ALA A 1 71 ? -13.243 14.024  3.525   1.00 28.23 ? 71   ALA A C   1 
ATOM   546  O O   . ALA A 1 71 ? -12.592 15.005  3.908   1.00 28.40 ? 71   ALA A O   1 
ATOM   547  C CB  . ALA A 1 71 ? -12.662 12.562  1.582   1.00 28.96 ? 71   ALA A CB  1 
ATOM   548  N N   . ILE A 1 72 ? -13.840 13.179  4.357   1.00 25.47 ? 72   ILE A N   1 
ATOM   549  C CA  . ILE A 1 72 ? -13.700 13.297  5.802   1.00 23.60 ? 72   ILE A CA  1 
ATOM   550  C C   . ILE A 1 72 ? -13.541 11.898  6.419   1.00 21.77 ? 72   ILE A C   1 
ATOM   551  O O   . ILE A 1 72 ? -14.155 10.924  5.963   1.00 18.89 ? 72   ILE A O   1 
ATOM   552  C CB  . ILE A 1 72 ? -14.903 14.064  6.440   1.00 23.03 ? 72   ILE A CB  1 
ATOM   553  C CG1 . ILE A 1 72 ? -14.602 14.398  7.905   1.00 22.13 ? 72   ILE A CG1 1 
ATOM   554  C CG2 . ILE A 1 72 ? -16.192 13.248  6.330   1.00 23.39 ? 72   ILE A CG2 1 
ATOM   555  C CD1 . ILE A 1 72 ? -15.655 15.249  8.581   1.00 25.27 ? 72   ILE A CD1 1 
ATOM   556  N N   . GLY A 1 73 ? -12.653 11.795  7.405   1.00 20.93 ? 73   GLY A N   1 
ATOM   557  C CA  . GLY A 1 73 ? -12.418 10.522  8.056   1.00 20.59 ? 73   GLY A CA  1 
ATOM   558  C C   . GLY A 1 73 ? -11.366 10.632  9.136   1.00 19.80 ? 73   GLY A C   1 
ATOM   559  O O   . GLY A 1 73 ? -10.946 11.729  9.505   1.00 19.33 ? 73   GLY A O   1 
ATOM   560  N N   . THR A 1 74 ? -10.966 9.484   9.663   1.00 20.16 ? 74   THR A N   1 
ATOM   561  C CA  . THR A 1 74 ? -9.948  9.410   10.700  1.00 20.67 ? 74   THR A CA  1 
ATOM   562  C C   . THR A 1 74 ? -8.568  9.585   10.060  1.00 18.53 ? 74   THR A C   1 
ATOM   563  O O   . THR A 1 74 ? -8.281  8.989   9.017   1.00 18.30 ? 74   THR A O   1 
ATOM   564  C CB  . THR A 1 74 ? -9.993  8.030   11.373  1.00 23.51 ? 74   THR A CB  1 
ATOM   565  O OG1 . THR A 1 74 ? -11.288 7.816   11.951  1.00 27.58 ? 74   THR A OG1 1 
ATOM   566  C CG2 . THR A 1 74 ? -8.928  7.919   12.445  1.00 21.77 ? 74   THR A CG2 1 
ATOM   567  N N   . VAL A 1 75 ? -7.727  10.416  10.665  1.00 17.96 ? 75   VAL A N   1 
ATOM   568  C CA  . VAL A 1 75 ? -6.379  10.641  10.166  1.00 18.31 ? 75   VAL A CA  1 
ATOM   569  C C   . VAL A 1 75 ? -5.407  10.372  11.312  1.00 18.09 ? 75   VAL A C   1 
ATOM   570  O O   . VAL A 1 75 ? -5.596  10.870  12.422  1.00 17.22 ? 75   VAL A O   1 
ATOM   571  C CB  . VAL A 1 75 ? -6.197  12.086  9.630   1.00 19.03 ? 75   VAL A CB  1 
ATOM   572  C CG1 . VAL A 1 75 ? -4.731  12.355  9.314   1.00 19.90 ? 75   VAL A CG1 1 
ATOM   573  C CG2 . VAL A 1 75 ? -7.024  12.277  8.366   1.00 18.39 ? 75   VAL A CG2 1 
ATOM   574  N N   . LEU A 1 76 ? -4.419  9.521   11.056  1.00 18.75 ? 76   LEU A N   1 
ATOM   575  C CA  . LEU A 1 76 ? -3.413  9.166   12.053  1.00 17.89 ? 76   LEU A CA  1 
ATOM   576  C C   . LEU A 1 76 ? -2.164  9.993   11.783  1.00 20.02 ? 76   LEU A C   1 
ATOM   577  O O   . LEU A 1 76 ? -1.735  10.107  10.638  1.00 20.35 ? 76   LEU A O   1 
ATOM   578  C CB  . LEU A 1 76 ? -3.075  7.677   11.955  1.00 15.84 ? 76   LEU A CB  1 
ATOM   579  C CG  . LEU A 1 76 ? -4.261  6.711   11.869  1.00 13.97 ? 76   LEU A CG  1 
ATOM   580  C CD1 . LEU A 1 76 ? -3.743  5.296   11.753  1.00 13.16 ? 76   LEU A CD1 1 
ATOM   581  C CD2 . LEU A 1 76 ? -5.184  6.859   13.084  1.00 12.61 ? 76   LEU A CD2 1 
ATOM   582  N N   . VAL A 1 77 ? -1.618  10.605  12.832  1.00 21.26 ? 77   VAL A N   1 
ATOM   583  C CA  . VAL A 1 77 ? -0.417  11.428  12.732  1.00 21.01 ? 77   VAL A CA  1 
ATOM   584  C C   . VAL A 1 77 ? 0.723   10.742  13.492  1.00 23.63 ? 77   VAL A C   1 
ATOM   585  O O   . VAL A 1 77 ? 0.560   10.371  14.662  1.00 24.61 ? 77   VAL A O   1 
ATOM   586  C CB  . VAL A 1 77 ? -0.659  12.836  13.344  1.00 19.87 ? 77   VAL A CB  1 
ATOM   587  C CG1 . VAL A 1 77 ? 0.610   13.648  13.317  1.00 19.74 ? 77   VAL A CG1 1 
ATOM   588  C CG2 . VAL A 1 77 ? -1.765  13.565  12.593  1.00 19.16 ? 77   VAL A CG2 1 
ATOM   589  N N   . GLY A 1 78 ? 1.867   10.560  12.835  1.00 23.98 ? 78   GLY A N   1 
ATOM   590  C CA  . GLY A 1 78 ? 2.990   9.916   13.495  1.00 25.04 ? 78   GLY A CA  1 
ATOM   591  C C   . GLY A 1 78 ? 4.243   9.816   12.644  1.00 25.20 ? 78   GLY A C   1 
ATOM   592  O O   . GLY A 1 78 ? 4.281   10.358  11.541  1.00 24.24 ? 78   GLY A O   1 
ATOM   593  N N   . PRO A 1 79 ? 5.283   9.106   13.123  1.00 25.07 ? 79   PRO A N   1 
ATOM   594  C CA  . PRO A 1 79 ? 6.564   8.917   12.430  1.00 24.56 ? 79   PRO A CA  1 
ATOM   595  C C   . PRO A 1 79 ? 6.540   8.040   11.179  1.00 24.99 ? 79   PRO A C   1 
ATOM   596  O O   . PRO A 1 79 ? 7.353   7.121   11.055  1.00 25.67 ? 79   PRO A O   1 
ATOM   597  C CB  . PRO A 1 79 ? 7.442   8.297   13.512  1.00 24.50 ? 79   PRO A CB  1 
ATOM   598  C CG  . PRO A 1 79 ? 6.463   7.490   14.306  1.00 24.56 ? 79   PRO A CG  1 
ATOM   599  C CD  . PRO A 1 79 ? 5.311   8.457   14.448  1.00 24.60 ? 79   PRO A CD  1 
ATOM   600  N N   . THR A 1 80 ? 5.627   8.319   10.250  1.00 24.08 ? 80   THR A N   1 
ATOM   601  C CA  . THR A 1 80 ? 5.553   7.543   9.014   1.00 22.72 ? 80   THR A CA  1 
ATOM   602  C C   . THR A 1 80 ? 6.611   8.110   8.060   1.00 24.76 ? 80   THR A C   1 
ATOM   603  O O   . THR A 1 80 ? 6.841   9.321   8.034   1.00 24.10 ? 80   THR A O   1 
ATOM   604  C CB  . THR A 1 80 ? 4.131   7.588   8.390   1.00 18.29 ? 80   THR A CB  1 
ATOM   605  O OG1 . THR A 1 80 ? 4.133   6.895   7.141   1.00 21.50 ? 80   THR A OG1 1 
ATOM   606  C CG2 . THR A 1 80 ? 3.673   9.001   8.166   1.00 12.70 ? 80   THR A CG2 1 
ATOM   607  N N   . PRO A 1 81 ? 7.294   7.237   7.296   1.00 26.99 ? 81   PRO A N   1 
ATOM   608  C CA  . PRO A 1 81 ? 8.340   7.667   6.351   1.00 27.60 ? 81   PRO A CA  1 
ATOM   609  C C   . PRO A 1 81 ? 7.807   8.528   5.214   1.00 28.76 ? 81   PRO A C   1 
ATOM   610  O O   . PRO A 1 81 ? 8.532   9.360   4.671   1.00 29.45 ? 81   PRO A O   1 
ATOM   611  C CB  . PRO A 1 81 ? 8.877   6.343   5.802   1.00 27.17 ? 81   PRO A CB  1 
ATOM   612  C CG  . PRO A 1 81 ? 8.461   5.321   6.823   1.00 28.05 ? 81   PRO A CG  1 
ATOM   613  C CD  . PRO A 1 81 ? 7.101   5.780   7.223   1.00 26.99 ? 81   PRO A CD  1 
ATOM   614  N N   . VAL A 1 82 ? 6.544   8.307   4.858   1.00 28.46 ? 82   VAL A N   1 
ATOM   615  C CA  . VAL A 1 82 ? 5.877   9.024   3.774   1.00 27.69 ? 82   VAL A CA  1 
ATOM   616  C C   . VAL A 1 82 ? 4.382   9.195   4.098   1.00 27.14 ? 82   VAL A C   1 
ATOM   617  O O   . VAL A 1 82 ? 3.800   8.394   4.846   1.00 24.60 ? 82   VAL A O   1 
ATOM   618  C CB  . VAL A 1 82 ? 6.058   8.250   2.423   1.00 28.43 ? 82   VAL A CB  1 
ATOM   619  C CG1 . VAL A 1 82 ? 5.701   6.796   2.585   1.00 28.22 ? 82   VAL A CG1 1 
ATOM   620  C CG2 . VAL A 1 82 ? 5.211   8.865   1.319   1.00 29.52 ? 82   VAL A CG2 1 
ATOM   621  N N   . ASN A 1 83 ? 3.778   10.275  3.604   1.00 25.77 ? 83   ASN A N   1 
ATOM   622  C CA  . ASN A 1 83 ? 2.353   10.508  3.830   1.00 22.08 ? 83   ASN A CA  1 
ATOM   623  C C   . ASN A 1 83 ? 1.593   9.477   2.991   1.00 22.69 ? 83   ASN A C   1 
ATOM   624  O O   . ASN A 1 83 ? 1.901   9.290   1.809   1.00 22.13 ? 83   ASN A O   1 
ATOM   625  C CB  . ASN A 1 83 ? 1.960   11.927  3.394   1.00 20.12 ? 83   ASN A CB  1 
ATOM   626  C CG  . ASN A 1 83 ? 2.554   13.011  4.289   1.00 20.53 ? 83   ASN A CG  1 
ATOM   627  O OD1 . ASN A 1 83 ? 2.706   12.823  5.494   1.00 20.90 ? 83   ASN A OD1 1 
ATOM   628  N ND2 . ASN A 1 83 ? 2.877   14.158  3.701   1.00 22.09 ? 83   ASN A ND2 1 
ATOM   629  N N   . ILE A 1 84 ? 0.644   8.762   3.596   1.00 22.41 ? 84   ILE A N   1 
ATOM   630  C CA  . ILE A 1 84 ? -0.117  7.761   2.848   1.00 22.92 ? 84   ILE A CA  1 
ATOM   631  C C   . ILE A 1 84 ? -1.627  7.942   2.996   1.00 22.67 ? 84   ILE A C   1 
ATOM   632  O O   . ILE A 1 84 ? -2.119  8.254   4.083   1.00 23.01 ? 84   ILE A O   1 
ATOM   633  C CB  . ILE A 1 84 ? 0.272   6.293   3.244   1.00 23.67 ? 84   ILE A CB  1 
ATOM   634  C CG1 . ILE A 1 84 ? -0.149  5.978   4.676   1.00 26.87 ? 84   ILE A CG1 1 
ATOM   635  C CG2 . ILE A 1 84 ? 1.776   6.076   3.116   1.00 23.56 ? 84   ILE A CG2 1 
ATOM   636  C CD1 . ILE A 1 84 ? 0.304   4.610   5.162   1.00 29.77 ? 84   ILE A CD1 1 
ATOM   637  N N   . ILE A 1 85 ? -2.346  7.827   1.880   1.00 21.71 ? 85   ILE A N   1 
ATOM   638  C CA  . ILE A 1 85 ? -3.805  7.936   1.882   1.00 20.58 ? 85   ILE A CA  1 
ATOM   639  C C   . ILE A 1 85 ? -4.308  6.499   1.819   1.00 17.46 ? 85   ILE A C   1 
ATOM   640  O O   . ILE A 1 85 ? -4.114  5.811   0.817   1.00 16.40 ? 85   ILE A O   1 
ATOM   641  C CB  . ILE A 1 85 ? -4.348  8.733   0.648   1.00 21.57 ? 85   ILE A CB  1 
ATOM   642  C CG1 . ILE A 1 85 ? -3.763  10.148  0.604   1.00 18.06 ? 85   ILE A CG1 1 
ATOM   643  C CG2 . ILE A 1 85 ? -5.872  8.808   0.689   1.00 21.60 ? 85   ILE A CG2 1 
ATOM   644  C CD1 . ILE A 1 85 ? -4.073  11.012  1.816   1.00 16.20 ? 85   ILE A CD1 1 
ATOM   645  N N   . GLY A 1 86 ? -4.929  6.042   2.895   1.00 15.84 ? 86   GLY A N   1 
ATOM   646  C CA  . GLY A 1 86 ? -5.414  4.676   2.927   1.00 16.49 ? 86   GLY A CA  1 
ATOM   647  C C   . GLY A 1 86 ? -6.828  4.494   2.431   1.00 15.08 ? 86   GLY A C   1 
ATOM   648  O O   . GLY A 1 86 ? -7.493  5.460   2.050   1.00 14.52 ? 86   GLY A O   1 
ATOM   649  N N   . ARG A 1 87 ? -7.300  3.252   2.480   1.00 13.83 ? 87   ARG A N   1 
ATOM   650  C CA  . ARG A 1 87 ? -8.635  2.894   2.025   1.00 12.58 ? 87   ARG A CA  1 
ATOM   651  C C   . ARG A 1 87 ? -9.786  3.639   2.682   1.00 17.55 ? 87   ARG A C   1 
ATOM   652  O O   . ARG A 1 87 ? -10.836 3.793   2.066   1.00 18.73 ? 87   ARG A O   1 
ATOM   653  C CB  . ARG A 1 87 ? -8.866  1.399   2.186   1.00 8.49  ? 87   ARG A CB  1 
ATOM   654  C CG  . ARG A 1 87 ? -7.980  0.535   1.330   1.00 9.42  ? 87   ARG A CG  1 
ATOM   655  C CD  . ARG A 1 87 ? -8.414  -0.918  1.401   1.00 11.60 ? 87   ARG A CD  1 
ATOM   656  N NE  . ARG A 1 87 ? -8.331  -1.460  2.758   1.00 18.55 ? 87   ARG A NE  1 
ATOM   657  C CZ  . ARG A 1 87 ? -9.365  -1.609  3.585   1.00 23.61 ? 87   ARG A CZ  1 
ATOM   658  N NH1 . ARG A 1 87 ? -10.599 -1.303  3.195   1.00 19.96 ? 87   ARG A NH1 1 
ATOM   659  N NH2 . ARG A 1 87 ? -9.172  -2.110  4.795   1.00 17.94 ? 87   ARG A NH2 1 
ATOM   660  N N   . ASN A 1 88 ? -9.601  4.119   3.911   1.00 19.03 ? 88   ASN A N   1 
ATOM   661  C CA  . ASN A 1 88 ? -10.680 4.828   4.600   1.00 19.55 ? 88   ASN A CA  1 
ATOM   662  C C   . ASN A 1 88 ? -11.052 6.144   3.916   1.00 22.77 ? 88   ASN A C   1 
ATOM   663  O O   . ASN A 1 88 ? -12.167 6.635   4.090   1.00 22.90 ? 88   ASN A O   1 
ATOM   664  C CB  . ASN A 1 88 ? -10.335 5.072   6.073   1.00 13.88 ? 88   ASN A CB  1 
ATOM   665  C CG  . ASN A 1 88 ? -9.243  6.107   6.262   1.00 14.38 ? 88   ASN A CG  1 
ATOM   666  O OD1 . ASN A 1 88 ? -8.170  6.012   5.674   1.00 20.25 ? 88   ASN A OD1 1 
ATOM   667  N ND2 . ASN A 1 88 ? -9.508  7.094   7.106   1.00 13.55 ? 88   ASN A ND2 1 
ATOM   668  N N   . LEU A 1 89 ? -10.114 6.722   3.161   1.00 22.79 ? 89   LEU A N   1 
ATOM   669  C CA  . LEU A 1 89 ? -10.358 7.978   2.445   1.00 21.95 ? 89   LEU A CA  1 
ATOM   670  C C   . LEU A 1 89 ? -10.409 7.735   0.937   1.00 21.09 ? 89   LEU A C   1 
ATOM   671  O O   . LEU A 1 89 ? -11.110 8.439   0.208   1.00 21.88 ? 89   LEU A O   1 
ATOM   672  C CB  . LEU A 1 89 ? -9.300  9.030   2.790   1.00 21.75 ? 89   LEU A CB  1 
ATOM   673  C CG  . LEU A 1 89 ? -9.443  9.668   4.175   1.00 24.64 ? 89   LEU A CG  1 
ATOM   674  C CD1 . LEU A 1 89 ? -8.344  10.690  4.417   1.00 26.30 ? 89   LEU A CD1 1 
ATOM   675  C CD2 . LEU A 1 89 ? -10.798 10.336  4.287   1.00 25.04 ? 89   LEU A CD2 1 
ATOM   676  N N   . LEU A 1 90 ? -9.684  6.715   0.484   1.00 18.74 ? 90   LEU A N   1 
ATOM   677  C CA  . LEU A 1 90 ? -9.645  6.345   -0.922  1.00 19.35 ? 90   LEU A CA  1 
ATOM   678  C C   . LEU A 1 90 ? -11.046 6.022   -1.416  1.00 20.48 ? 90   LEU A C   1 
ATOM   679  O O   . LEU A 1 90 ? -11.409 6.366   -2.544  1.00 21.05 ? 90   LEU A O   1 
ATOM   680  C CB  . LEU A 1 90 ? -8.746  5.125   -1.114  1.00 19.32 ? 90   LEU A CB  1 
ATOM   681  C CG  . LEU A 1 90 ? -7.441  5.304   -1.901  1.00 19.84 ? 90   LEU A CG  1 
ATOM   682  C CD1 . LEU A 1 90 ? -6.830  6.674   -1.718  1.00 17.57 ? 90   LEU A CD1 1 
ATOM   683  C CD2 . LEU A 1 90 ? -6.480  4.227   -1.474  1.00 19.96 ? 90   LEU A CD2 1 
ATOM   684  N N   . THR A 1 91 ? -11.822 5.341   -0.577  1.00 19.02 ? 91   THR A N   1 
ATOM   685  C CA  . THR A 1 91 ? -13.195 4.977   -0.925  1.00 18.89 ? 91   THR A CA  1 
ATOM   686  C C   . THR A 1 91 ? -14.062 6.225   -1.090  1.00 20.30 ? 91   THR A C   1 
ATOM   687  O O   . THR A 1 91 ? -14.854 6.317   -2.020  1.00 21.76 ? 91   THR A O   1 
ATOM   688  C CB  . THR A 1 91 ? -13.857 4.088   0.151   1.00 13.95 ? 91   THR A CB  1 
ATOM   689  O OG1 . THR A 1 91 ? -13.776 4.737   1.420   1.00 11.85 ? 91   THR A OG1 1 
ATOM   690  C CG2 . THR A 1 91 ? -13.199 2.744   0.232   1.00 10.27 ? 91   THR A CG2 1 
ATOM   691  N N   . GLN A 1 92 ? -13.891 7.191   -0.194  1.00 19.88 ? 92   GLN A N   1 
ATOM   692  C CA  . GLN A 1 92 ? -14.666 8.423   -0.218  1.00 19.68 ? 92   GLN A CA  1 
ATOM   693  C C   . GLN A 1 92 ? -14.539 9.239   -1.499  1.00 21.59 ? 92   GLN A C   1 
ATOM   694  O O   . GLN A 1 92 ? -15.496 9.901   -1.907  1.00 20.81 ? 92   GLN A O   1 
ATOM   695  C CB  . GLN A 1 92 ? -14.313 9.290   0.994   1.00 16.59 ? 92   GLN A CB  1 
ATOM   696  C CG  . GLN A 1 92 ? -14.554 8.598   2.331   1.00 17.02 ? 92   GLN A CG  1 
ATOM   697  C CD  . GLN A 1 92 ? -15.994 8.147   2.499   1.00 17.98 ? 92   GLN A CD  1 
ATOM   698  O OE1 . GLN A 1 92 ? -16.333 6.984   2.265   1.00 17.08 ? 92   GLN A OE1 1 
ATOM   699  N NE2 . GLN A 1 92 ? -16.847 9.070   2.903   1.00 12.75 ? 92   GLN A NE2 1 
ATOM   700  N N   . ILE A 1 93 ? -13.364 9.214   -2.127  1.00 22.72 ? 93   ILE A N   1 
ATOM   701  C CA  . ILE A 1 93 ? -13.169 9.967   -3.367  1.00 21.85 ? 93   ILE A CA  1 
ATOM   702  C C   . ILE A 1 93 ? -13.588 9.139   -4.577  1.00 21.78 ? 93   ILE A C   1 
ATOM   703  O O   . ILE A 1 93 ? -13.533 9.620   -5.704  1.00 21.62 ? 93   ILE A O   1 
ATOM   704  C CB  . ILE A 1 93 ? -11.706 10.470  -3.549  1.00 21.49 ? 93   ILE A CB  1 
ATOM   705  C CG1 . ILE A 1 93 ? -10.741 9.291   -3.700  1.00 21.17 ? 93   ILE A CG1 1 
ATOM   706  C CG2 . ILE A 1 93 ? -11.302 11.368  -2.385  1.00 20.87 ? 93   ILE A CG2 1 
ATOM   707  C CD1 . ILE A 1 93 ? -9.348  9.696   -4.095  1.00 22.94 ? 93   ILE A CD1 1 
ATOM   708  N N   . GLY A 1 94 ? -14.019 7.900   -4.332  1.00 21.61 ? 94   GLY A N   1 
ATOM   709  C CA  . GLY A 1 94 ? -14.462 7.019   -5.404  1.00 22.09 ? 94   GLY A CA  1 
ATOM   710  C C   . GLY A 1 94 ? -13.352 6.293   -6.145  1.00 23.15 ? 94   GLY A C   1 
ATOM   711  O O   . GLY A 1 94 ? -13.531 5.872   -7.290  1.00 22.19 ? 94   GLY A O   1 
ATOM   712  N N   . CYS A 1 95 ? -12.233 6.077   -5.463  1.00 23.72 ? 95   CYS A N   1 
ATOM   713  C CA  . CYS A 1 95 ? -11.082 5.414   -6.051  1.00 23.61 ? 95   CYS A CA  1 
ATOM   714  C C   . CYS A 1 95 ? -11.197 3.890   -6.056  1.00 21.33 ? 95   CYS A C   1 
ATOM   715  O O   . CYS A 1 95 ? -11.576 3.282   -5.056  1.00 19.81 ? 95   CYS A O   1 
ATOM   716  C CB  . CYS A 1 95 ? -9.817  5.863   -5.316  1.00 24.76 ? 95   CYS A CB  1 
ATOM   717  S SG  . CYS A 1 95 ? -8.280  5.265   -6.024  1.00 25.35 ? 95   CYS A SG  1 
ATOM   718  N N   . THR A 1 96 ? -10.909 3.283   -7.204  1.00 20.33 ? 96   THR A N   1 
ATOM   719  C CA  . THR A 1 96 ? -10.963 1.839   -7.358  1.00 18.25 ? 96   THR A CA  1 
ATOM   720  C C   . THR A 1 96 ? -9.726  1.341   -8.110  1.00 19.60 ? 96   THR A C   1 
ATOM   721  O O   . THR A 1 96 ? -8.951  2.140   -8.640  1.00 19.63 ? 96   THR A O   1 
ATOM   722  C CB  . THR A 1 96 ? -12.224 1.396   -8.151  1.00 22.47 ? 96   THR A CB  1 
ATOM   723  O OG1 . THR A 1 96 ? -12.239 2.025   -9.443  1.00 19.05 ? 96   THR A OG1 1 
ATOM   724  C CG2 . THR A 1 96 ? -13.498 1.748   -7.390  1.00 21.93 ? 96   THR A CG2 1 
ATOM   725  N N   . LEU A 1 97 ? -9.533  0.022   -8.113  1.00 20.78 ? 97   LEU A N   1 
ATOM   726  C CA  . LEU A 1 97 ? -8.428  -0.616  -8.816  1.00 22.57 ? 97   LEU A CA  1 
ATOM   727  C C   . LEU A 1 97 ? -9.045  -1.224  -10.064 1.00 23.96 ? 97   LEU A C   1 
ATOM   728  O O   . LEU A 1 97 ? -10.096 -1.874  -9.984  1.00 24.13 ? 97   LEU A O   1 
ATOM   729  C CB  . LEU A 1 97 ? -7.810  -1.732  -7.969  1.00 22.54 ? 97   LEU A CB  1 
ATOM   730  C CG  . LEU A 1 97 ? -6.870  -1.328  -6.839  1.00 22.40 ? 97   LEU A CG  1 
ATOM   731  C CD1 . LEU A 1 97 ? -6.524  -2.559  -6.047  1.00 23.10 ? 97   LEU A CD1 1 
ATOM   732  C CD2 . LEU A 1 97 ? -5.612  -0.679  -7.413  1.00 23.50 ? 97   LEU A CD2 1 
ATOM   733  N N   . ASN A 1 98 ? -8.409  -1.022  -11.214 1.00 24.49 ? 98   ASN A N   1 
ATOM   734  C CA  . ASN A 1 98 ? -8.948  -1.557  -12.458 1.00 26.03 ? 98   ASN A CA  1 
ATOM   735  C C   . ASN A 1 98 ? -7.884  -2.209  -13.309 1.00 26.89 ? 98   ASN A C   1 
ATOM   736  O O   . ASN A 1 98 ? -6.767  -1.706  -13.409 1.00 27.74 ? 98   ASN A O   1 
ATOM   737  C CB  . ASN A 1 98 ? -9.645  -0.455  -13.271 1.00 26.30 ? 98   ASN A CB  1 
ATOM   738  C CG  . ASN A 1 98 ? -10.889 0.079   -12.589 1.00 22.31 ? 98   ASN A CG  1 
ATOM   739  O OD1 . ASN A 1 98 ? -11.989 -0.418  -12.805 1.00 30.47 ? 98   ASN A OD1 1 
ATOM   740  N ND2 . ASN A 1 98 ? -10.720 1.092   -11.759 1.00 17.03 ? 98   ASN A ND2 1 
ATOM   741  N N   . PHE A 1 99 ? -8.244  -3.346  -13.892 1.00 28.21 ? 99   PHE A N   1 
ATOM   742  C CA  . PHE A 1 99 ? -7.384  -4.117  -14.778 1.00 30.62 ? 99   PHE A CA  1 
ATOM   743  C C   . PHE A 1 99 ? -8.244  -5.170  -15.480 1.00 32.03 ? 99   PHE A C   1 
ATOM   744  O O   . PHE A 1 99 ? -9.455  -5.245  -15.174 1.00 32.20 ? 99   PHE A O   1 
ATOM   745  C CB  . PHE A 1 99 ? -6.216  -4.778  -14.014 1.00 30.98 ? 99   PHE A CB  1 
ATOM   746  C CG  . PHE A 1 99 ? -6.631  -5.853  -13.040 1.00 30.39 ? 99   PHE A CG  1 
ATOM   747  C CD1 . PHE A 1 99 ? -6.723  -7.181  -13.448 1.00 30.16 ? 99   PHE A CD1 1 
ATOM   748  C CD2 . PHE A 1 99 ? -6.888  -5.545  -11.706 1.00 29.91 ? 99   PHE A CD2 1 
ATOM   749  C CE1 . PHE A 1 99 ? -7.062  -8.185  -12.546 1.00 29.55 ? 99   PHE A CE1 1 
ATOM   750  C CE2 . PHE A 1 99 ? -7.227  -6.541  -10.798 1.00 29.71 ? 99   PHE A CE2 1 
ATOM   751  C CZ  . PHE A 1 99 ? -7.312  -7.862  -11.219 1.00 29.93 ? 99   PHE A CZ  1 
ATOM   752  O OXT . PHE A 1 99 ? -7.712  -5.905  -16.331 1.00 34.22 ? 99   PHE A OXT 1 
ATOM   753  N N   . PRO B 1 1  ? -11.065 -6.699  -13.851 1.00 39.73 ? 1    PRO B N   1 
ATOM   754  C CA  . PRO B 1 1  ? -12.301 -6.349  -13.118 1.00 38.31 ? 1    PRO B CA  1 
ATOM   755  C C   . PRO B 1 1  ? -12.084 -5.055  -12.353 1.00 35.37 ? 1    PRO B C   1 
ATOM   756  O O   . PRO B 1 1  ? -11.009 -4.466  -12.427 1.00 34.32 ? 1    PRO B O   1 
ATOM   757  C CB  . PRO B 1 1  ? -12.568 -7.494  -12.147 1.00 38.95 ? 1    PRO B CB  1 
ATOM   758  C CG  . PRO B 1 1  ? -11.164 -8.084  -11.969 1.00 39.46 ? 1    PRO B CG  1 
ATOM   759  C CD  . PRO B 1 1  ? -10.574 -8.007  -13.381 1.00 40.01 ? 1    PRO B CD  1 
ATOM   760  N N   . GLN B 1 2  ? -13.115 -4.596  -11.653 1.00 32.00 ? 2    GLN B N   1 
ATOM   761  C CA  . GLN B 1 2  ? -13.007 -3.387  -10.853 1.00 29.86 ? 2    GLN B CA  1 
ATOM   762  C C   . GLN B 1 2  ? -13.062 -3.830  -9.403  1.00 29.08 ? 2    GLN B C   1 
ATOM   763  O O   . GLN B 1 2  ? -13.891 -4.666  -9.035  1.00 28.92 ? 2    GLN B O   1 
ATOM   764  C CB  . GLN B 1 2  ? -14.146 -2.412  -11.136 1.00 25.26 ? 2    GLN B CB  1 
ATOM   765  C CG  . GLN B 1 2  ? -14.087 -1.197  -10.236 1.00 26.89 ? 2    GLN B CG  1 
ATOM   766  C CD  . GLN B 1 2  ? -15.090 -0.141  -10.603 1.00 35.21 ? 2    GLN B CD  1 
ATOM   767  O OE1 . GLN B 1 2  ? -14.801 0.753   -11.395 1.00 42.09 ? 2    GLN B OE1 1 
ATOM   768  N NE2 . GLN B 1 2  ? -16.277 -0.227  -10.025 1.00 43.24 ? 2    GLN B NE2 1 
ATOM   769  N N   . ILE B 1 3  ? -12.170 -3.288  -8.583  1.00 26.73 ? 3    ILE B N   1 
ATOM   770  C CA  . ILE B 1 3  ? -12.115 -3.645  -7.178  1.00 23.41 ? 3    ILE B CA  1 
ATOM   771  C C   . ILE B 1 3  ? -12.288 -2.389  -6.332  1.00 22.18 ? 3    ILE B C   1 
ATOM   772  O O   . ILE B 1 3  ? -11.495 -1.454  -6.440  1.00 21.22 ? 3    ILE B O   1 
ATOM   773  C CB  . ILE B 1 3  ? -10.758 -4.335  -6.845  1.00 22.16 ? 3    ILE B CB  1 
ATOM   774  C CG1 . ILE B 1 3  ? -10.622 -5.631  -7.643  1.00 21.34 ? 3    ILE B CG1 1 
ATOM   775  C CG2 . ILE B 1 3  ? -10.662 -4.651  -5.363  1.00 20.91 ? 3    ILE B CG2 1 
ATOM   776  C CD1 . ILE B 1 3  ? -9.260  -6.274  -7.558  1.00 19.02 ? 3    ILE B CD1 1 
ATOM   777  N N   . THR B 1 4  ? -13.370 -2.323  -5.559  1.00 21.22 ? 4    THR B N   1 
ATOM   778  C CA  . THR B 1 4  ? -13.576 -1.165  -4.696  1.00 19.16 ? 4    THR B CA  1 
ATOM   779  C C   . THR B 1 4  ? -12.663 -1.373  -3.478  1.00 18.56 ? 4    THR B C   1 
ATOM   780  O O   . THR B 1 4  ? -12.129 -2.464  -3.278  1.00 18.95 ? 4    THR B O   1 
ATOM   781  C CB  . THR B 1 4  ? -15.059 -1.002  -4.268  1.00 22.47 ? 4    THR B CB  1 
ATOM   782  O OG1 . THR B 1 4  ? -15.564 -2.243  -3.757  1.00 22.35 ? 4    THR B OG1 1 
ATOM   783  C CG2 . THR B 1 4  ? -15.912 -0.558  -5.450  1.00 20.33 ? 4    THR B CG2 1 
ATOM   784  N N   . LEU B 1 5  ? -12.525 -0.361  -2.633  1.00 17.31 ? 5    LEU B N   1 
ATOM   785  C CA  . LEU B 1 5  ? -11.629 -0.473  -1.492  1.00 17.46 ? 5    LEU B CA  1 
ATOM   786  C C   . LEU B 1 5  ? -12.304 -0.422  -0.115  1.00 18.31 ? 5    LEU B C   1 
ATOM   787  O O   . LEU B 1 5  ? -11.686 -0.015  0.872   1.00 17.74 ? 5    LEU B O   1 
ATOM   788  C CB  . LEU B 1 5  ? -10.567 0.624   -1.605  1.00 16.33 ? 5    LEU B CB  1 
ATOM   789  C CG  . LEU B 1 5  ? -9.822  0.627   -2.946  1.00 14.60 ? 5    LEU B CG  1 
ATOM   790  C CD1 . LEU B 1 5  ? -8.962  1.883   -3.072  1.00 12.34 ? 5    LEU B CD1 1 
ATOM   791  C CD2 . LEU B 1 5  ? -8.997  -0.644  -3.067  1.00 13.86 ? 5    LEU B CD2 1 
ATOM   792  N N   . TRP B 1 6  ? -13.559 -0.856  -0.044  1.00 18.32 ? 6    TRP B N   1 
ATOM   793  C CA  . TRP B 1 6  ? -14.315 -0.837  1.210   1.00 18.45 ? 6    TRP B CA  1 
ATOM   794  C C   . TRP B 1 6  ? -13.728 -1.865  2.152   1.00 19.41 ? 6    TRP B C   1 
ATOM   795  O O   . TRP B 1 6  ? -13.809 -1.738  3.372   1.00 20.85 ? 6    TRP B O   1 
ATOM   796  C CB  . TRP B 1 6  ? -15.794 -1.109  0.926   1.00 17.80 ? 6    TRP B CB  1 
ATOM   797  C CG  . TRP B 1 6  ? -16.374 -0.043  0.047   1.00 16.39 ? 6    TRP B CG  1 
ATOM   798  C CD1 . TRP B 1 6  ? -16.585 -0.116  -1.305  1.00 15.87 ? 6    TRP B CD1 1 
ATOM   799  C CD2 . TRP B 1 6  ? -16.720 1.288   0.437   1.00 14.77 ? 6    TRP B CD2 1 
ATOM   800  N NE1 . TRP B 1 6  ? -17.026 1.100   -1.777  1.00 15.65 ? 6    TRP B NE1 1 
ATOM   801  C CE2 . TRP B 1 6  ? -17.121 1.979   -0.731  1.00 15.17 ? 6    TRP B CE2 1 
ATOM   802  C CE3 . TRP B 1 6  ? -16.725 1.971   1.661   1.00 14.31 ? 6    TRP B CE3 1 
ATOM   803  C CZ2 . TRP B 1 6  ? -17.523 3.322   -0.709  1.00 14.67 ? 6    TRP B CZ2 1 
ATOM   804  C CZ3 . TRP B 1 6  ? -17.123 3.307   1.682   1.00 14.43 ? 6    TRP B CZ3 1 
ATOM   805  C CH2 . TRP B 1 6  ? -17.517 3.967   0.502   1.00 14.27 ? 6    TRP B CH2 1 
ATOM   806  N N   . LYS B 1 7  ? -13.122 -2.879  1.557   1.00 21.03 ? 7    LYS B N   1 
ATOM   807  C CA  . LYS B 1 7  ? -12.455 -3.928  2.296   1.00 23.69 ? 7    LYS B CA  1 
ATOM   808  C C   . LYS B 1 7  ? -11.083 -4.139  1.637   1.00 23.34 ? 7    LYS B C   1 
ATOM   809  O O   . LYS B 1 7  ? -10.811 -3.576  0.570   1.00 21.59 ? 7    LYS B O   1 
ATOM   810  C CB  . LYS B 1 7  ? -13.308 -5.203  2.371   1.00 26.13 ? 7    LYS B CB  1 
ATOM   811  C CG  . LYS B 1 7  ? -13.780 -5.797  1.074   1.00 32.69 ? 7    LYS B CG  1 
ATOM   812  C CD  . LYS B 1 7  ? -14.827 -6.869  1.372   1.00 47.03 ? 7    LYS B CD  1 
ATOM   813  C CE  . LYS B 1 7  ? -15.246 -7.642  0.126   1.00 57.33 ? 7    LYS B CE  1 
ATOM   814  N NZ  . LYS B 1 7  ? -14.127 -8.440  -0.446  1.00 60.28 ? 7    LYS B NZ  1 
ATOM   815  N N   . ARG B 1 8  ? -10.192 -4.858  2.306   1.00 23.12 ? 8    ARG B N   1 
ATOM   816  C CA  . ARG B 1 8  ? -8.851  -5.080  1.769   1.00 19.57 ? 8    ARG B CA  1 
ATOM   817  C C   . ARG B 1 8  ? -8.844  -5.749  0.409   1.00 15.09 ? 8    ARG B C   1 
ATOM   818  O O   . ARG B 1 8  ? -9.466  -6.796  0.235   1.00 12.06 ? 8    ARG B O   1 
ATOM   819  C CB  . ARG B 1 8  ? -8.000  -5.887  2.748   1.00 15.02 ? 8    ARG B CB  1 
ATOM   820  C CG  . ARG B 1 8  ? -7.664  -5.132  4.006   1.00 12.06 ? 8    ARG B CG  1 
ATOM   821  C CD  . ARG B 1 8  ? -6.868  -6.014  4.926   1.00 20.95 ? 8    ARG B CD  1 
ATOM   822  N NE  . ARG B 1 8  ? -6.540  -5.336  6.172   1.00 23.78 ? 8    ARG B NE  1 
ATOM   823  C CZ  . ARG B 1 8  ? -6.584  -5.917  7.366   1.00 29.69 ? 8    ARG B CZ  1 
ATOM   824  N NH1 . ARG B 1 8  ? -6.922  -7.196  7.467   1.00 24.58 ? 8    ARG B NH1 1 
ATOM   825  N NH2 . ARG B 1 8  ? -6.275  -5.230  8.455   1.00 20.86 ? 8    ARG B NH2 1 
ATOM   826  N N   . PRO B 1 9  ? -8.144  -5.160  -0.568  1.00 15.16 ? 9    PRO B N   1 
ATOM   827  C CA  . PRO B 1 9  ? -8.070  -5.717  -1.922  1.00 15.83 ? 9    PRO B CA  1 
ATOM   828  C C   . PRO B 1 9  ? -7.194  -6.974  -2.000  1.00 18.68 ? 9    PRO B C   1 
ATOM   829  O O   . PRO B 1 9  ? -6.123  -6.952  -2.613  1.00 19.18 ? 9    PRO B O   1 
ATOM   830  C CB  . PRO B 1 9  ? -7.485  -4.572  -2.741  1.00 15.48 ? 9    PRO B CB  1 
ATOM   831  C CG  . PRO B 1 9  ? -6.567  -3.890  -1.745  1.00 15.55 ? 9    PRO B CG  1 
ATOM   832  C CD  . PRO B 1 9  ? -7.436  -3.851  -0.507  1.00 14.11 ? 9    PRO B CD  1 
ATOM   833  N N   . LEU B 1 10 ? -7.653  -8.052  -1.370  1.00 20.10 ? 10   LEU B N   1 
ATOM   834  C CA  . LEU B 1 10 ? -6.947  -9.335  -1.351  1.00 20.81 ? 10   LEU B CA  1 
ATOM   835  C C   . LEU B 1 10 ? -7.401  -10.198 -2.509  1.00 21.13 ? 10   LEU B C   1 
ATOM   836  O O   . LEU B 1 10 ? -8.599  -10.323 -2.750  1.00 25.60 ? 10   LEU B O   1 
ATOM   837  C CB  . LEU B 1 10 ? -7.266  -10.092 -0.065  1.00 21.13 ? 10   LEU B CB  1 
ATOM   838  C CG  . LEU B 1 10 ? -6.814  -9.468  1.244   1.00 24.26 ? 10   LEU B CG  1 
ATOM   839  C CD1 . LEU B 1 10 ? -7.549  -10.130 2.397   1.00 26.34 ? 10   LEU B CD1 1 
ATOM   840  C CD2 . LEU B 1 10 ? -5.323  -9.649  1.382   1.00 26.73 ? 10   LEU B CD2 1 
ATOM   841  N N   . VAL B 1 11 ? -6.462  -10.828 -3.198  1.00 17.33 ? 11   VAL B N   1 
ATOM   842  C CA  . VAL B 1 11 ? -6.801  -11.697 -4.318  1.00 17.73 ? 11   VAL B CA  1 
ATOM   843  C C   . VAL B 1 11 ? -6.045  -13.006 -4.177  1.00 19.46 ? 11   VAL B C   1 
ATOM   844  O O   . VAL B 1 11 ? -5.169  -13.129 -3.319  1.00 20.92 ? 11   VAL B O   1 
ATOM   845  C CB  . VAL B 1 11 ? -6.442  -11.055 -5.688  1.00 17.41 ? 11   VAL B CB  1 
ATOM   846  C CG1 . VAL B 1 11 ? -7.267  -9.791  -5.905  1.00 17.81 ? 11   VAL B CG1 1 
ATOM   847  C CG2 . VAL B 1 11 ? -4.946  -10.751 -5.766  1.00 16.36 ? 11   VAL B CG2 1 
ATOM   848  N N   . THR B 1 12 ? -6.419  -13.998 -4.974  1.00 19.84 ? 12   THR B N   1 
ATOM   849  C CA  . THR B 1 12 ? -5.730  -15.274 -4.948  1.00 23.01 ? 12   THR B CA  1 
ATOM   850  C C   . THR B 1 12 ? -4.639  -15.225 -6.013  1.00 26.10 ? 12   THR B C   1 
ATOM   851  O O   . THR B 1 12 ? -4.885  -14.796 -7.151  1.00 26.54 ? 12   THR B O   1 
ATOM   852  C CB  . THR B 1 12 ? -6.676  -16.444 -5.273  1.00 26.66 ? 12   THR B CB  1 
ATOM   853  O OG1 . THR B 1 12 ? -7.756  -16.459 -4.335  1.00 31.55 ? 12   THR B OG1 1 
ATOM   854  C CG2 . THR B 1 12 ? -5.931  -17.777 -5.182  1.00 25.03 ? 12   THR B CG2 1 
ATOM   855  N N   . ILE B 1 13 ? -3.426  -15.592 -5.612  1.00 25.49 ? 13   ILE B N   1 
ATOM   856  C CA  . ILE B 1 13 ? -2.283  -15.638 -6.519  1.00 24.07 ? 13   ILE B CA  1 
ATOM   857  C C   . ILE B 1 13 ? -1.764  -17.065 -6.511  1.00 24.43 ? 13   ILE B C   1 
ATOM   858  O O   . ILE B 1 13 ? -1.992  -17.807 -5.551  1.00 25.09 ? 13   ILE B O   1 
ATOM   859  C CB  . ILE B 1 13 ? -1.121  -14.705 -6.073  1.00 22.62 ? 13   ILE B CB  1 
ATOM   860  C CG1 . ILE B 1 13 ? -0.535  -15.181 -4.736  1.00 21.05 ? 13   ILE B CG1 1 
ATOM   861  C CG2 . ILE B 1 13 ? -1.599  -13.251 -6.014  1.00 22.82 ? 13   ILE B CG2 1 
ATOM   862  C CD1 . ILE B 1 13 ? 0.783   -14.517 -4.354  1.00 18.77 ? 13   ILE B CD1 1 
ATOM   863  N N   . LYS B 1 14 ? -1.092  -17.461 -7.584  1.00 25.05 ? 14   LYS B N   1 
ATOM   864  C CA  . LYS B 1 14 ? -0.520  -18.794 -7.671  1.00 23.92 ? 14   LYS B CA  1 
ATOM   865  C C   . LYS B 1 14 ? 0.963   -18.642 -7.967  1.00 24.68 ? 14   LYS B C   1 
ATOM   866  O O   . LYS B 1 14 ? 1.355   -18.123 -9.017  1.00 24.45 ? 14   LYS B O   1 
ATOM   867  C CB  . LYS B 1 14 ? -1.207  -19.629 -8.757  1.00 15.92 ? 14   LYS B CB  1 
ATOM   868  C CG  . LYS B 1 14 ? -0.700  -21.054 -8.816  1.00 19.45 ? 14   LYS B CG  1 
ATOM   869  C CD  . LYS B 1 14 ? -1.627  -21.977 -9.593  1.00 19.48 ? 14   LYS B CD  1 
ATOM   870  C CE  . LYS B 1 14 ? -1.733  -21.593 -11.052 1.00 28.23 ? 14   LYS B CE  1 
ATOM   871  N NZ  . LYS B 1 14 ? -2.616  -22.557 -11.767 1.00 33.35 ? 14   LYS B NZ  1 
ATOM   872  N N   . ILE B 1 15 ? 1.783   -19.059 -7.014  1.00 25.21 ? 15   ILE B N   1 
ATOM   873  C CA  . ILE B 1 15 ? 3.228   -18.975 -7.158  1.00 26.74 ? 15   ILE B CA  1 
ATOM   874  C C   . ILE B 1 15 ? 3.824   -20.338 -6.813  1.00 27.92 ? 15   ILE B C   1 
ATOM   875  O O   . ILE B 1 15 ? 3.780   -20.783 -5.668  1.00 29.11 ? 15   ILE B O   1 
ATOM   876  C CB  . ILE B 1 15 ? 3.819   -17.813 -6.278  1.00 27.17 ? 15   ILE B CB  1 
ATOM   877  C CG1 . ILE B 1 15 ? 5.338   -17.731 -6.433  1.00 27.26 ? 15   ILE B CG1 1 
ATOM   878  C CG2 . ILE B 1 15 ? 3.410   -17.957 -4.813  1.00 26.79 ? 15   ILE B CG2 1 
ATOM   879  C CD1 . ILE B 1 15 ? 5.933   -16.465 -5.842  1.00 20.83 ? 15   ILE B CD1 1 
ATOM   880  N N   . GLY B 1 16 ? 4.294   -21.038 -7.838  1.00 29.04 ? 16   GLY B N   1 
ATOM   881  C CA  . GLY B 1 16 ? 4.874   -22.350 -7.631  1.00 32.74 ? 16   GLY B CA  1 
ATOM   882  C C   . GLY B 1 16 ? 3.841   -23.446 -7.454  1.00 35.62 ? 16   GLY B C   1 
ATOM   883  O O   . GLY B 1 16 ? 4.086   -24.441 -6.771  1.00 35.85 ? 16   GLY B O   1 
ATOM   884  N N   . GLY B 1 17 ? 2.679   -23.268 -8.070  1.00 37.00 ? 17   GLY B N   1 
ATOM   885  C CA  . GLY B 1 17 ? 1.633   -24.268 -7.959  1.00 38.12 ? 17   GLY B CA  1 
ATOM   886  C C   . GLY B 1 17 ? 0.815   -24.202 -6.679  1.00 38.67 ? 17   GLY B C   1 
ATOM   887  O O   . GLY B 1 17 ? -0.179  -24.922 -6.543  1.00 41.14 ? 17   GLY B O   1 
ATOM   888  N N   . GLN B 1 18 ? 1.230   -23.372 -5.726  1.00 35.32 ? 18   GLN B N   1 
ATOM   889  C CA  . GLN B 1 18 ? 0.485   -23.248 -4.482  1.00 33.84 ? 18   GLN B CA  1 
ATOM   890  C C   . GLN B 1 18 ? -0.246  -21.913 -4.434  1.00 31.33 ? 18   GLN B C   1 
ATOM   891  O O   . GLN B 1 18 ? 0.323   -20.877 -4.779  1.00 31.59 ? 18   GLN B O   1 
ATOM   892  C CB  . GLN B 1 18 ? 1.395   -23.451 -3.254  1.00 40.22 ? 18   GLN B CB  1 
ATOM   893  C CG  . GLN B 1 18 ? 2.673   -22.601 -3.207  1.00 59.57 ? 18   GLN B CG  1 
ATOM   894  C CD  . GLN B 1 18 ? 3.686   -23.083 -2.149  1.00 69.87 ? 18   GLN B CD  1 
ATOM   895  O OE1 . GLN B 1 18 ? 4.511   -23.957 -2.419  1.00 78.12 ? 18   GLN B OE1 1 
ATOM   896  N NE2 . GLN B 1 18 ? 3.626   -22.507 -0.951  1.00 60.50 ? 18   GLN B NE2 1 
ATOM   897  N N   . LEU B 1 19 ? -1.536  -21.964 -4.117  1.00 27.24 ? 19   LEU B N   1 
ATOM   898  C CA  . LEU B 1 19 ? -2.360  -20.759 -4.017  1.00 25.03 ? 19   LEU B CA  1 
ATOM   899  C C   . LEU B 1 19 ? -2.066  -20.038 -2.705  1.00 23.91 ? 19   LEU B C   1 
ATOM   900  O O   . LEU B 1 19 ? -1.773  -20.670 -1.688  1.00 23.18 ? 19   LEU B O   1 
ATOM   901  C CB  . LEU B 1 19 ? -3.851  -21.104 -4.062  1.00 24.24 ? 19   LEU B CB  1 
ATOM   902  C CG  . LEU B 1 19 ? -4.387  -21.873 -5.262  1.00 24.27 ? 19   LEU B CG  1 
ATOM   903  C CD1 . LEU B 1 19 ? -5.866  -22.147 -5.063  1.00 24.48 ? 19   LEU B CD1 1 
ATOM   904  C CD2 . LEU B 1 19 ? -4.152  -21.092 -6.544  1.00 25.20 ? 19   LEU B CD2 1 
ATOM   905  N N   . LYS B 1 20 ? -2.146  -18.714 -2.742  1.00 22.81 ? 20   LYS B N   1 
ATOM   906  C CA  . LYS B 1 20 ? -1.909  -17.874 -1.577  1.00 22.28 ? 20   LYS B CA  1 
ATOM   907  C C   . LYS B 1 20 ? -2.774  -16.639 -1.729  1.00 24.30 ? 20   LYS B C   1 
ATOM   908  O O   . LYS B 1 20 ? -3.296  -16.367 -2.819  1.00 25.38 ? 20   LYS B O   1 
ATOM   909  C CB  . LYS B 1 20 ? -0.452  -17.421 -1.513  1.00 19.64 ? 20   LYS B CB  1 
ATOM   910  C CG  . LYS B 1 20 ? 0.547   -18.497 -1.166  1.00 26.01 ? 20   LYS B CG  1 
ATOM   911  C CD  . LYS B 1 20 ? 1.915   -17.878 -0.966  1.00 36.40 ? 20   LYS B CD  1 
ATOM   912  C CE  . LYS B 1 20 ? 2.913   -18.915 -0.524  1.00 44.62 ? 20   LYS B CE  1 
ATOM   913  N NZ  . LYS B 1 20 ? 3.129   -19.890 -1.610  1.00 52.49 ? 20   LYS B NZ  1 
ATOM   914  N N   . GLU B 1 21 ? -2.956  -15.912 -0.631  1.00 23.93 ? 21   GLU B N   1 
ATOM   915  C CA  . GLU B 1 21 ? -3.728  -14.675 -0.651  1.00 23.06 ? 21   GLU B CA  1 
ATOM   916  C C   . GLU B 1 21 ? -2.725  -13.535 -0.621  1.00 22.14 ? 21   GLU B C   1 
ATOM   917  O O   . GLU B 1 21 ? -1.759  -13.574 0.142   1.00 21.76 ? 21   GLU B O   1 
ATOM   918  C CB  . GLU B 1 21 ? -4.644  -14.568 0.576   1.00 23.60 ? 21   GLU B CB  1 
ATOM   919  C CG  . GLU B 1 21 ? -5.872  -15.451 0.536   1.00 34.37 ? 21   GLU B CG  1 
ATOM   920  C CD  . GLU B 1 21 ? -6.791  -15.123 -0.626  1.00 46.03 ? 21   GLU B CD  1 
ATOM   921  O OE1 . GLU B 1 21 ? -7.284  -13.975 -0.694  1.00 44.91 ? 21   GLU B OE1 1 
ATOM   922  O OE2 . GLU B 1 21 ? -7.021  -16.014 -1.474  1.00 57.92 ? 21   GLU B OE2 1 
ATOM   923  N N   . ALA B 1 22 ? -2.941  -12.526 -1.455  1.00 21.04 ? 22   ALA B N   1 
ATOM   924  C CA  . ALA B 1 22 ? -2.049  -11.379 -1.491  1.00 20.53 ? 22   ALA B CA  1 
ATOM   925  C C   . ALA B 1 22 ? -2.843  -10.088 -1.649  1.00 20.33 ? 22   ALA B C   1 
ATOM   926  O O   . ALA B 1 22 ? -3.911  -10.074 -2.258  1.00 22.56 ? 22   ALA B O   1 
ATOM   927  C CB  . ALA B 1 22 ? -1.034  -11.528 -2.620  1.00 20.43 ? 22   ALA B CB  1 
ATOM   928  N N   . LEU B 1 23 ? -2.311  -9.013  -1.083  1.00 17.58 ? 23   LEU B N   1 
ATOM   929  C CA  . LEU B 1 23 ? -2.921  -7.696  -1.113  1.00 17.28 ? 23   LEU B CA  1 
ATOM   930  C C   . LEU B 1 23 ? -2.429  -6.857  -2.306  1.00 17.96 ? 23   LEU B C   1 
ATOM   931  O O   . LEU B 1 23 ? -1.219  -6.682  -2.472  1.00 18.51 ? 23   LEU B O   1 
ATOM   932  C CB  . LEU B 1 23 ? -2.563  -6.992  0.199   1.00 17.27 ? 23   LEU B CB  1 
ATOM   933  C CG  . LEU B 1 23 ? -3.135  -5.636  0.600   1.00 18.05 ? 23   LEU B CG  1 
ATOM   934  C CD1 . LEU B 1 23 ? -4.618  -5.766  0.869   1.00 19.66 ? 23   LEU B CD1 1 
ATOM   935  C CD2 . LEU B 1 23 ? -2.420  -5.155  1.851   1.00 17.63 ? 23   LEU B CD2 1 
ATOM   936  N N   . LEU B 1 24 ? -3.347  -6.369  -3.148  1.00 16.50 ? 24   LEU B N   1 
ATOM   937  C CA  . LEU B 1 24 ? -2.965  -5.519  -4.282  1.00 16.53 ? 24   LEU B CA  1 
ATOM   938  C C   . LEU B 1 24 ? -2.606  -4.178  -3.652  1.00 16.89 ? 24   LEU B C   1 
ATOM   939  O O   . LEU B 1 24 ? -3.485  -3.410  -3.254  1.00 17.78 ? 24   LEU B O   1 
ATOM   940  C CB  . LEU B 1 24 ? -4.121  -5.372  -5.277  1.00 16.69 ? 24   LEU B CB  1 
ATOM   941  C CG  . LEU B 1 24 ? -4.636  -6.686  -5.869  1.00 15.94 ? 24   LEU B CG  1 
ATOM   942  C CD1 . LEU B 1 24 ? -5.668  -6.409  -6.942  1.00 16.64 ? 24   LEU B CD1 1 
ATOM   943  C CD2 . LEU B 1 24 ? -3.492  -7.489  -6.456  1.00 15.98 ? 24   LEU B CD2 1 
ATOM   944  N N   . ASP B 1 25 ? -1.308  -3.894  -3.594  1.00 15.96 ? 25   ASP B N   1 
ATOM   945  C CA  . ASP B 1 25 ? -0.795  -2.706  -2.922  1.00 15.88 ? 25   ASP B CA  1 
ATOM   946  C C   . ASP B 1 25 ? -0.163  -1.645  -3.826  1.00 17.28 ? 25   ASP B C   1 
ATOM   947  O O   . ASP B 1 25 ? 0.971   -1.804  -4.254  1.00 18.47 ? 25   ASP B O   1 
ATOM   948  C CB  . ASP B 1 25 ? 0.231   -3.215  -1.891  1.00 11.88 ? 25   ASP B CB  1 
ATOM   949  C CG  . ASP B 1 25 ? 0.643   -2.181  -0.873  1.00 14.53 ? 25   ASP B CG  1 
ATOM   950  O OD1 . ASP B 1 25 ? 0.274   -0.994  -0.960  1.00 16.12 ? 25   ASP B OD1 1 
ATOM   951  O OD2 . ASP B 1 25 ? 1.378   -2.584  0.041   1.00 21.36 ? 25   ASP B OD2 1 
ATOM   952  N N   . THR B 1 26 ? -0.854  -0.532  -4.053  1.00 16.34 ? 26   THR B N   1 
ATOM   953  C CA  . THR B 1 26 ? -0.288  0.520   -4.893  1.00 17.11 ? 26   THR B CA  1 
ATOM   954  C C   . THR B 1 26 ? 0.748   1.321   -4.113  1.00 17.09 ? 26   THR B C   1 
ATOM   955  O O   . THR B 1 26 ? 1.509   2.102   -4.681  1.00 19.23 ? 26   THR B O   1 
ATOM   956  C CB  . THR B 1 26 ? -1.367  1.479   -5.443  1.00 18.08 ? 26   THR B CB  1 
ATOM   957  O OG1 . THR B 1 26 ? -1.975  2.196   -4.364  1.00 18.28 ? 26   THR B OG1 1 
ATOM   958  C CG2 . THR B 1 26 ? -2.440  0.706   -6.202  1.00 17.58 ? 26   THR B CG2 1 
ATOM   959  N N   . GLY B 1 27 ? 0.765   1.131   -2.800  1.00 14.72 ? 27   GLY B N   1 
ATOM   960  C CA  . GLY B 1 27 ? 1.715   1.839   -1.971  1.00 12.34 ? 27   GLY B CA  1 
ATOM   961  C C   . GLY B 1 27 ? 3.050   1.119   -1.930  1.00 14.82 ? 27   GLY B C   1 
ATOM   962  O O   . GLY B 1 27 ? 3.991   1.581   -1.289  1.00 18.24 ? 27   GLY B O   1 
ATOM   963  N N   . ALA B 1 28 ? 3.140   -0.003  -2.626  1.00 15.10 ? 28   ALA B N   1 
ATOM   964  C CA  . ALA B 1 28 ? 4.361   -0.801  -2.654  1.00 15.42 ? 28   ALA B CA  1 
ATOM   965  C C   . ALA B 1 28 ? 5.114   -0.781  -3.984  1.00 16.14 ? 28   ALA B C   1 
ATOM   966  O O   . ALA B 1 28 ? 4.535   -1.064  -5.030  1.00 17.21 ? 28   ALA B O   1 
ATOM   967  C CB  . ALA B 1 28 ? 4.026   -2.248  -2.288  1.00 15.30 ? 28   ALA B CB  1 
ATOM   968  N N   . ASP B 1 29 ? 6.400   -0.436  -3.946  1.00 16.57 ? 29   ASP B N   1 
ATOM   969  C CA  . ASP B 1 29 ? 7.230   -0.450  -5.153  1.00 16.84 ? 29   ASP B CA  1 
ATOM   970  C C   . ASP B 1 29 ? 7.394   -1.886  -5.634  1.00 16.53 ? 29   ASP B C   1 
ATOM   971  O O   . ASP B 1 29 ? 7.265   -2.170  -6.826  1.00 16.95 ? 29   ASP B O   1 
ATOM   972  C CB  . ASP B 1 29 ? 8.646   0.065   -4.867  1.00 19.56 ? 29   ASP B CB  1 
ATOM   973  C CG  . ASP B 1 29 ? 8.687   1.524   -4.458  1.00 26.10 ? 29   ASP B CG  1 
ATOM   974  O OD1 . ASP B 1 29 ? 7.697   2.258   -4.666  1.00 28.27 ? 29   ASP B OD1 1 
ATOM   975  O OD2 . ASP B 1 29 ? 9.744   1.936   -3.929  1.00 25.02 ? 29   ASP B OD2 1 
ATOM   976  N N   . ASP B 1 30 ? 7.667   -2.787  -4.690  1.00 17.10 ? 30   ASP B N   1 
ATOM   977  C CA  . ASP B 1 30 ? 7.917   -4.200  -4.990  1.00 16.85 ? 30   ASP B CA  1 
ATOM   978  C C   . ASP B 1 30 ? 6.913   -5.214  -4.437  1.00 15.24 ? 30   ASP B C   1 
ATOM   979  O O   . ASP B 1 30 ? 6.084   -4.887  -3.584  1.00 16.62 ? 30   ASP B O   1 
ATOM   980  C CB  . ASP B 1 30 ? 9.306   -4.577  -4.464  1.00 22.91 ? 30   ASP B CB  1 
ATOM   981  C CG  . ASP B 1 30 ? 10.319  -3.453  -4.618  1.00 27.53 ? 30   ASP B CG  1 
ATOM   982  O OD1 . ASP B 1 30 ? 10.575  -3.044  -5.765  1.00 28.56 ? 30   ASP B OD1 1 
ATOM   983  O OD2 . ASP B 1 30 ? 10.840  -2.969  -3.587  1.00 28.18 ? 30   ASP B OD2 1 
ATOM   984  N N   . THR B 1 31 ? 7.011   -6.446  -4.938  1.00 15.13 ? 31   THR B N   1 
ATOM   985  C CA  . THR B 1 31 ? 6.165   -7.568  -4.521  1.00 15.99 ? 31   THR B CA  1 
ATOM   986  C C   . THR B 1 31 ? 6.919   -8.374  -3.460  1.00 20.57 ? 31   THR B C   1 
ATOM   987  O O   . THR B 1 31 ? 8.006   -8.895  -3.717  1.00 20.54 ? 31   THR B O   1 
ATOM   988  C CB  . THR B 1 31 ? 5.807   -8.467  -5.732  1.00 16.00 ? 31   THR B CB  1 
ATOM   989  O OG1 . THR B 1 31 ? 5.004   -7.715  -6.650  1.00 20.89 ? 31   THR B OG1 1 
ATOM   990  C CG2 . THR B 1 31 ? 5.041   -9.726  -5.305  1.00 14.78 ? 31   THR B CG2 1 
ATOM   991  N N   . VAL B 1 32 ? 6.363   -8.432  -2.255  1.00 20.77 ? 32   VAL B N   1 
ATOM   992  C CA  . VAL B 1 32 ? 6.984   -9.146  -1.147  1.00 20.98 ? 32   VAL B CA  1 
ATOM   993  C C   . VAL B 1 32 ? 6.070   -10.289 -0.694  1.00 20.93 ? 32   VAL B C   1 
ATOM   994  O O   . VAL B 1 32 ? 4.884   -10.084 -0.424  1.00 17.69 ? 32   VAL B O   1 
ATOM   995  C CB  . VAL B 1 32 ? 7.259   -8.190  0.049   1.00 21.03 ? 32   VAL B CB  1 
ATOM   996  C CG1 . VAL B 1 32 ? 8.146   -8.866  1.079   1.00 20.87 ? 32   VAL B CG1 1 
ATOM   997  C CG2 . VAL B 1 32 ? 7.895   -6.896  -0.436  1.00 20.93 ? 32   VAL B CG2 1 
ATOM   998  N N   . ILE B 1 33 ? 6.633   -11.488 -0.633  1.00 23.77 ? 33   ILE B N   1 
ATOM   999  C CA  . ILE B 1 33 ? 5.917   -12.697 -0.233  1.00 25.36 ? 33   ILE B CA  1 
ATOM   1000 C C   . ILE B 1 33 ? 6.515   -13.256 1.066   1.00 28.33 ? 33   ILE B C   1 
ATOM   1001 O O   . ILE B 1 33 ? 7.712   -13.077 1.338   1.00 27.89 ? 33   ILE B O   1 
ATOM   1002 C CB  . ILE B 1 33 ? 6.018   -13.771 -1.345  1.00 23.02 ? 33   ILE B CB  1 
ATOM   1003 C CG1 . ILE B 1 33 ? 5.438   -13.226 -2.651  1.00 23.95 ? 33   ILE B CG1 1 
ATOM   1004 C CG2 . ILE B 1 33 ? 5.261   -15.023 -0.961  1.00 24.05 ? 33   ILE B CG2 1 
ATOM   1005 C CD1 . ILE B 1 33 ? 3.971   -12.901 -2.578  1.00 19.59 ? 33   ILE B CD1 1 
ATOM   1006 N N   . GLU B 1 34 ? 5.682   -13.922 1.866   1.00 29.79 ? 34   GLU B N   1 
ATOM   1007 C CA  . GLU B 1 34 ? 6.124   -14.513 3.123   1.00 28.90 ? 34   GLU B CA  1 
ATOM   1008 C C   . GLU B 1 34 ? 7.068   -15.660 2.824   1.00 28.73 ? 34   GLU B C   1 
ATOM   1009 O O   . GLU B 1 34 ? 7.030   -16.239 1.739   1.00 27.39 ? 34   GLU B O   1 
ATOM   1010 C CB  . GLU B 1 34 ? 4.927   -15.022 3.922   1.00 27.92 ? 34   GLU B CB  1 
ATOM   1011 C CG  . GLU B 1 34 ? 4.067   -13.909 4.496   1.00 30.50 ? 34   GLU B CG  1 
ATOM   1012 C CD  . GLU B 1 34 ? 2.637   -14.339 4.764   1.00 37.40 ? 34   GLU B CD  1 
ATOM   1013 O OE1 . GLU B 1 34 ? 2.335   -15.553 4.690   1.00 35.17 ? 34   GLU B OE1 1 
ATOM   1014 O OE2 . GLU B 1 34 ? 1.809   -13.448 5.040   1.00 43.07 ? 34   GLU B OE2 1 
ATOM   1015 N N   . GLU B 1 35 ? 7.882   -16.007 3.810   1.00 29.53 ? 35   GLU B N   1 
ATOM   1016 C CA  . GLU B 1 35 ? 8.856   -17.075 3.674   1.00 29.22 ? 35   GLU B CA  1 
ATOM   1017 C C   . GLU B 1 35 ? 8.335   -18.342 2.992   1.00 29.46 ? 35   GLU B C   1 
ATOM   1018 O O   . GLU B 1 35 ? 7.380   -18.967 3.464   1.00 32.28 ? 35   GLU B O   1 
ATOM   1019 C CB  . GLU B 1 35 ? 9.419   -17.413 5.053   1.00 31.68 ? 35   GLU B CB  1 
ATOM   1020 C CG  . GLU B 1 35 ? 10.467  -18.505 5.045   1.00 48.20 ? 35   GLU B CG  1 
ATOM   1021 C CD  . GLU B 1 35 ? 11.681  -18.137 4.216   1.00 62.01 ? 35   GLU B CD  1 
ATOM   1022 O OE1 . GLU B 1 35 ? 12.167  -16.991 4.345   1.00 64.55 ? 35   GLU B OE1 1 
ATOM   1023 O OE2 . GLU B 1 35 ? 12.147  -18.998 3.439   1.00 64.85 ? 35   GLU B OE2 1 
ATOM   1024 N N   . MET B 1 36 ? 8.974   -18.711 1.885   1.00 27.41 ? 36   MET B N   1 
ATOM   1025 C CA  . MET B 1 36 ? 8.630   -19.915 1.120   1.00 27.94 ? 36   MET B CA  1 
ATOM   1026 C C   . MET B 1 36 ? 9.847   -20.306 0.265   1.00 27.94 ? 36   MET B C   1 
ATOM   1027 O O   . MET B 1 36 ? 10.847  -19.593 0.243   1.00 26.15 ? 36   MET B O   1 
ATOM   1028 C CB  . MET B 1 36 ? 7.438   -19.653 0.202   1.00 28.47 ? 36   MET B CB  1 
ATOM   1029 C CG  . MET B 1 36 ? 7.758   -18.683 -0.919  1.00 29.57 ? 36   MET B CG  1 
ATOM   1030 S SD  . MET B 1 36 ? 6.473   -18.541 -2.156  1.00 30.28 ? 36   MET B SD  1 
ATOM   1031 C CE  . MET B 1 36 ? 6.500   -20.175 -2.888  1.00 29.56 ? 36   MET B CE  1 
ATOM   1032 N N   . SER B 1 37 ? 9.749   -21.403 -0.499  1.00 29.59 ? 37   SER B N   1 
ATOM   1033 C CA  . SER B 1 37 ? 10.898  -21.863 -1.286  1.00 32.30 ? 37   SER B CA  1 
ATOM   1034 C C   . SER B 1 37 ? 10.666  -21.460 -2.738  1.00 31.26 ? 37   SER B C   1 
ATOM   1035 O O   . SER B 1 37 ? 9.688   -21.819 -3.388  1.00 31.48 ? 37   SER B O   1 
ATOM   1036 C CB  . SER B 1 37 ? 11.029  -23.385 -1.181  1.00 43.45 ? 37   SER B CB  1 
ATOM   1037 O OG  . SER B 1 37 ? 11.963  -23.860 -2.139  1.00 46.83 ? 37   SER B OG  1 
ATOM   1038 N N   . LEU B 1 38 ? 11.680  -20.760 -3.296  1.00 30.16 ? 38   LEU B N   1 
ATOM   1039 C CA  . LEU B 1 38 ? 11.667  -20.358 -4.701  1.00 29.72 ? 38   LEU B CA  1 
ATOM   1040 C C   . LEU B 1 38 ? 12.967  -20.819 -5.372  1.00 30.39 ? 38   LEU B C   1 
ATOM   1041 O O   . LEU B 1 38 ? 14.031  -20.812 -4.753  1.00 29.45 ? 38   LEU B O   1 
ATOM   1042 C CB  . LEU B 1 38 ? 11.493  -18.837 -4.835  1.00 28.01 ? 38   LEU B CB  1 
ATOM   1043 C CG  . LEU B 1 38 ? 10.137  -18.223 -4.459  1.00 23.75 ? 38   LEU B CG  1 
ATOM   1044 C CD1 . LEU B 1 38 ? 10.172  -16.719 -4.660  1.00 21.56 ? 38   LEU B CD1 1 
ATOM   1045 C CD2 . LEU B 1 38 ? 9.041   -18.828 -5.307  1.00 23.01 ? 38   LEU B CD2 1 
ATOM   1046 N N   . PRO B 1 39 ? 12.882  -21.283 -6.631  1.00 31.70 ? 39   PRO B N   1 
ATOM   1047 C CA  . PRO B 1 39 ? 14.043  -21.757 -7.394  1.00 32.37 ? 39   PRO B CA  1 
ATOM   1048 C C   . PRO B 1 39 ? 14.994  -20.643 -7.840  1.00 31.78 ? 39   PRO B C   1 
ATOM   1049 O O   . PRO B 1 39 ? 14.616  -19.468 -7.896  1.00 31.54 ? 39   PRO B O   1 
ATOM   1050 C CB  . PRO B 1 39 ? 13.389  -22.443 -8.593  1.00 33.06 ? 39   PRO B CB  1 
ATOM   1051 C CG  . PRO B 1 39 ? 12.156  -21.626 -8.807  1.00 33.05 ? 39   PRO B CG  1 
ATOM   1052 C CD  . PRO B 1 39 ? 11.642  -21.481 -7.398  1.00 32.69 ? 39   PRO B CD  1 
ATOM   1053 N N   . GLY B 1 40 ? 16.232  -21.017 -8.155  1.00 30.02 ? 40   GLY B N   1 
ATOM   1054 C CA  . GLY B 1 40 ? 17.207  -20.041 -8.606  1.00 26.86 ? 40   GLY B CA  1 
ATOM   1055 C C   . GLY B 1 40 ? 17.997  -19.350 -7.513  1.00 25.44 ? 40   GLY B C   1 
ATOM   1056 O O   . GLY B 1 40 ? 17.808  -19.604 -6.322  1.00 26.23 ? 40   GLY B O   1 
ATOM   1057 N N   . ARG B 1 41 ? 18.932  -18.507 -7.934  1.00 23.57 ? 41   ARG B N   1 
ATOM   1058 C CA  . ARG B 1 41 ? 19.775  -17.762 -7.014  1.00 22.51 ? 41   ARG B CA  1 
ATOM   1059 C C   . ARG B 1 41 ? 19.029  -16.527 -6.569  1.00 23.41 ? 41   ARG B C   1 
ATOM   1060 O O   . ARG B 1 41 ? 18.041  -16.142 -7.191  1.00 26.34 ? 41   ARG B O   1 
ATOM   1061 C CB  . ARG B 1 41 ? 21.088  -17.367 -7.701  1.00 20.60 ? 41   ARG B CB  1 
ATOM   1062 C CG  . ARG B 1 41 ? 21.961  -18.568 -8.080  1.00 17.61 ? 41   ARG B CG  1 
ATOM   1063 C CD  . ARG B 1 41 ? 23.302  -18.148 -8.661  1.00 22.37 ? 41   ARG B CD  1 
ATOM   1064 N NE  . ARG B 1 41 ? 24.064  -17.281 -7.761  1.00 23.31 ? 41   ARG B NE  1 
ATOM   1065 C CZ  . ARG B 1 41 ? 24.756  -17.706 -6.701  1.00 21.42 ? 41   ARG B CZ  1 
ATOM   1066 N NH1 . ARG B 1 41 ? 24.802  -18.995 -6.388  1.00 15.74 ? 41   ARG B NH1 1 
ATOM   1067 N NH2 . ARG B 1 41 ? 25.408  -16.830 -5.951  1.00 16.43 ? 41   ARG B NH2 1 
ATOM   1068 N N   . TRP B 1 42 ? 19.488  -15.911 -5.486  1.00 19.80 ? 42   TRP B N   1 
ATOM   1069 C CA  . TRP B 1 42 ? 18.858  -14.707 -4.986  1.00 17.66 ? 42   TRP B CA  1 
ATOM   1070 C C   . TRP B 1 42 ? 19.931  -13.703 -4.619  1.00 19.43 ? 42   TRP B C   1 
ATOM   1071 O O   . TRP B 1 42 ? 21.092  -14.064 -4.459  1.00 22.62 ? 42   TRP B O   1 
ATOM   1072 C CB  . TRP B 1 42 ? 17.938  -15.011 -3.795  1.00 16.24 ? 42   TRP B CB  1 
ATOM   1073 C CG  . TRP B 1 42 ? 18.592  -15.637 -2.580  1.00 14.59 ? 42   TRP B CG  1 
ATOM   1074 C CD1 . TRP B 1 42 ? 18.758  -16.976 -2.336  1.00 13.93 ? 42   TRP B CD1 1 
ATOM   1075 C CD2 . TRP B 1 42 ? 19.087  -14.958 -1.428  1.00 12.94 ? 42   TRP B CD2 1 
ATOM   1076 N NE1 . TRP B 1 42 ? 19.316  -17.156 -1.095  1.00 13.23 ? 42   TRP B NE1 1 
ATOM   1077 C CE2 . TRP B 1 42 ? 19.528  -15.939 -0.513  1.00 12.23 ? 42   TRP B CE2 1 
ATOM   1078 C CE3 . TRP B 1 42 ? 19.192  -13.603 -1.069  1.00 12.38 ? 42   TRP B CE3 1 
ATOM   1079 C CZ2 . TRP B 1 42 ? 20.072  -15.613 0.731   1.00 12.32 ? 42   TRP B CZ2 1 
ATOM   1080 C CZ3 . TRP B 1 42 ? 19.735  -13.280 0.169   1.00 13.06 ? 42   TRP B CZ3 1 
ATOM   1081 C CH2 . TRP B 1 42 ? 20.167  -14.285 1.059   1.00 12.67 ? 42   TRP B CH2 1 
ATOM   1082 N N   . LYS B 1 43 ? 19.551  -12.435 -4.564  1.00 19.58 ? 43   LYS B N   1 
ATOM   1083 C CA  . LYS B 1 43 ? 20.460  -11.352 -4.226  1.00 20.54 ? 43   LYS B CA  1 
ATOM   1084 C C   . LYS B 1 43 ? 19.886  -10.673 -2.985  1.00 21.37 ? 43   LYS B C   1 
ATOM   1085 O O   . LYS B 1 43 ? 18.699  -10.835 -2.686  1.00 20.58 ? 43   LYS B O   1 
ATOM   1086 C CB  . LYS B 1 43 ? 20.530  -10.340 -5.387  1.00 22.17 ? 43   LYS B CB  1 
ATOM   1087 C CG  . LYS B 1 43 ? 20.961  -10.945 -6.714  1.00 38.34 ? 43   LYS B CG  1 
ATOM   1088 C CD  . LYS B 1 43 ? 20.985  -9.922  -7.848  1.00 53.43 ? 43   LYS B CD  1 
ATOM   1089 C CE  . LYS B 1 43 ? 19.587  -9.510  -8.272  1.00 60.64 ? 43   LYS B CE  1 
ATOM   1090 N NZ  . LYS B 1 43 ? 19.604  -8.659  -9.499  1.00 66.60 ? 43   LYS B NZ  1 
ATOM   1091 N N   . PRO B 1 44 ? 20.729  -9.961  -2.216  1.00 22.61 ? 44   PRO B N   1 
ATOM   1092 C CA  . PRO B 1 44 ? 20.270  -9.271  -1.006  1.00 23.22 ? 44   PRO B CA  1 
ATOM   1093 C C   . PRO B 1 44 ? 19.506  -7.995  -1.369  1.00 24.11 ? 44   PRO B C   1 
ATOM   1094 O O   . PRO B 1 44 ? 19.771  -7.377  -2.405  1.00 24.41 ? 44   PRO B O   1 
ATOM   1095 C CB  . PRO B 1 44 ? 21.576  -8.968  -0.272  1.00 22.32 ? 44   PRO B CB  1 
ATOM   1096 C CG  . PRO B 1 44 ? 22.547  -8.734  -1.407  1.00 21.23 ? 44   PRO B CG  1 
ATOM   1097 C CD  . PRO B 1 44 ? 22.194  -9.842  -2.373  1.00 21.36 ? 44   PRO B CD  1 
ATOM   1098 N N   . LYS B 1 45 ? 18.573  -7.598  -0.511  1.00 24.31 ? 45   LYS B N   1 
ATOM   1099 C CA  . LYS B 1 45 ? 17.765  -6.409  -0.745  1.00 25.15 ? 45   LYS B CA  1 
ATOM   1100 C C   . LYS B 1 45 ? 17.172  -5.941  0.581   1.00 27.20 ? 45   LYS B C   1 
ATOM   1101 O O   . LYS B 1 45 ? 16.757  -6.747  1.410   1.00 27.59 ? 45   LYS B O   1 
ATOM   1102 C CB  . LYS B 1 45 ? 16.648  -6.744  -1.736  1.00 24.91 ? 45   LYS B CB  1 
ATOM   1103 C CG  . LYS B 1 45 ? 15.600  -5.678  -1.941  1.00 28.44 ? 45   LYS B CG  1 
ATOM   1104 C CD  . LYS B 1 45 ? 16.090  -4.580  -2.836  1.00 32.82 ? 45   LYS B CD  1 
ATOM   1105 C CE  . LYS B 1 45 ? 14.948  -4.056  -3.682  1.00 36.01 ? 45   LYS B CE  1 
ATOM   1106 N NZ  . LYS B 1 45 ? 15.483  -3.184  -4.758  1.00 47.24 ? 45   LYS B NZ  1 
ATOM   1107 N N   . MET B 1 46 ? 17.165  -4.635  0.784   1.00 29.98 ? 46   MET B N   1 
ATOM   1108 C CA  . MET B 1 46 ? 16.629  -4.051  1.997   1.00 32.65 ? 46   MET B CA  1 
ATOM   1109 C C   . MET B 1 46 ? 15.426  -3.237  1.556   1.00 30.87 ? 46   MET B C   1 
ATOM   1110 O O   . MET B 1 46 ? 15.514  -2.497  0.577   1.00 29.21 ? 46   MET B O   1 
ATOM   1111 C CB  . MET B 1 46 ? 17.668  -3.117  2.611   1.00 35.93 ? 46   MET B CB  1 
ATOM   1112 C CG  . MET B 1 46 ? 17.304  -2.574  3.973   1.00 40.16 ? 46   MET B CG  1 
ATOM   1113 S SD  . MET B 1 46 ? 18.241  -3.429  5.239   1.00 44.28 ? 46   MET B SD  1 
ATOM   1114 C CE  . MET B 1 46 ? 19.475  -2.170  5.634   1.00 44.47 ? 46   MET B CE  1 
ATOM   1115 N N   . ILE B 1 47 ? 14.295  -3.397  2.237   1.00 28.61 ? 47   ILE B N   1 
ATOM   1116 C CA  . ILE B 1 47 ? 13.101  -2.637  1.891   1.00 25.62 ? 47   ILE B CA  1 
ATOM   1117 C C   . ILE B 1 47 ? 12.571  -1.919  3.124   1.00 24.25 ? 47   ILE B C   1 
ATOM   1118 O O   . ILE B 1 47 ? 12.718  -2.411  4.245   1.00 23.14 ? 47   ILE B O   1 
ATOM   1119 C CB  . ILE B 1 47 ? 12.003  -3.524  1.244   1.00 23.66 ? 47   ILE B CB  1 
ATOM   1120 C CG1 . ILE B 1 47 ? 11.533  -4.614  2.207   1.00 25.32 ? 47   ILE B CG1 1 
ATOM   1121 C CG2 . ILE B 1 47 ? 12.526  -4.130  -0.048  1.00 20.81 ? 47   ILE B CG2 1 
ATOM   1122 C CD1 . ILE B 1 47 ? 10.458  -5.515  1.627   1.00 20.71 ? 47   ILE B CD1 1 
ATOM   1123 N N   . GLY B 1 48 ? 12.027  -0.724  2.917   1.00 23.05 ? 48   GLY B N   1 
ATOM   1124 C CA  . GLY B 1 48 ? 11.492  0.052   4.019   1.00 24.04 ? 48   GLY B CA  1 
ATOM   1125 C C   . GLY B 1 48 ? 9.980   0.023   4.032   1.00 26.45 ? 48   GLY B C   1 
ATOM   1126 O O   . GLY B 1 48 ? 9.354   -0.089  2.984   1.00 26.04 ? 48   GLY B O   1 
ATOM   1127 N N   . GLY B 1 49 ? 9.399   0.103   5.225   1.00 28.15 ? 49   GLY B N   1 
ATOM   1128 C CA  . GLY B 1 49 ? 7.956   0.092   5.373   1.00 25.29 ? 49   GLY B CA  1 
ATOM   1129 C C   . GLY B 1 49 ? 7.557   1.079   6.451   1.00 24.61 ? 49   GLY B C   1 
ATOM   1130 O O   . GLY B 1 49 ? 8.366   1.906   6.872   1.00 24.06 ? 49   GLY B O   1 
ATOM   1131 N N   . ILE B 1 50 ? 6.334   0.955   6.947   1.00 25.55 ? 50   ILE B N   1 
ATOM   1132 C CA  . ILE B 1 50 ? 5.830   1.853   7.973   1.00 25.34 ? 50   ILE B CA  1 
ATOM   1133 C C   . ILE B 1 50 ? 6.615   1.737   9.277   1.00 23.88 ? 50   ILE B C   1 
ATOM   1134 O O   . ILE B 1 50 ? 6.953   2.748   9.891   1.00 24.77 ? 50   ILE B O   1 
ATOM   1135 C CB  . ILE B 1 50 ? 4.308   1.602   8.232   1.00 26.52 ? 50   ILE B CB  1 
ATOM   1136 C CG1 . ILE B 1 50 ? 3.680   2.791   8.956   1.00 28.16 ? 50   ILE B CG1 1 
ATOM   1137 C CG2 . ILE B 1 50 ? 4.083   0.318   9.019   1.00 27.17 ? 50   ILE B CG2 1 
ATOM   1138 C CD1 . ILE B 1 50 ? 3.398   3.946   8.051   1.00 25.05 ? 50   ILE B CD1 1 
ATOM   1139 N N   . GLY B 1 51 ? 6.967   0.511   9.654   1.00 23.64 ? 51   GLY B N   1 
ATOM   1140 C CA  . GLY B 1 51 ? 7.681   0.292   10.901  1.00 25.84 ? 51   GLY B CA  1 
ATOM   1141 C C   . GLY B 1 51 ? 9.196   0.337   10.874  1.00 26.93 ? 51   GLY B C   1 
ATOM   1142 O O   . GLY B 1 51 ? 9.828   0.385   11.927  1.00 27.93 ? 51   GLY B O   1 
ATOM   1143 N N   . GLY B 1 52 ? 9.785   0.290   9.687   1.00 27.23 ? 52   GLY B N   1 
ATOM   1144 C CA  . GLY B 1 52 ? 11.230  0.324   9.582   1.00 26.90 ? 52   GLY B CA  1 
ATOM   1145 C C   . GLY B 1 52 ? 11.705  -0.467  8.383   1.00 27.38 ? 52   GLY B C   1 
ATOM   1146 O O   . GLY B 1 52 ? 10.968  -0.626  7.410   1.00 27.88 ? 52   GLY B O   1 
ATOM   1147 N N   . PHE B 1 53 ? 12.909  -1.024  8.467   1.00 27.25 ? 53   PHE B N   1 
ATOM   1148 C CA  . PHE B 1 53 ? 13.459  -1.781  7.356   1.00 27.47 ? 53   PHE B CA  1 
ATOM   1149 C C   . PHE B 1 53 ? 13.590  -3.252  7.664   1.00 26.83 ? 53   PHE B C   1 
ATOM   1150 O O   . PHE B 1 53 ? 13.747  -3.644  8.820   1.00 27.91 ? 53   PHE B O   1 
ATOM   1151 C CB  . PHE B 1 53 ? 14.835  -1.235  6.970   1.00 28.48 ? 53   PHE B CB  1 
ATOM   1152 C CG  . PHE B 1 53 ? 14.820  0.203   6.554   1.00 30.28 ? 53   PHE B CG  1 
ATOM   1153 C CD1 . PHE B 1 53 ? 14.918  1.214   7.502   1.00 31.56 ? 53   PHE B CD1 1 
ATOM   1154 C CD2 . PHE B 1 53 ? 14.679  0.550   5.215   1.00 31.01 ? 53   PHE B CD2 1 
ATOM   1155 C CE1 . PHE B 1 53 ? 14.872  2.558   7.122   1.00 31.96 ? 53   PHE B CE1 1 
ATOM   1156 C CE2 . PHE B 1 53 ? 14.633  1.887   4.824   1.00 31.52 ? 53   PHE B CE2 1 
ATOM   1157 C CZ  . PHE B 1 53 ? 14.728  2.892   5.780   1.00 31.68 ? 53   PHE B CZ  1 
ATOM   1158 N N   . ILE B 1 54 ? 13.478  -4.070  6.626   1.00 24.43 ? 54   ILE B N   1 
ATOM   1159 C CA  . ILE B 1 54 ? 13.636  -5.505  6.770   1.00 23.24 ? 54   ILE B CA  1 
ATOM   1160 C C   . ILE B 1 54 ? 14.507  -5.985  5.616   1.00 22.71 ? 54   ILE B C   1 
ATOM   1161 O O   . ILE B 1 54 ? 14.631  -5.303  4.596   1.00 20.05 ? 54   ILE B O   1 
ATOM   1162 C CB  . ILE B 1 54 ? 12.287  -6.288  6.781   1.00 22.56 ? 54   ILE B CB  1 
ATOM   1163 C CG1 . ILE B 1 54 ? 11.618  -6.259  5.410   1.00 15.53 ? 54   ILE B CG1 1 
ATOM   1164 C CG2 . ILE B 1 54 ? 11.348  -5.742  7.852   1.00 22.69 ? 54   ILE B CG2 1 
ATOM   1165 C CD1 . ILE B 1 54 ? 10.490  -7.251  5.287   1.00 11.65 ? 54   ILE B CD1 1 
ATOM   1166 N N   . LYS B 1 55 ? 15.174  -7.113  5.828   1.00 24.87 ? 55   LYS B N   1 
ATOM   1167 C CA  . LYS B 1 55 ? 16.034  -7.711  4.822   1.00 25.62 ? 55   LYS B CA  1 
ATOM   1168 C C   . LYS B 1 55 ? 15.199  -8.751  4.110   1.00 24.13 ? 55   LYS B C   1 
ATOM   1169 O O   . LYS B 1 55 ? 14.420  -9.469  4.743   1.00 26.17 ? 55   LYS B O   1 
ATOM   1170 C CB  . LYS B 1 55 ? 17.253  -8.380  5.478   1.00 32.97 ? 55   LYS B CB  1 
ATOM   1171 C CG  . LYS B 1 55 ? 18.319  -7.409  5.978   1.00 45.93 ? 55   LYS B CG  1 
ATOM   1172 C CD  . LYS B 1 55 ? 18.957  -6.646  4.817   1.00 54.01 ? 55   LYS B CD  1 
ATOM   1173 C CE  . LYS B 1 55 ? 19.687  -7.587  3.856   1.00 51.17 ? 55   LYS B CE  1 
ATOM   1174 N NZ  . LYS B 1 55 ? 20.263  -6.891  2.673   1.00 37.23 ? 55   LYS B NZ  1 
ATOM   1175 N N   . VAL B 1 56 ? 15.341  -8.825  2.794   1.00 20.68 ? 56   VAL B N   1 
ATOM   1176 C CA  . VAL B 1 56 ? 14.581  -9.786  2.007   1.00 19.17 ? 56   VAL B CA  1 
ATOM   1177 C C   . VAL B 1 56 ? 15.497  -10.417 0.969   1.00 19.10 ? 56   VAL B C   1 
ATOM   1178 O O   . VAL B 1 56 ? 16.604  -9.929  0.733   1.00 20.17 ? 56   VAL B O   1 
ATOM   1179 C CB  . VAL B 1 56 ? 13.374  -9.109  1.288   1.00 18.23 ? 56   VAL B CB  1 
ATOM   1180 C CG1 . VAL B 1 56 ? 12.356  -8.625  2.298   1.00 18.21 ? 56   VAL B CG1 1 
ATOM   1181 C CG2 . VAL B 1 56 ? 13.844  -7.943  0.441   1.00 17.54 ? 56   VAL B CG2 1 
ATOM   1182 N N   . ARG B 1 57 ? 15.070  -11.545 0.418   1.00 17.73 ? 57   ARG B N   1 
ATOM   1183 C CA  . ARG B 1 57 ? 15.820  -12.238 -0.618  1.00 17.22 ? 57   ARG B CA  1 
ATOM   1184 C C   . ARG B 1 57 ? 15.147  -11.886 -1.951  1.00 19.63 ? 57   ARG B C   1 
ATOM   1185 O O   . ARG B 1 57 ? 13.927  -11.997 -2.069  1.00 20.67 ? 57   ARG B O   1 
ATOM   1186 C CB  . ARG B 1 57 ? 15.758  -13.747 -0.387  1.00 14.51 ? 57   ARG B CB  1 
ATOM   1187 C CG  . ARG B 1 57 ? 16.023  -14.149 1.061   1.00 24.53 ? 57   ARG B CG  1 
ATOM   1188 C CD  . ARG B 1 57 ? 16.541  -15.567 1.179   1.00 25.47 ? 57   ARG B CD  1 
ATOM   1189 N NE  . ARG B 1 57 ? 15.654  -16.560 0.585   1.00 31.36 ? 57   ARG B NE  1 
ATOM   1190 C CZ  . ARG B 1 57 ? 14.569  -17.056 1.178   1.00 37.73 ? 57   ARG B CZ  1 
ATOM   1191 N NH1 . ARG B 1 57 ? 14.215  -16.647 2.393   1.00 34.86 ? 57   ARG B NH1 1 
ATOM   1192 N NH2 . ARG B 1 57 ? 13.859  -17.993 0.565   1.00 36.97 ? 57   ARG B NH2 1 
ATOM   1193 N N   . GLN B 1 58 ? 15.929  -11.483 -2.949  1.00 18.22 ? 58   GLN B N   1 
ATOM   1194 C CA  . GLN B 1 58 ? 15.376  -11.106 -4.244  1.00 17.67 ? 58   GLN B CA  1 
ATOM   1195 C C   . GLN B 1 58 ? 15.512  -12.181 -5.309  1.00 18.27 ? 58   GLN B C   1 
ATOM   1196 O O   . GLN B 1 58 ? 16.624  -12.590 -5.635  1.00 20.05 ? 58   GLN B O   1 
ATOM   1197 C CB  . GLN B 1 58 ? 16.033  -9.808  -4.713  1.00 20.12 ? 58   GLN B CB  1 
ATOM   1198 C CG  . GLN B 1 58 ? 15.669  -9.382  -6.114  1.00 20.15 ? 58   GLN B CG  1 
ATOM   1199 C CD  . GLN B 1 58 ? 16.247  -8.030  -6.466  1.00 20.24 ? 58   GLN B CD  1 
ATOM   1200 O OE1 . GLN B 1 58 ? 16.452  -7.185  -5.595  1.00 27.14 ? 58   GLN B OE1 1 
ATOM   1201 N NE2 . GLN B 1 58 ? 16.514  -7.816  -7.745  1.00 26.15 ? 58   GLN B NE2 1 
ATOM   1202 N N   . TYR B 1 59 ? 14.379  -12.644 -5.835  1.00 18.28 ? 59   TYR B N   1 
ATOM   1203 C CA  . TYR B 1 59 ? 14.337  -13.660 -6.888  1.00 18.95 ? 59   TYR B CA  1 
ATOM   1204 C C   . TYR B 1 59 ? 13.842  -12.986 -8.165  1.00 21.24 ? 59   TYR B C   1 
ATOM   1205 O O   . TYR B 1 59 ? 12.790  -12.339 -8.160  1.00 22.39 ? 59   TYR B O   1 
ATOM   1206 C CB  . TYR B 1 59 ? 13.377  -14.797 -6.512  1.00 19.05 ? 59   TYR B CB  1 
ATOM   1207 C CG  . TYR B 1 59 ? 13.849  -15.642 -5.341  1.00 20.01 ? 59   TYR B CG  1 
ATOM   1208 C CD1 . TYR B 1 59 ? 13.687  -15.200 -4.024  1.00 20.29 ? 59   TYR B CD1 1 
ATOM   1209 C CD2 . TYR B 1 59 ? 14.503  -16.858 -5.554  1.00 19.83 ? 59   TYR B CD2 1 
ATOM   1210 C CE1 . TYR B 1 59 ? 14.172  -15.941 -2.948  1.00 20.07 ? 59   TYR B CE1 1 
ATOM   1211 C CE2 . TYR B 1 59 ? 14.991  -17.609 -4.485  1.00 20.12 ? 59   TYR B CE2 1 
ATOM   1212 C CZ  . TYR B 1 59 ? 14.826  -17.142 -3.187  1.00 21.20 ? 59   TYR B CZ  1 
ATOM   1213 O OH  . TYR B 1 59 ? 15.343  -17.851 -2.128  1.00 22.93 ? 59   TYR B OH  1 
ATOM   1214 N N   . ASP B 1 60 ? 14.606  -13.100 -9.245  1.00 21.97 ? 60   ASP B N   1 
ATOM   1215 C CA  . ASP B 1 60 ? 14.210  -12.494 -10.510 1.00 22.22 ? 60   ASP B CA  1 
ATOM   1216 C C   . ASP B 1 60 ? 13.496  -13.488 -11.409 1.00 21.90 ? 60   ASP B C   1 
ATOM   1217 O O   . ASP B 1 60 ? 13.625  -14.709 -11.252 1.00 20.31 ? 60   ASP B O   1 
ATOM   1218 C CB  . ASP B 1 60 ? 15.422  -11.922 -11.264 1.00 25.06 ? 60   ASP B CB  1 
ATOM   1219 C CG  . ASP B 1 60 ? 16.096  -10.780 -10.522 1.00 33.09 ? 60   ASP B CG  1 
ATOM   1220 O OD1 . ASP B 1 60 ? 15.470  -10.202 -9.611  1.00 33.02 ? 60   ASP B OD1 1 
ATOM   1221 O OD2 . ASP B 1 60 ? 17.259  -10.455 -10.851 1.00 38.82 ? 60   ASP B OD2 1 
ATOM   1222 N N   . GLN B 1 61 ? 12.703  -12.943 -12.323 1.00 21.42 ? 61   GLN B N   1 
ATOM   1223 C CA  . GLN B 1 61 ? 11.980  -13.732 -13.296 1.00 20.94 ? 61   GLN B CA  1 
ATOM   1224 C C   . GLN B 1 61 ? 11.175  -14.890 -12.704 1.00 21.41 ? 61   GLN B C   1 
ATOM   1225 O O   . GLN B 1 61 ? 11.292  -16.034 -13.150 1.00 22.85 ? 61   GLN B O   1 
ATOM   1226 C CB  . GLN B 1 61 ? 12.970  -14.237 -14.342 1.00 18.31 ? 61   GLN B CB  1 
ATOM   1227 C CG  . GLN B 1 61 ? 12.453  -14.214 -15.761 1.00 22.95 ? 61   GLN B CG  1 
ATOM   1228 C CD  . GLN B 1 61 ? 13.583  -14.272 -16.754 1.00 26.22 ? 61   GLN B CD  1 
ATOM   1229 O OE1 . GLN B 1 61 ? 14.597  -13.588 -16.583 1.00 29.21 ? 61   GLN B OE1 1 
ATOM   1230 N NE2 . GLN B 1 61 ? 13.430  -15.085 -17.791 1.00 20.69 ? 61   GLN B NE2 1 
ATOM   1231 N N   . ILE B 1 62 ? 10.336  -14.585 -11.722 1.00 19.96 ? 62   ILE B N   1 
ATOM   1232 C CA  . ILE B 1 62 ? 9.503   -15.604 -11.094 1.00 20.01 ? 62   ILE B CA  1 
ATOM   1233 C C   . ILE B 1 62 ? 8.094   -15.552 -11.681 1.00 18.55 ? 62   ILE B C   1 
ATOM   1234 O O   . ILE B 1 62 ? 7.491   -14.482 -11.793 1.00 17.49 ? 62   ILE B O   1 
ATOM   1235 C CB  . ILE B 1 62 ? 9.425   -15.407 -9.552  1.00 21.47 ? 62   ILE B CB  1 
ATOM   1236 C CG1 . ILE B 1 62 ? 10.812  -15.574 -8.924  1.00 23.02 ? 62   ILE B CG1 1 
ATOM   1237 C CG2 . ILE B 1 62 ? 8.440   -16.397 -8.924  1.00 20.58 ? 62   ILE B CG2 1 
ATOM   1238 C CD1 . ILE B 1 62 ? 11.417  -16.956 -9.104  1.00 17.92 ? 62   ILE B CD1 1 
ATOM   1239 N N   . ILE B 1 63 ? 7.595   -16.707 -12.087 1.00 17.68 ? 63   ILE B N   1 
ATOM   1240 C CA  . ILE B 1 63 ? 6.261   -16.810 -12.645 1.00 19.43 ? 63   ILE B CA  1 
ATOM   1241 C C   . ILE B 1 63 ? 5.248   -16.771 -11.500 1.00 21.93 ? 63   ILE B C   1 
ATOM   1242 O O   . ILE B 1 63 ? 5.334   -17.552 -10.552 1.00 20.88 ? 63   ILE B O   1 
ATOM   1243 C CB  . ILE B 1 63 ? 6.102   -18.124 -13.412 1.00 20.82 ? 63   ILE B CB  1 
ATOM   1244 C CG1 . ILE B 1 63 ? 7.111   -18.172 -14.563 1.00 22.79 ? 63   ILE B CG1 1 
ATOM   1245 C CG2 . ILE B 1 63 ? 4.688   -18.266 -13.922 1.00 21.38 ? 63   ILE B CG2 1 
ATOM   1246 C CD1 . ILE B 1 63 ? 7.149   -19.501 -15.300 1.00 26.94 ? 63   ILE B CD1 1 
ATOM   1247 N N   . ILE B 1 64 ? 4.283   -15.865 -11.597 1.00 25.47 ? 64   ILE B N   1 
ATOM   1248 C CA  . ILE B 1 64 ? 3.258   -15.717 -10.570 1.00 26.51 ? 64   ILE B CA  1 
ATOM   1249 C C   . ILE B 1 64 ? 1.933   -15.297 -11.193 1.00 25.50 ? 64   ILE B C   1 
ATOM   1250 O O   . ILE B 1 64 ? 1.866   -14.316 -11.932 1.00 24.59 ? 64   ILE B O   1 
ATOM   1251 C CB  . ILE B 1 64 ? 3.698   -14.691 -9.503  1.00 27.62 ? 64   ILE B CB  1 
ATOM   1252 C CG1 . ILE B 1 64 ? 2.577   -14.436 -8.499  1.00 24.50 ? 64   ILE B CG1 1 
ATOM   1253 C CG2 . ILE B 1 64 ? 4.174   -13.401 -10.169 1.00 29.69 ? 64   ILE B CG2 1 
ATOM   1254 C CD1 . ILE B 1 64 ? 3.003   -13.520 -7.365  1.00 28.28 ? 64   ILE B CD1 1 
ATOM   1255 N N   . GLU B 1 65 ? 0.897   -16.083 -10.926 1.00 26.21 ? 65   GLU B N   1 
ATOM   1256 C CA  . GLU B 1 65 ? -0.450  -15.826 -11.438 1.00 27.40 ? 65   GLU B CA  1 
ATOM   1257 C C   . GLU B 1 65 ? -1.221  -14.951 -10.446 1.00 27.24 ? 65   GLU B C   1 
ATOM   1258 O O   . GLU B 1 65 ? -1.417  -15.337 -9.296  1.00 25.24 ? 65   GLU B O   1 
ATOM   1259 C CB  . GLU B 1 65 ? -1.186  -17.151 -11.638 1.00 28.22 ? 65   GLU B CB  1 
ATOM   1260 C CG  . GLU B 1 65 ? -2.607  -17.007 -12.124 1.00 43.51 ? 65   GLU B CG  1 
ATOM   1261 C CD  . GLU B 1 65 ? -2.743  -17.257 -13.604 1.00 59.10 ? 65   GLU B CD  1 
ATOM   1262 O OE1 . GLU B 1 65 ? -2.267  -16.416 -14.395 1.00 61.81 ? 65   GLU B OE1 1 
ATOM   1263 O OE2 . GLU B 1 65 ? -3.326  -18.301 -13.973 1.00 69.38 ? 65   GLU B OE2 1 
ATOM   1264 N N   . ILE B 1 66 ? -1.612  -13.759 -10.875 1.00 28.50 ? 66   ILE B N   1 
ATOM   1265 C CA  . ILE B 1 66 ? -2.347  -12.848 -10.011 1.00 29.79 ? 66   ILE B CA  1 
ATOM   1266 C C   . ILE B 1 66 ? -3.744  -12.636 -10.571 1.00 32.76 ? 66   ILE B C   1 
ATOM   1267 O O   . ILE B 1 66 ? -3.904  -12.056 -11.652 1.00 31.80 ? 66   ILE B O   1 
ATOM   1268 C CB  . ILE B 1 66 ? -1.659  -11.466 -9.914  1.00 28.16 ? 66   ILE B CB  1 
ATOM   1269 C CG1 . ILE B 1 66 ? -0.190  -11.627 -9.533  1.00 26.77 ? 66   ILE B CG1 1 
ATOM   1270 C CG2 . ILE B 1 66 ? -2.374  -10.585 -8.892  1.00 25.11 ? 66   ILE B CG2 1 
ATOM   1271 C CD1 . ILE B 1 66 ? 0.648   -10.410 -9.836  1.00 23.91 ? 66   ILE B CD1 1 
ATOM   1272 N N   . CYS B 1 67 ? -4.745  -13.178 -9.879  1.00 37.82 ? 67   CYS B N   1 
ATOM   1273 C CA  . CYS B 1 67 ? -6.135  -13.004 -10.281 1.00 40.68 ? 67   CYS B CA  1 
ATOM   1274 C C   . CYS B 1 67 ? -6.371  -13.426 -11.736 1.00 39.81 ? 67   CYS B C   1 
ATOM   1275 O O   . CYS B 1 67 ? -6.984  -12.687 -12.511 1.00 40.05 ? 67   CYS B O   1 
ATOM   1276 C CB  . CYS B 1 67 ? -6.488  -11.525 -10.112 1.00 42.79 ? 67   CYS B CB  1 
ATOM   1277 S SG  . CYS B 1 67 ? -8.006  -11.192 -9.252  1.00 44.03 ? 67   CYS B SG  1 
ATOM   1278 N N   . GLY B 1 68 ? -5.848  -14.588 -12.120 1.00 38.46 ? 68   GLY B N   1 
ATOM   1279 C CA  . GLY B 1 68 ? -6.016  -15.062 -13.487 1.00 35.85 ? 68   GLY B CA  1 
ATOM   1280 C C   . GLY B 1 68 ? -5.029  -14.512 -14.513 1.00 34.96 ? 68   GLY B C   1 
ATOM   1281 O O   . GLY B 1 68 ? -4.940  -15.025 -15.626 1.00 34.91 ? 68   GLY B O   1 
ATOM   1282 N N   . HIS B 1 69 ? -4.304  -13.455 -14.165 1.00 34.86 ? 69   HIS B N   1 
ATOM   1283 C CA  . HIS B 1 69 ? -3.328  -12.870 -15.078 1.00 36.05 ? 69   HIS B CA  1 
ATOM   1284 C C   . HIS B 1 69 ? -1.937  -13.381 -14.748 1.00 34.52 ? 69   HIS B C   1 
ATOM   1285 O O   . HIS B 1 69 ? -1.550  -13.416 -13.586 1.00 34.85 ? 69   HIS B O   1 
ATOM   1286 C CB  . HIS B 1 69 ? -3.345  -11.353 -14.959 1.00 38.01 ? 69   HIS B CB  1 
ATOM   1287 C CG  . HIS B 1 69 ? -4.651  -10.738 -15.345 1.00 40.67 ? 69   HIS B CG  1 
ATOM   1288 N ND1 . HIS B 1 69 ? -4.796  -9.945  -16.463 1.00 41.71 ? 69   HIS B ND1 1 
ATOM   1289 C CD2 . HIS B 1 69 ? -5.879  -10.818 -14.779 1.00 41.86 ? 69   HIS B CD2 1 
ATOM   1290 C CE1 . HIS B 1 69 ? -6.056  -9.567  -16.573 1.00 42.26 ? 69   HIS B CE1 1 
ATOM   1291 N NE2 . HIS B 1 69 ? -6.733  -10.083 -15.563 1.00 42.42 ? 69   HIS B NE2 1 
ATOM   1292 N N   . LYS B 1 70 ? -1.186  -13.786 -15.763 1.00 32.33 ? 70   LYS B N   1 
ATOM   1293 C CA  . LYS B 1 70 ? 0.164   -14.288 -15.539 1.00 30.92 ? 70   LYS B CA  1 
ATOM   1294 C C   . LYS B 1 70 ? 1.186   -13.157 -15.623 1.00 29.23 ? 70   LYS B C   1 
ATOM   1295 O O   . LYS B 1 70 ? 1.187   -12.373 -16.574 1.00 31.22 ? 70   LYS B O   1 
ATOM   1296 C CB  . LYS B 1 70 ? 0.498   -15.386 -16.557 1.00 35.93 ? 70   LYS B CB  1 
ATOM   1297 C CG  . LYS B 1 70 ? 1.848   -16.073 -16.353 1.00 44.34 ? 70   LYS B CG  1 
ATOM   1298 C CD  . LYS B 1 70 ? 1.882   -16.898 -15.072 1.00 57.30 ? 70   LYS B CD  1 
ATOM   1299 C CE  . LYS B 1 70 ? 0.992   -18.145 -15.151 1.00 61.15 ? 70   LYS B CE  1 
ATOM   1300 N NZ  . LYS B 1 70 ? 0.988   -18.930 -13.871 1.00 46.33 ? 70   LYS B NZ  1 
ATOM   1301 N N   . ALA B 1 71 ? 1.998   -13.034 -14.580 1.00 25.22 ? 71   ALA B N   1 
ATOM   1302 C CA  . ALA B 1 71 ? 3.059   -12.039 -14.512 1.00 22.53 ? 71   ALA B CA  1 
ATOM   1303 C C   . ALA B 1 71 ? 4.355   -12.821 -14.264 1.00 22.23 ? 71   ALA B C   1 
ATOM   1304 O O   . ALA B 1 71 ? 4.324   -13.924 -13.706 1.00 21.23 ? 71   ALA B O   1 
ATOM   1305 C CB  . ALA B 1 71 ? 2.806   -11.064 -13.377 1.00 21.94 ? 71   ALA B CB  1 
ATOM   1306 N N   . ILE B 1 72 ? 5.478   -12.278 -14.729 1.00 20.13 ? 72   ILE B N   1 
ATOM   1307 C CA  . ILE B 1 72 ? 6.783   -12.910 -14.553 1.00 18.86 ? 72   ILE B CA  1 
ATOM   1308 C C   . ILE B 1 72 ? 7.724   -11.772 -14.210 1.00 18.32 ? 72   ILE B C   1 
ATOM   1309 O O   . ILE B 1 72 ? 8.006   -10.917 -15.049 1.00 17.87 ? 72   ILE B O   1 
ATOM   1310 C CB  . ILE B 1 72 ? 7.278   -13.622 -15.842 1.00 17.73 ? 72   ILE B CB  1 
ATOM   1311 C CG1 . ILE B 1 72 ? 6.194   -14.553 -16.392 1.00 14.17 ? 72   ILE B CG1 1 
ATOM   1312 C CG2 . ILE B 1 72 ? 8.546   -14.441 -15.543 1.00 16.01 ? 72   ILE B CG2 1 
ATOM   1313 C CD1 . ILE B 1 72 ? 6.618   -15.350 -17.599 1.00 14.98 ? 72   ILE B CD1 1 
ATOM   1314 N N   . GLY B 1 73 ? 8.173   -11.719 -12.964 1.00 17.80 ? 73   GLY B N   1 
ATOM   1315 C CA  . GLY B 1 73 ? 9.048   -10.632 -12.576 1.00 17.23 ? 73   GLY B CA  1 
ATOM   1316 C C   . GLY B 1 73 ? 9.761   -10.867 -11.267 1.00 16.68 ? 73   GLY B C   1 
ATOM   1317 O O   . GLY B 1 73 ? 9.887   -12.001 -10.819 1.00 17.84 ? 73   GLY B O   1 
ATOM   1318 N N   . THR B 1 74 ? 10.220  -9.782  -10.659 1.00 16.01 ? 74   THR B N   1 
ATOM   1319 C CA  . THR B 1 74 ? 10.946  -9.833  -9.402  1.00 19.41 ? 74   THR B CA  1 
ATOM   1320 C C   . THR B 1 74 ? 10.020  -10.047 -8.204  1.00 22.22 ? 74   THR B C   1 
ATOM   1321 O O   . THR B 1 74 ? 9.024   -9.330  -8.038  1.00 21.52 ? 74   THR B O   1 
ATOM   1322 C CB  . THR B 1 74 ? 11.743  -8.529  -9.194  1.00 21.60 ? 74   THR B CB  1 
ATOM   1323 O OG1 . THR B 1 74 ? 12.605  -8.315  -10.319 1.00 24.39 ? 74   THR B OG1 1 
ATOM   1324 C CG2 . THR B 1 74 ? 12.571  -8.592  -7.914  1.00 21.92 ? 74   THR B CG2 1 
ATOM   1325 N N   . VAL B 1 75 ? 10.358  -11.034 -7.376  1.00 22.08 ? 75   VAL B N   1 
ATOM   1326 C CA  . VAL B 1 75 ? 9.592   -11.354 -6.172  1.00 20.65 ? 75   VAL B CA  1 
ATOM   1327 C C   . VAL B 1 75 ? 10.562  -11.326 -4.992  1.00 19.60 ? 75   VAL B C   1 
ATOM   1328 O O   . VAL B 1 75 ? 11.654  -11.889 -5.065  1.00 20.20 ? 75   VAL B O   1 
ATOM   1329 C CB  . VAL B 1 75 ? 8.922   -12.757 -6.268  1.00 20.99 ? 75   VAL B CB  1 
ATOM   1330 C CG1 . VAL B 1 75 ? 8.302   -13.136 -4.938  1.00 21.35 ? 75   VAL B CG1 1 
ATOM   1331 C CG2 . VAL B 1 75 ? 7.840   -12.764 -7.346  1.00 21.38 ? 75   VAL B CG2 1 
ATOM   1332 N N   . LEU B 1 76 ? 10.195  -10.617 -3.933  1.00 18.15 ? 76   LEU B N   1 
ATOM   1333 C CA  . LEU B 1 76 ? 11.037  -10.527 -2.749  1.00 17.62 ? 76   LEU B CA  1 
ATOM   1334 C C   . LEU B 1 76 ? 10.427  -11.442 -1.685  1.00 19.87 ? 76   LEU B C   1 
ATOM   1335 O O   . LEU B 1 76 ? 9.202   -11.494 -1.545  1.00 20.55 ? 76   LEU B O   1 
ATOM   1336 C CB  . LEU B 1 76 ? 11.107  -9.077  -2.244  1.00 16.38 ? 76   LEU B CB  1 
ATOM   1337 C CG  . LEU B 1 76 ? 11.529  -7.960  -3.212  1.00 14.89 ? 76   LEU B CG  1 
ATOM   1338 C CD1 . LEU B 1 76 ? 11.497  -6.633  -2.489  1.00 14.11 ? 76   LEU B CD1 1 
ATOM   1339 C CD2 . LEU B 1 76 ? 12.922  -8.202  -3.791  1.00 14.11 ? 76   LEU B CD2 1 
ATOM   1340 N N   . VAL B 1 77 ? 11.269  -12.215 -0.998  1.00 19.92 ? 77   VAL B N   1 
ATOM   1341 C CA  . VAL B 1 77 ? 10.825  -13.130 0.057   1.00 20.03 ? 77   VAL B CA  1 
ATOM   1342 C C   . VAL B 1 77 ? 11.425  -12.665 1.387   1.00 20.86 ? 77   VAL B C   1 
ATOM   1343 O O   . VAL B 1 77 ? 12.626  -12.408 1.479   1.00 20.40 ? 77   VAL B O   1 
ATOM   1344 C CB  . VAL B 1 77 ? 11.250  -14.595 -0.238  1.00 19.74 ? 77   VAL B CB  1 
ATOM   1345 C CG1 . VAL B 1 77 ? 10.804  -15.527 0.891   1.00 19.44 ? 77   VAL B CG1 1 
ATOM   1346 C CG2 . VAL B 1 77 ? 10.639  -15.058 -1.543  1.00 19.75 ? 77   VAL B CG2 1 
ATOM   1347 N N   . GLY B 1 78 ? 10.583  -12.522 2.403   1.00 22.08 ? 78   GLY B N   1 
ATOM   1348 C CA  . GLY B 1 78 ? 11.058  -12.059 3.694   1.00 23.62 ? 78   GLY B CA  1 
ATOM   1349 C C   . GLY B 1 78 ? 9.952   -11.964 4.729   1.00 25.36 ? 78   GLY B C   1 
ATOM   1350 O O   . GLY B 1 78 ? 8.801   -12.310 4.441   1.00 24.44 ? 78   GLY B O   1 
ATOM   1351 N N   . PRO B 1 79 ? 10.260  -11.448 5.934   1.00 26.50 ? 79   PRO B N   1 
ATOM   1352 C CA  . PRO B 1 79 ? 9.299   -11.305 7.032   1.00 26.89 ? 79   PRO B CA  1 
ATOM   1353 C C   . PRO B 1 79 ? 8.247   -10.199 6.886   1.00 26.30 ? 79   PRO B C   1 
ATOM   1354 O O   . PRO B 1 79 ? 8.270   -9.211  7.621   1.00 27.91 ? 79   PRO B O   1 
ATOM   1355 C CB  . PRO B 1 79 ? 10.209  -11.063 8.232   1.00 27.19 ? 79   PRO B CB  1 
ATOM   1356 C CG  . PRO B 1 79 ? 11.304  -10.235 7.637   1.00 26.68 ? 79   PRO B CG  1 
ATOM   1357 C CD  . PRO B 1 79 ? 11.591  -10.947 6.334   1.00 26.82 ? 79   PRO B CD  1 
ATOM   1358 N N   . THR B 1 80 ? 7.326   -10.372 5.944   1.00 24.57 ? 80   THR B N   1 
ATOM   1359 C CA  . THR B 1 80 ? 6.249   -9.411  5.726   1.00 21.99 ? 80   THR B CA  1 
ATOM   1360 C C   . THR B 1 80 ? 4.967   -9.883  6.419   1.00 20.86 ? 80   THR B C   1 
ATOM   1361 O O   . THR B 1 80 ? 4.668   -11.084 6.428   1.00 21.25 ? 80   THR B O   1 
ATOM   1362 C CB  . THR B 1 80 ? 5.940   -9.215  4.213   1.00 20.54 ? 80   THR B CB  1 
ATOM   1363 O OG1 . THR B 1 80 ? 4.848   -8.300  4.071   1.00 25.91 ? 80   THR B OG1 1 
ATOM   1364 C CG2 . THR B 1 80 ? 5.561   -10.530 3.544   1.00 14.36 ? 80   THR B CG2 1 
ATOM   1365 N N   . PRO B 1 81 ? 4.196   -8.945  7.009   1.00 21.68 ? 81   PRO B N   1 
ATOM   1366 C CA  . PRO B 1 81 ? 2.938   -9.243  7.710   1.00 21.85 ? 81   PRO B CA  1 
ATOM   1367 C C   . PRO B 1 81 ? 1.945   -9.993  6.827   1.00 23.66 ? 81   PRO B C   1 
ATOM   1368 O O   . PRO B 1 81 ? 1.237   -10.889 7.293   1.00 25.50 ? 81   PRO B O   1 
ATOM   1369 C CB  . PRO B 1 81 ? 2.411   -7.854  8.062   1.00 21.14 ? 81   PRO B CB  1 
ATOM   1370 C CG  . PRO B 1 81 ? 3.648   -7.075  8.287   1.00 21.47 ? 81   PRO B CG  1 
ATOM   1371 C CD  . PRO B 1 81 ? 4.538   -7.516  7.150   1.00 21.47 ? 81   PRO B CD  1 
ATOM   1372 N N   . VAL B 1 82 ? 1.876   -9.601  5.559   1.00 24.84 ? 82   VAL B N   1 
ATOM   1373 C CA  . VAL B 1 82 ? 0.974   -10.227 4.590   1.00 25.39 ? 82   VAL B CA  1 
ATOM   1374 C C   . VAL B 1 82 ? 1.634   -10.196 3.213   1.00 22.41 ? 82   VAL B C   1 
ATOM   1375 O O   . VAL B 1 82 ? 2.526   -9.382  2.974   1.00 22.26 ? 82   VAL B O   1 
ATOM   1376 C CB  . VAL B 1 82 ? -0.401  -9.483  4.485   1.00 26.67 ? 82   VAL B CB  1 
ATOM   1377 C CG1 . VAL B 1 82 ? -1.067  -9.356  5.854   1.00 27.06 ? 82   VAL B CG1 1 
ATOM   1378 C CG2 . VAL B 1 82 ? -0.217  -8.123  3.861   1.00 26.71 ? 82   VAL B CG2 1 
ATOM   1379 N N   . ASN B 1 83 ? 1.211   -11.082 2.321   1.00 20.76 ? 83   ASN B N   1 
ATOM   1380 C CA  . ASN B 1 83 ? 1.767   -11.120 0.965   1.00 20.79 ? 83   ASN B CA  1 
ATOM   1381 C C   . ASN B 1 83 ? 1.267   -9.863  0.244   1.00 20.40 ? 83   ASN B C   1 
ATOM   1382 O O   . ASN B 1 83 ? 0.078   -9.544  0.331   1.00 19.00 ? 83   ASN B O   1 
ATOM   1383 C CB  . ASN B 1 83 ? 1.279   -12.363 0.217   1.00 18.74 ? 83   ASN B CB  1 
ATOM   1384 C CG  . ASN B 1 83 ? 1.760   -13.658 0.844   1.00 20.03 ? 83   ASN B CG  1 
ATOM   1385 O OD1 . ASN B 1 83 ? 2.875   -13.734 1.357   1.00 21.59 ? 83   ASN B OD1 1 
ATOM   1386 N ND2 . ASN B 1 83 ? 0.921   -14.687 0.800   1.00 17.49 ? 83   ASN B ND2 1 
ATOM   1387 N N   . ILE B 1 84 ? 2.162   -9.127  -0.417  1.00 19.24 ? 84   ILE B N   1 
ATOM   1388 C CA  . ILE B 1 84 ? 1.766   -7.912  -1.131  1.00 19.18 ? 84   ILE B CA  1 
ATOM   1389 C C   . ILE B 1 84 ? 2.220   -7.887  -2.599  1.00 20.51 ? 84   ILE B C   1 
ATOM   1390 O O   . ILE B 1 84 ? 3.351   -8.249  -2.919  1.00 20.85 ? 84   ILE B O   1 
ATOM   1391 C CB  . ILE B 1 84 ? 2.263   -6.597  -0.420  1.00 18.97 ? 84   ILE B CB  1 
ATOM   1392 C CG1 . ILE B 1 84 ? 3.785   -6.482  -0.456  1.00 19.58 ? 84   ILE B CG1 1 
ATOM   1393 C CG2 . ILE B 1 84 ? 1.767   -6.529  1.021   1.00 17.21 ? 84   ILE B CG2 1 
ATOM   1394 C CD1 . ILE B 1 84 ? 4.309   -5.191  0.159   1.00 20.94 ? 84   ILE B CD1 1 
ATOM   1395 N N   . ILE B 1 85 ? 1.311   -7.498  -3.487  1.00 19.83 ? 85   ILE B N   1 
ATOM   1396 C CA  . ILE B 1 85 ? 1.606   -7.396  -4.911  1.00 18.94 ? 85   ILE B CA  1 
ATOM   1397 C C   . ILE B 1 85 ? 1.903   -5.920  -5.142  1.00 18.83 ? 85   ILE B C   1 
ATOM   1398 O O   . ILE B 1 85 ? 1.014   -5.071  -4.997  1.00 19.45 ? 85   ILE B O   1 
ATOM   1399 C CB  . ILE B 1 85 ? 0.399   -7.843  -5.771  1.00 17.68 ? 85   ILE B CB  1 
ATOM   1400 C CG1 . ILE B 1 85 ? 0.043   -9.301  -5.454  1.00 15.40 ? 85   ILE B CG1 1 
ATOM   1401 C CG2 . ILE B 1 85 ? 0.698   -7.671  -7.254  1.00 16.11 ? 85   ILE B CG2 1 
ATOM   1402 C CD1 . ILE B 1 85 ? 1.195   -10.299 -5.676  1.00 19.36 ? 85   ILE B CD1 1 
ATOM   1403 N N   . GLY B 1 86 ? 3.172   -5.615  -5.400  1.00 16.54 ? 86   GLY B N   1 
ATOM   1404 C CA  . GLY B 1 86 ? 3.588   -4.242  -5.616  1.00 13.11 ? 86   GLY B CA  1 
ATOM   1405 C C   . GLY B 1 86 ? 3.442   -3.771  -7.048  1.00 13.01 ? 86   GLY B C   1 
ATOM   1406 O O   . GLY B 1 86 ? 3.100   -4.553  -7.940  1.00 10.96 ? 86   GLY B O   1 
ATOM   1407 N N   . ARG B 1 87 ? 3.751   -2.497  -7.275  1.00 15.83 ? 87   ARG B N   1 
ATOM   1408 C CA  . ARG B 1 87 ? 3.642   -1.885  -8.602  1.00 18.92 ? 87   ARG B CA  1 
ATOM   1409 C C   . ARG B 1 87 ? 4.396   -2.603  -9.721  1.00 19.48 ? 87   ARG B C   1 
ATOM   1410 O O   . ARG B 1 87 ? 3.939   -2.608  -10.867 1.00 21.83 ? 87   ARG B O   1 
ATOM   1411 C CB  . ARG B 1 87 ? 4.041   -0.404  -8.547  1.00 16.52 ? 87   ARG B CB  1 
ATOM   1412 C CG  . ARG B 1 87 ? 3.148   0.453   -7.646  1.00 13.81 ? 87   ARG B CG  1 
ATOM   1413 C CD  . ARG B 1 87 ? 3.516   1.940   -7.680  1.00 17.06 ? 87   ARG B CD  1 
ATOM   1414 N NE  . ARG B 1 87 ? 4.863   2.206   -7.182  1.00 18.70 ? 87   ARG B NE  1 
ATOM   1415 C CZ  . ARG B 1 87 ? 5.936   2.308   -7.957  1.00 20.76 ? 87   ARG B CZ  1 
ATOM   1416 N NH1 . ARG B 1 87 ? 5.823   2.187   -9.272  1.00 20.08 ? 87   ARG B NH1 1 
ATOM   1417 N NH2 . ARG B 1 87 ? 7.124   2.545   -7.423  1.00 18.70 ? 87   ARG B NH2 1 
ATOM   1418 N N   . ASN B 1 88 ? 5.499   -3.270  -9.388  1.00 17.93 ? 88   ASN B N   1 
ATOM   1419 C CA  . ASN B 1 88 ? 6.286   -3.969  -10.395 1.00 16.51 ? 88   ASN B CA  1 
ATOM   1420 C C   . ASN B 1 88 ? 5.459   -5.024  -11.129 1.00 19.45 ? 88   ASN B C   1 
ATOM   1421 O O   . ASN B 1 88 ? 5.638   -5.223  -12.333 1.00 20.80 ? 88   ASN B O   1 
ATOM   1422 C CB  . ASN B 1 88 ? 7.567   -4.578  -9.794  1.00 15.14 ? 88   ASN B CB  1 
ATOM   1423 C CG  . ASN B 1 88 ? 7.304   -5.818  -8.955  1.00 17.21 ? 88   ASN B CG  1 
ATOM   1424 O OD1 . ASN B 1 88 ? 6.589   -5.763  -7.954  1.00 17.20 ? 88   ASN B OD1 1 
ATOM   1425 N ND2 . ASN B 1 88 ? 7.889   -6.944  -9.353  1.00 17.21 ? 88   ASN B ND2 1 
ATOM   1426 N N   . LEU B 1 89 ? 4.531   -5.673  -10.426 1.00 18.34 ? 89   LEU B N   1 
ATOM   1427 C CA  . LEU B 1 89 ? 3.683   -6.687  -11.055 1.00 17.62 ? 89   LEU B CA  1 
ATOM   1428 C C   . LEU B 1 89 ? 2.291   -6.149  -11.388 1.00 17.60 ? 89   LEU B C   1 
ATOM   1429 O O   . LEU B 1 89 ? 1.631   -6.666  -12.282 1.00 17.93 ? 89   LEU B O   1 
ATOM   1430 C CB  . LEU B 1 89 ? 3.563   -7.932  -10.179 1.00 18.54 ? 89   LEU B CB  1 
ATOM   1431 C CG  . LEU B 1 89 ? 4.853   -8.676  -9.846  1.00 18.56 ? 89   LEU B CG  1 
ATOM   1432 C CD1 . LEU B 1 89 ? 4.503   -10.000 -9.171  1.00 18.67 ? 89   LEU B CD1 1 
ATOM   1433 C CD2 . LEU B 1 89 ? 5.663   -8.916  -11.120 1.00 15.30 ? 89   LEU B CD2 1 
ATOM   1434 N N   . LEU B 1 90 ? 1.850   -5.116  -10.673 1.00 16.90 ? 90   LEU B N   1 
ATOM   1435 C CA  . LEU B 1 90 ? 0.548   -4.519  -10.940 1.00 16.77 ? 90   LEU B CA  1 
ATOM   1436 C C   . LEU B 1 90 ? 0.571   -3.930  -12.351 1.00 18.51 ? 90   LEU B C   1 
ATOM   1437 O O   . LEU B 1 90 ? -0.435  -3.954  -13.054 1.00 19.53 ? 90   LEU B O   1 
ATOM   1438 C CB  . LEU B 1 90 ? 0.213   -3.427  -9.919  1.00 14.89 ? 90   LEU B CB  1 
ATOM   1439 C CG  . LEU B 1 90 ? -0.001  -3.847  -8.461  1.00 13.48 ? 90   LEU B CG  1 
ATOM   1440 C CD1 . LEU B 1 90 ? -0.278  -2.610  -7.634  1.00 11.39 ? 90   LEU B CD1 1 
ATOM   1441 C CD2 . LEU B 1 90 ? -1.132  -4.870  -8.338  1.00 9.81  ? 90   LEU B CD2 1 
ATOM   1442 N N   . THR B 1 91 ? 1.726   -3.418  -12.770 1.00 19.85 ? 91   THR B N   1 
ATOM   1443 C CA  . THR B 1 91 ? 1.850   -2.858  -14.111 1.00 20.37 ? 91   THR B CA  1 
ATOM   1444 C C   . THR B 1 91 ? 1.783   -3.977  -15.148 1.00 23.49 ? 91   THR B C   1 
ATOM   1445 O O   . THR B 1 91 ? 1.249   -3.783  -16.244 1.00 26.49 ? 91   THR B O   1 
ATOM   1446 C CB  . THR B 1 91 ? 3.157   -2.051  -14.295 1.00 19.43 ? 91   THR B CB  1 
ATOM   1447 O OG1 . THR B 1 91 ? 4.283   -2.842  -13.892 1.00 21.41 ? 91   THR B OG1 1 
ATOM   1448 C CG2 . THR B 1 91 ? 3.115   -0.766  -13.478 1.00 13.87 ? 91   THR B CG2 1 
ATOM   1449 N N   . GLN B 1 92 ? 2.295   -5.156  -14.794 1.00 22.00 ? 92   GLN B N   1 
ATOM   1450 C CA  . GLN B 1 92 ? 2.269   -6.292  -15.709 1.00 22.07 ? 92   GLN B CA  1 
ATOM   1451 C C   . GLN B 1 92 ? 0.866   -6.783  -16.022 1.00 23.44 ? 92   GLN B C   1 
ATOM   1452 O O   . GLN B 1 92 ? 0.602   -7.243  -17.135 1.00 25.66 ? 92   GLN B O   1 
ATOM   1453 C CB  . GLN B 1 92 ? 3.113   -7.450  -15.186 1.00 20.23 ? 92   GLN B CB  1 
ATOM   1454 C CG  . GLN B 1 92 ? 4.590   -7.164  -15.211 1.00 19.38 ? 92   GLN B CG  1 
ATOM   1455 C CD  . GLN B 1 92 ? 5.433   -8.420  -15.311 1.00 17.76 ? 92   GLN B CD  1 
ATOM   1456 O OE1 . GLN B 1 92 ? 4.964   -9.481  -15.729 1.00 11.51 ? 92   GLN B OE1 1 
ATOM   1457 N NE2 . GLN B 1 92 ? 6.687   -8.307  -14.915 1.00 22.72 ? 92   GLN B NE2 1 
ATOM   1458 N N   . ILE B 1 93 ? -0.031  -6.684  -15.045 1.00 21.77 ? 93   ILE B N   1 
ATOM   1459 C CA  . ILE B 1 93 ? -1.407  -7.112  -15.243 1.00 21.98 ? 93   ILE B CA  1 
ATOM   1460 C C   . ILE B 1 93 ? -2.279  -5.946  -15.713 1.00 21.62 ? 93   ILE B C   1 
ATOM   1461 O O   . ILE B 1 93 ? -3.485  -6.091  -15.861 1.00 22.03 ? 93   ILE B O   1 
ATOM   1462 C CB  . ILE B 1 93 ? -1.996  -7.768  -13.967 1.00 22.87 ? 93   ILE B CB  1 
ATOM   1463 C CG1 . ILE B 1 93 ? -2.097  -6.748  -12.833 1.00 22.44 ? 93   ILE B CG1 1 
ATOM   1464 C CG2 . ILE B 1 93 ? -1.120  -8.943  -13.535 1.00 22.80 ? 93   ILE B CG2 1 
ATOM   1465 C CD1 . ILE B 1 93 ? -2.803  -7.273  -11.616 1.00 22.73 ? 93   ILE B CD1 1 
ATOM   1466 N N   . GLY B 1 94 ? -1.657  -4.790  -15.923 1.00 21.96 ? 94   GLY B N   1 
ATOM   1467 C CA  . GLY B 1 94 ? -2.363  -3.622  -16.419 1.00 23.67 ? 94   GLY B CA  1 
ATOM   1468 C C   . GLY B 1 94 ? -3.318  -2.974  -15.443 1.00 26.56 ? 94   GLY B C   1 
ATOM   1469 O O   . GLY B 1 94 ? -4.378  -2.481  -15.838 1.00 26.59 ? 94   GLY B O   1 
ATOM   1470 N N   . CYS B 1 95 ? -2.914  -2.921  -14.177 1.00 26.29 ? 95   CYS B N   1 
ATOM   1471 C CA  . CYS B 1 95 ? -3.723  -2.341  -13.116 1.00 24.47 ? 95   CYS B CA  1 
ATOM   1472 C C   . CYS B 1 95 ? -3.472  -0.845  -12.945 1.00 22.92 ? 95   CYS B C   1 
ATOM   1473 O O   . CYS B 1 95 ? -2.323  -0.393  -12.946 1.00 21.69 ? 95   CYS B O   1 
ATOM   1474 C CB  . CYS B 1 95 ? -3.444  -3.083  -11.808 1.00 25.62 ? 95   CYS B CB  1 
ATOM   1475 S SG  . CYS B 1 95 ? -4.453  -2.574  -10.403 1.00 26.31 ? 95   CYS B SG  1 
ATOM   1476 N N   . THR B 1 96 ? -4.556  -0.089  -12.780 1.00 21.63 ? 96   THR B N   1 
ATOM   1477 C CA  . THR B 1 96 ? -4.498  1.356   -12.598 1.00 19.16 ? 96   THR B CA  1 
ATOM   1478 C C   . THR B 1 96 ? -5.472  1.754   -11.498 1.00 16.61 ? 96   THR B C   1 
ATOM   1479 O O   . THR B 1 96 ? -6.354  0.969   -11.122 1.00 16.13 ? 96   THR B O   1 
ATOM   1480 C CB  . THR B 1 96 ? -4.974  2.112   -13.870 1.00 23.33 ? 96   THR B CB  1 
ATOM   1481 O OG1 . THR B 1 96 ? -6.281  1.648   -14.236 1.00 20.50 ? 96   THR B OG1 1 
ATOM   1482 C CG2 . THR B 1 96 ? -4.019  1.911   -15.032 1.00 19.93 ? 96   THR B CG2 1 
ATOM   1483 N N   . LEU B 1 97 ? -5.289  2.963   -10.976 1.00 16.79 ? 97   LEU B N   1 
ATOM   1484 C CA  . LEU B 1 97 ? -6.174  3.532   -9.966  1.00 18.01 ? 97   LEU B CA  1 
ATOM   1485 C C   . LEU B 1 97 ? -7.078  4.480   -10.758 1.00 20.69 ? 97   LEU B C   1 
ATOM   1486 O O   . LEU B 1 97 ? -6.617  5.152   -11.683 1.00 20.18 ? 97   LEU B O   1 
ATOM   1487 C CB  . LEU B 1 97 ? -5.379  4.330   -8.927  1.00 17.00 ? 97   LEU B CB  1 
ATOM   1488 C CG  . LEU B 1 97 ? -4.657  3.527   -7.847  1.00 15.49 ? 97   LEU B CG  1 
ATOM   1489 C CD1 . LEU B 1 97 ? -3.764  4.449   -7.069  1.00 15.66 ? 97   LEU B CD1 1 
ATOM   1490 C CD2 . LEU B 1 97 ? -5.668  2.852   -6.925  1.00 14.97 ? 97   LEU B CD2 1 
ATOM   1491 N N   . ASN B 1 98 ? -8.357  4.537   -10.407 1.00 22.86 ? 98   ASN B N   1 
ATOM   1492 C CA  . ASN B 1 98 ? -9.293  5.388   -11.128 1.00 23.73 ? 98   ASN B CA  1 
ATOM   1493 C C   . ASN B 1 98 ? -10.287 6.053   -10.205 1.00 26.53 ? 98   ASN B C   1 
ATOM   1494 O O   . ASN B 1 98 ? -10.807 5.423   -9.286  1.00 26.46 ? 98   ASN B O   1 
ATOM   1495 C CB  . ASN B 1 98 ? -10.084 4.561   -12.139 1.00 22.64 ? 98   ASN B CB  1 
ATOM   1496 C CG  . ASN B 1 98 ? -9.216  3.932   -13.188 1.00 26.48 ? 98   ASN B CG  1 
ATOM   1497 O OD1 . ASN B 1 98 ? -9.096  4.448   -14.300 1.00 31.43 ? 98   ASN B OD1 1 
ATOM   1498 N ND2 . ASN B 1 98 ? -8.604  2.809   -12.853 1.00 27.93 ? 98   ASN B ND2 1 
ATOM   1499 N N   . PHE B 1 99 ? -10.570 7.319   -10.471 1.00 28.92 ? 99   PHE B N   1 
ATOM   1500 C CA  . PHE B 1 99 ? -11.544 8.073   -9.694  1.00 30.83 ? 99   PHE B CA  1 
ATOM   1501 C C   . PHE B 1 99 ? -11.958 9.358   -10.425 1.00 33.56 ? 99   PHE B C   1 
ATOM   1502 O O   . PHE B 1 99 ? -11.636 9.471   -11.629 1.00 35.09 ? 99   PHE B O   1 
ATOM   1503 C CB  . PHE B 1 99 ? -11.036 8.348   -8.267  1.00 29.60 ? 99   PHE B CB  1 
ATOM   1504 C CG  . PHE B 1 99 ? -9.855  9.270   -8.187  1.00 27.95 ? 99   PHE B CG  1 
ATOM   1505 C CD1 . PHE B 1 99 ? -8.560  8.772   -8.248  1.00 27.99 ? 99   PHE B CD1 1 
ATOM   1506 C CD2 . PHE B 1 99 ? -10.039 10.633  -7.994  1.00 27.54 ? 99   PHE B CD2 1 
ATOM   1507 C CE1 . PHE B 1 99 ? -7.465  9.621   -8.113  1.00 28.35 ? 99   PHE B CE1 1 
ATOM   1508 C CE2 . PHE B 1 99 ? -8.955  11.493  -7.859  1.00 27.78 ? 99   PHE B CE2 1 
ATOM   1509 C CZ  . PHE B 1 99 ? -7.664  10.990  -7.916  1.00 28.37 ? 99   PHE B CZ  1 
ATOM   1510 O OXT . PHE B 1 99 ? -12.623 10.224  -9.813  1.00 35.06 ? 99   PHE B OXT 1 
ATOM   1511 N N   . GLU C 2 1  ? -3.372  -2.638  9.765   1.00 38.98 ? 506  GLU C N   1 
ATOM   1512 C CA  . GLU C 2 1  ? -2.064  -2.736  9.063   1.00 38.62 ? 506  GLU C CA  1 
ATOM   1513 C C   . GLU C 2 1  ? -2.003  -1.733  7.912   1.00 36.98 ? 506  GLU C C   1 
ATOM   1514 O O   . GLU C 2 1  ? -3.010  -1.466  7.246   1.00 35.33 ? 506  GLU C O   1 
ATOM   1515 C CB  . GLU C 2 1  ? -1.829  -4.161  8.558   1.00 41.41 ? 506  GLU C CB  1 
ATOM   1516 C CG  . GLU C 2 1  ? -2.981  -4.728  7.753   1.00 54.63 ? 506  GLU C CG  1 
ATOM   1517 C CD  . GLU C 2 1  ? -2.772  -6.176  7.353   1.00 71.07 ? 506  GLU C CD  1 
ATOM   1518 O OE1 . GLU C 2 1  ? -2.308  -6.973  8.201   1.00 74.77 ? 506  GLU C OE1 1 
ATOM   1519 O OE2 . GLU C 2 1  ? -3.087  -6.515  6.190   1.00 73.38 ? 506  GLU C OE2 1 
ATOM   1520 N N   . ASP C 2 2  ? -0.830  -1.141  7.721   1.00 35.05 ? 507  ASP C N   1 
ATOM   1521 C CA  . ASP C 2 2  ? -0.618  -0.159  6.666   1.00 33.68 ? 507  ASP C CA  1 
ATOM   1522 C C   . ASP C 2 2  ? 0.577   -0.586  5.832   1.00 33.47 ? 507  ASP C C   1 
ATOM   1523 O O   . ASP C 2 2  ? 1.726   -0.313  6.189   1.00 34.83 ? 507  ASP C O   1 
ATOM   1524 C CB  . ASP C 2 2  ? -0.405  1.222   7.282   1.00 31.02 ? 507  ASP C CB  1 
ATOM   1525 C CG  . ASP C 2 2  ? -1.652  1.732   7.975   1.00 34.22 ? 507  ASP C CG  1 
ATOM   1526 O OD1 . ASP C 2 2  ? -2.536  2.247   7.266   1.00 33.73 ? 507  ASP C OD1 1 
ATOM   1527 O OD2 . ASP C 2 2  ? -1.771  1.583   9.212   1.00 32.29 ? 507  ASP C OD2 1 
ATOM   1528 N N   . LEU C 2 3  ? 0.293   -1.299  4.746   1.00 31.65 ? 508  LEU C N   1 
ATOM   1529 C CA  . LEU C 2 3  ? 1.328   -1.812  3.862   1.00 32.20 ? 508  LEU C CA  1 
ATOM   1530 C C   . LEU C 2 3  ? 1.408   -1.067  2.542   1.00 33.63 ? 508  LEU C C   1 
ATOM   1531 O O   . LEU C 2 3  ? 2.494   -1.078  1.925   0.50 32.81 ? 508  LEU C O   1 
ATOM   1532 C CB  . LEU C 2 3  ? 1.085   -3.294  3.615   1.00 32.28 ? 508  LEU C CB  1 
ATOM   1533 C CG  . LEU C 2 3  ? 1.161   -4.046  4.939   1.00 33.09 ? 508  LEU C CG  1 
ATOM   1534 C CD1 . LEU C 2 3  ? 0.066   -5.066  5.022   1.00 32.61 ? 508  LEU C CD1 1 
ATOM   1535 C CD2 . LEU C 2 3  ? 2.545   -4.657  5.103   1.00 34.13 ? 508  LEU C CD2 1 
ATOM   1536 O OXT . LEU C 2 3  ? 0.384   -0.478  2.139   0.50 35.17 ? 508  LEU C OXT 1 
HETATM 1537 O O   . HOH D 3 .  ? -15.468 3.981   -3.376  1.00 20.99 ? 1045 HOH A O   1 
HETATM 1538 O O   . HOH D 3 .  ? -16.686 4.315   -8.035  1.00 42.10 ? 1047 HOH A O   1 
HETATM 1539 O O   . HOH D 3 .  ? -15.149 9.836   -7.815  1.00 49.69 ? 1048 HOH A O   1 
HETATM 1540 O O   . HOH D 3 .  ? -13.521 4.552   -9.654  1.00 37.27 ? 1049 HOH A O   1 
HETATM 1541 O O   . HOH D 3 .  ? -13.737 5.490   -12.376 1.00 35.60 ? 1050 HOH A O   1 
HETATM 1542 O O   . HOH D 3 .  ? -10.164 13.681  -14.586 1.00 46.18 ? 1053 HOH A O   1 
HETATM 1543 O O   . HOH D 3 .  ? -9.603  15.137  -10.215 1.00 53.82 ? 1054 HOH A O   1 
HETATM 1544 O O   . HOH D 3 .  ? -14.902 16.476  -6.330  1.00 52.05 ? 1055 HOH A O   1 
HETATM 1545 O O   . HOH D 3 .  ? -14.718 18.019  -3.740  1.00 48.79 ? 1056 HOH A O   1 
HETATM 1546 O O   . HOH D 3 .  ? -6.542  18.226  -4.492  1.00 50.69 ? 1057 HOH A O   1 
HETATM 1547 O O   . HOH D 3 .  ? -5.493  19.442  -2.613  1.00 35.98 ? 1058 HOH A O   1 
HETATM 1548 O O   . HOH D 3 .  ? -5.683  22.022  -2.951  1.00 59.09 ? 1059 HOH A O   1 
HETATM 1549 O O   . HOH D 3 .  ? -7.533  24.118  -2.766  1.00 54.15 ? 1060 HOH A O   1 
HETATM 1550 O O   . HOH D 3 .  ? -3.920  26.409  -0.477  1.00 53.84 ? 1061 HOH A O   1 
HETATM 1551 O O   . HOH D 3 .  ? 0.715   24.951  3.101   1.00 35.75 ? 1062 HOH A O   1 
HETATM 1552 O O   . HOH D 3 .  ? -7.665  22.150  10.686  1.00 57.47 ? 1063 HOH A O   1 
HETATM 1553 O O   . HOH D 3 .  ? -1.312  26.704  8.660   1.00 47.20 ? 1064 HOH A O   1 
HETATM 1554 O O   . HOH D 3 .  ? -10.789 21.417  2.415   1.00 56.10 ? 1065 HOH A O   1 
HETATM 1555 O O   . HOH D 3 .  ? -8.472  19.794  10.645  1.00 44.79 ? 1066 HOH A O   1 
HETATM 1556 O O   . HOH D 3 .  ? -4.322  22.386  14.929  1.00 61.86 ? 1067 HOH A O   1 
HETATM 1557 O O   . HOH D 3 .  ? -8.353  21.815  19.190  1.00 43.51 ? 1068 HOH A O   1 
HETATM 1558 O O   . HOH D 3 .  ? -7.917  18.385  22.613  1.00 47.24 ? 1069 HOH A O   1 
HETATM 1559 O O   . HOH D 3 .  ? -6.260  14.154  23.490  1.00 43.36 ? 1070 HOH A O   1 
HETATM 1560 O O   . HOH D 3 .  ? -5.413  11.272  24.869  1.00 46.93 ? 1071 HOH A O   1 
HETATM 1561 O O   . HOH D 3 .  ? -6.413  5.472   25.067  1.00 36.37 ? 1072 HOH A O   1 
HETATM 1562 O O   . HOH D 3 .  ? -6.291  4.144   22.668  1.00 36.99 ? 1073 HOH A O   1 
HETATM 1563 O O   . HOH D 3 .  ? -3.624  0.269   18.360  1.00 20.66 ? 1074 HOH A O   1 
HETATM 1564 O O   . HOH D 3 .  ? -4.334  -0.398  11.299  1.00 28.33 ? 1076 HOH A O   1 
HETATM 1565 O O   . HOH D 3 .  ? -10.489 1.409   6.325   1.00 27.09 ? 1077 HOH A O   1 
HETATM 1566 O O   . HOH D 3 .  ? -13.863 3.091   4.081   1.00 29.16 ? 1079 HOH A O   1 
HETATM 1567 O O   . HOH D 3 .  ? -16.455 3.036   5.207   1.00 33.43 ? 1080 HOH A O   1 
HETATM 1568 O O   . HOH D 3 .  ? -11.985 -2.452  6.116   1.00 37.38 ? 1082 HOH A O   1 
HETATM 1569 O O   . HOH D 3 .  ? -9.141  -2.889  8.391   1.00 50.07 ? 1083 HOH A O   1 
HETATM 1570 O O   . HOH D 3 .  ? 6.550   4.565   17.486  1.00 29.13 ? 1102 HOH A O   1 
HETATM 1571 O O   . HOH D 3 .  ? 6.661   2.435   19.450  1.00 47.19 ? 1103 HOH A O   1 
HETATM 1572 O O   . HOH D 3 .  ? 6.922   -0.184  18.448  1.00 33.68 ? 1104 HOH A O   1 
HETATM 1573 O O   . HOH D 3 .  ? 7.493   -3.692  16.283  1.00 28.48 ? 1105 HOH A O   1 
HETATM 1574 O O   . HOH D 3 .  ? 8.704   -1.349  15.126  1.00 44.25 ? 1106 HOH A O   1 
HETATM 1575 O O   . HOH D 3 .  ? 12.678  -2.673  11.734  1.00 37.40 ? 1107 HOH A O   1 
HETATM 1576 O O   . HOH D 3 .  ? 8.063   -6.725  8.752   1.00 24.06 ? 1115 HOH A O   1 
HETATM 1577 O O   . HOH D 3 .  ? 6.723   -0.160  -11.690 1.00 40.91 ? 1123 HOH A O   1 
HETATM 1578 O O   . HOH D 3 .  ? 11.769  6.063   -14.809 1.00 64.91 ? 1125 HOH A O   1 
HETATM 1579 O O   . HOH D 3 .  ? 8.212   6.527   -8.409  1.00 21.26 ? 1127 HOH A O   1 
HETATM 1580 O O   . HOH D 3 .  ? 8.338   9.059   -7.527  1.00 41.35 ? 1128 HOH A O   1 
HETATM 1581 O O   . HOH D 3 .  ? 8.579   9.308   -4.016  1.00 36.82 ? 1129 HOH A O   1 
HETATM 1582 O O   . HOH D 3 .  ? 8.009   9.861   -1.330  1.00 50.27 ? 1130 HOH A O   1 
HETATM 1583 O O   . HOH D 3 .  ? 5.256   12.077  1.489   1.00 25.47 ? 1131 HOH A O   1 
HETATM 1584 O O   . HOH D 3 .  ? 4.440   16.385  5.513   1.00 31.81 ? 1132 HOH A O   1 
HETATM 1585 O O   . HOH D 3 .  ? 3.172   16.647  7.997   1.00 37.35 ? 1133 HOH A O   1 
HETATM 1586 O O   . HOH D 3 .  ? 7.066   12.665  10.706  1.00 37.78 ? 1134 HOH A O   1 
HETATM 1587 O O   . HOH D 3 .  ? 8.518   10.751  9.512   1.00 40.87 ? 1135 HOH A O   1 
HETATM 1588 O O   . HOH D 3 .  ? 4.488   16.635  1.828   1.00 36.15 ? 1136 HOH A O   1 
HETATM 1589 O O   . HOH D 3 .  ? -6.825  6.637   9.291   1.00 17.24 ? 1137 HOH A O   1 
HETATM 1590 O O   . HOH D 3 .  ? -9.935  3.579   9.156   1.00 44.02 ? 1138 HOH A O   1 
HETATM 1591 O O   . HOH D 3 .  ? -8.796  4.297   12.993  1.00 38.13 ? 1139 HOH A O   1 
HETATM 1592 O O   . HOH D 3 .  ? -12.624 6.821   8.741   1.00 24.89 ? 1140 HOH A O   1 
HETATM 1593 O O   . HOH D 3 .  ? -13.566 9.846   11.637  1.00 24.10 ? 1141 HOH A O   1 
HETATM 1594 O O   . HOH D 3 .  ? -15.832 10.759  10.144  1.00 58.68 ? 1142 HOH A O   1 
HETATM 1595 O O   . HOH D 3 .  ? -15.867 11.227  16.363  1.00 36.33 ? 1143 HOH A O   1 
HETATM 1596 O O   . HOH D 3 .  ? -12.743 11.368  18.689  1.00 53.77 ? 1144 HOH A O   1 
HETATM 1597 O O   . HOH D 3 .  ? -10.767 10.698  20.574  1.00 50.47 ? 1145 HOH A O   1 
HETATM 1598 O O   . HOH D 3 .  ? -9.575  9.889   18.223  1.00 35.00 ? 1146 HOH A O   1 
HETATM 1599 O O   . HOH D 3 .  ? 13.733  3.845   -5.241  1.00 43.54 ? 1147 HOH A O   1 
HETATM 1600 O O   . HOH D 3 .  ? -10.989 15.197  15.788  1.00 48.50 ? 1148 HOH A O   1 
HETATM 1601 O O   . HOH D 3 .  ? -13.943 13.997  16.659  1.00 44.10 ? 1149 HOH A O   1 
HETATM 1602 O O   . HOH D 3 .  ? -12.607 16.076  18.050  1.00 50.77 ? 1150 HOH A O   1 
HETATM 1603 O O   . HOH D 3 .  ? -5.094  18.642  19.320  1.00 53.64 ? 1151 HOH A O   1 
HETATM 1604 O O   . HOH D 3 .  ? 0.641   18.598  18.677  1.00 51.57 ? 1152 HOH A O   1 
HETATM 1605 O O   . HOH D 3 .  ? -8.396  19.353  8.193   1.00 53.08 ? 1153 HOH A O   1 
HETATM 1606 O O   . HOH D 3 .  ? 1.414   21.509  12.197  1.00 37.94 ? 1154 HOH A O   1 
HETATM 1607 O O   . HOH D 3 .  ? 4.606   22.586  11.420  1.00 25.91 ? 1155 HOH A O   1 
HETATM 1608 O O   . HOH D 3 .  ? -7.305  22.372  4.857   1.00 38.77 ? 1156 HOH A O   1 
HETATM 1609 O O   . HOH D 3 .  ? -8.629  20.312  4.102   1.00 29.15 ? 1157 HOH A O   1 
HETATM 1610 O O   . HOH D 3 .  ? -15.487 12.783  -4.075  1.00 45.18 ? 1158 HOH A O   1 
HETATM 1611 O O   . HOH D 3 .  ? -16.249 11.736  3.040   1.00 31.08 ? 1159 HOH A O   1 
HETATM 1612 O O   . HOH D 3 .  ? -16.296 12.375  0.265   1.00 23.16 ? 1160 HOH A O   1 
HETATM 1613 O O   . HOH D 3 .  ? -11.429 18.662  9.681   1.00 47.11 ? 1161 HOH A O   1 
HETATM 1614 O O   . HOH D 3 .  ? -13.010 8.498   21.382  1.00 63.07 ? 1162 HOH A O   1 
HETATM 1615 O O   . HOH D 3 .  ? -12.751 6.725   17.019  1.00 54.60 ? 1163 HOH A O   1 
HETATM 1616 O O   . HOH D 3 .  ? -17.372 18.685  24.577  1.00 67.54 ? 1164 HOH A O   1 
HETATM 1617 O O   . HOH D 3 .  ? 1.010   8.995   20.283  1.00 34.44 ? 1165 HOH A O   1 
HETATM 1618 O O   . HOH D 3 .  ? 2.764   10.413  18.738  1.00 57.34 ? 1166 HOH A O   1 
HETATM 1619 O O   . HOH D 3 .  ? 4.733   8.416   18.148  1.00 51.94 ? 1167 HOH A O   1 
HETATM 1620 O O   . HOH D 3 .  ? -0.053  5.837   25.185  1.00 39.39 ? 1168 HOH A O   1 
HETATM 1621 O O   . HOH D 3 .  ? -4.271  -3.339  4.607   1.00 16.71 ? 1169 HOH A O   1 
HETATM 1622 O O   . HOH D 3 .  ? -5.656  -2.616  2.478   1.00 18.68 ? 1170 HOH A O   1 
HETATM 1623 O O   . HOH D 3 .  ? 17.044  2.911   -2.004  1.00 62.39 ? 1175 HOH A O   1 
HETATM 1624 O O   . HOH D 3 .  ? -5.420  -5.971  -17.703 1.00 38.94 ? 1182 HOH A O   1 
HETATM 1625 O O   . HOH D 3 .  ? 0.184   2.684   -19.766 1.00 43.16 ? 1187 HOH A O   1 
HETATM 1626 O O   . HOH D 3 .  ? -3.807  5.525   -18.332 1.00 42.86 ? 1188 HOH A O   1 
HETATM 1627 O O   . HOH D 3 .  ? -2.861  7.676   -17.037 1.00 41.39 ? 1189 HOH A O   1 
HETATM 1628 O O   . HOH D 3 .  ? -0.835  8.018   -14.923 1.00 46.64 ? 1190 HOH A O   1 
HETATM 1629 O O   . HOH D 3 .  ? 2.666   5.957   -13.759 1.00 23.12 ? 1191 HOH A O   1 
HETATM 1630 O O   . HOH D 3 .  ? 1.459   6.590   -10.531 1.00 30.69 ? 1192 HOH A O   1 
HETATM 1631 O O   . HOH D 3 .  ? 1.737   9.267   -10.344 1.00 32.17 ? 1193 HOH A O   1 
HETATM 1632 O O   . HOH D 3 .  ? 5.848   9.621   -8.591  1.00 36.09 ? 1194 HOH A O   1 
HETATM 1633 O O   . HOH D 3 .  ? 8.651   2.454   -14.526 1.00 54.90 ? 1197 HOH A O   1 
HETATM 1634 O O   . HOH D 3 .  ? -4.072  -1.306  15.085  1.00 45.62 ? 1198 HOH A O   1 
HETATM 1635 O O   . HOH D 3 .  ? -2.406  -6.211  -19.429 1.00 41.28 ? 1200 HOH A O   1 
HETATM 1636 O O   . HOH D 3 .  ? 1.106   15.947  -7.455  1.00 44.83 ? 1206 HOH A O   1 
HETATM 1637 O O   . HOH D 3 .  ? -1.746  15.843  -7.549  1.00 47.82 ? 1207 HOH A O   1 
HETATM 1638 O O   . HOH D 3 .  ? -2.830  10.538  -14.466 1.00 48.95 ? 1208 HOH A O   1 
HETATM 1639 O O   . HOH D 3 .  ? -6.260  10.200  -16.664 1.00 46.72 ? 1209 HOH A O   1 
HETATM 1640 O O   . HOH D 3 .  ? -7.878  4.041   -20.780 1.00 56.74 ? 1210 HOH A O   1 
HETATM 1641 O O   . HOH D 3 .  ? -12.827 -2.188  -14.563 1.00 41.54 ? 1211 HOH A O   1 
HETATM 1642 O O   . HOH D 3 .  ? -13.565 3.200   -14.065 1.00 42.66 ? 1215 HOH A O   1 
HETATM 1643 O O   . HOH E 3 .  ? -1.640  -17.261 1.781   1.00 39.26 ? 1000 HOH B O   1 
HETATM 1644 O O   . HOH E 3 .  ? 6.785   -23.478 -0.714  1.00 54.93 ? 1001 HOH B O   1 
HETATM 1645 O O   . HOH E 3 .  ? 11.659  -9.863  11.127  1.00 34.97 ? 1002 HOH B O   1 
HETATM 1646 O O   . HOH E 3 .  ? 13.777  -18.225 7.526   1.00 38.27 ? 1003 HOH B O   1 
HETATM 1647 O O   . HOH E 3 .  ? 14.484  -21.264 -0.635  1.00 55.41 ? 1004 HOH B O   1 
HETATM 1648 O O   . HOH E 3 .  ? 16.593  -20.316 -2.219  1.00 34.67 ? 1005 HOH B O   1 
HETATM 1649 O O   . HOH E 3 .  ? 16.680  -21.308 -4.752  1.00 38.28 ? 1006 HOH B O   1 
HETATM 1650 O O   . HOH E 3 .  ? 12.426  -10.447 -16.636 1.00 56.72 ? 1007 HOH B O   1 
HETATM 1651 O O   . HOH E 3 .  ? 16.881  -23.856 -8.259  1.00 26.88 ? 1008 HOH B O   1 
HETATM 1652 O O   . HOH E 3 .  ? 15.093  -20.109 -12.283 1.00 47.10 ? 1009 HOH B O   1 
HETATM 1653 O O   . HOH E 3 .  ? 14.307  -6.051  -10.340 1.00 42.77 ? 1010 HOH B O   1 
HETATM 1654 O O   . HOH E 3 .  ? 15.358  -16.995 -9.323  1.00 44.76 ? 1011 HOH B O   1 
HETATM 1655 O O   . HOH E 3 .  ? 16.935  -14.810 -9.200  1.00 36.40 ? 1012 HOH B O   1 
HETATM 1656 O O   . HOH E 3 .  ? 18.061  -12.516 -8.214  1.00 31.01 ? 1013 HOH B O   1 
HETATM 1657 O O   . HOH E 3 .  ? 25.769  -16.262 -10.322 1.00 46.18 ? 1014 HOH B O   1 
HETATM 1658 O O   . HOH E 3 .  ? 22.997  -13.820 -6.888  1.00 49.47 ? 1015 HOH B O   1 
HETATM 1659 O O   . HOH E 3 .  ? 19.241  -18.621 -10.797 1.00 42.92 ? 1016 HOH B O   1 
HETATM 1660 O O   . HOH E 3 .  ? 9.256   -19.155 -11.501 1.00 29.19 ? 1017 HOH B O   1 
HETATM 1661 O O   . HOH E 3 .  ? 8.505   -20.541 -9.185  1.00 27.99 ? 1018 HOH B O   1 
HETATM 1662 O O   . HOH E 3 .  ? 5.736   -20.080 -9.968  1.00 26.74 ? 1019 HOH B O   1 
HETATM 1663 O O   . HOH E 3 .  ? 2.339   -20.391 -10.882 1.00 23.57 ? 1020 HOH B O   1 
HETATM 1664 O O   . HOH E 3 .  ? 11.941  1.118   -6.596  1.00 48.33 ? 1021 HOH B O   1 
HETATM 1665 O O   . HOH E 3 .  ? -0.537  -24.711 -11.587 1.00 39.86 ? 1022 HOH B O   1 
HETATM 1666 O O   . HOH E 3 .  ? 3.383   -18.713 6.742   1.00 43.32 ? 1023 HOH B O   1 
HETATM 1667 O O   . HOH E 3 .  ? -0.851  -26.976 -8.368  1.00 36.64 ? 1024 HOH B O   1 
HETATM 1668 O O   . HOH E 3 .  ? 2.319   -17.027 8.204   1.00 51.95 ? 1025 HOH B O   1 
HETATM 1669 O O   . HOH E 3 .  ? -2.646  -24.774 -3.429  1.00 23.37 ? 1026 HOH B O   1 
HETATM 1670 O O   . HOH E 3 .  ? 0.294   -26.554 -3.806  1.00 44.67 ? 1027 HOH B O   1 
HETATM 1671 O O   . HOH E 3 .  ? -6.555  -21.933 -0.815  1.00 63.35 ? 1028 HOH B O   1 
HETATM 1672 O O   . HOH E 3 .  ? -5.803  -19.301 -0.747  1.00 42.66 ? 1029 HOH B O   1 
HETATM 1673 O O   . HOH E 3 .  ? 2.918   -13.338 -18.938 1.00 42.46 ? 1030 HOH B O   1 
HETATM 1674 O O   . HOH E 3 .  ? -10.355 -15.057 -4.348  1.00 52.54 ? 1031 HOH B O   1 
HETATM 1675 O O   . HOH E 3 .  ? -9.143  -13.702 -6.405  1.00 25.37 ? 1032 HOH B O   1 
HETATM 1676 O O   . HOH E 3 .  ? -10.923 -10.887 -6.742  1.00 51.94 ? 1033 HOH B O   1 
HETATM 1677 O O   . HOH E 3 .  ? -10.815 -8.828  -4.668  1.00 39.39 ? 1034 HOH B O   1 
HETATM 1678 O O   . HOH E 3 .  ? -11.577 -7.156  -2.693  1.00 36.43 ? 1035 HOH B O   1 
HETATM 1679 O O   . HOH E 3 .  ? -11.568 -4.658  -1.969  1.00 25.37 ? 1036 HOH B O   1 
HETATM 1680 O O   . HOH E 3 .  ? -14.313 -3.450  -1.249  1.00 20.25 ? 1037 HOH B O   1 
HETATM 1681 O O   . HOH E 3 .  ? -16.563 -4.536  -0.423  1.00 27.21 ? 1038 HOH B O   1 
HETATM 1682 O O   . HOH E 3 .  ? -14.750 -5.014  -5.355  1.00 31.08 ? 1039 HOH B O   1 
HETATM 1683 O O   . HOH E 3 .  ? -14.637 -7.359  -8.918  1.00 55.45 ? 1040 HOH B O   1 
HETATM 1684 O O   . HOH E 3 .  ? -15.692 -6.451  -11.494 1.00 44.57 ? 1041 HOH B O   1 
HETATM 1685 O O   . HOH E 3 .  ? -17.267 -3.075  -8.812  1.00 39.44 ? 1042 HOH B O   1 
HETATM 1686 O O   . HOH E 3 .  ? -18.618 0.659   -7.977  1.00 52.83 ? 1043 HOH B O   1 
HETATM 1687 O O   . HOH E 3 .  ? -18.167 1.621   -4.422  1.00 29.39 ? 1044 HOH B O   1 
HETATM 1688 O O   . HOH E 3 .  ? -13.574 2.058   -3.435  1.00 15.20 ? 1046 HOH B O   1 
HETATM 1689 O O   . HOH E 3 .  ? -10.804 6.789   -14.852 1.00 42.00 ? 1051 HOH B O   1 
HETATM 1690 O O   . HOH E 3 .  ? -11.314 9.670   -15.795 1.00 66.62 ? 1052 HOH B O   1 
HETATM 1691 O O   . HOH E 3 .  ? -15.981 -4.044  5.167   1.00 49.04 ? 1078 HOH B O   1 
HETATM 1692 O O   . HOH E 3 .  ? -16.046 -0.801  5.159   1.00 56.91 ? 1081 HOH B O   1 
HETATM 1693 O O   . HOH E 3 .  ? -10.301 -4.965  7.155   1.00 46.79 ? 1084 HOH B O   1 
HETATM 1694 O O   . HOH E 3 .  ? -10.998 -6.108  4.855   1.00 24.35 ? 1085 HOH B O   1 
HETATM 1695 O O   . HOH E 3 .  ? -10.952 -8.562  1.540   1.00 32.98 ? 1086 HOH B O   1 
HETATM 1696 O O   . HOH E 3 .  ? -5.402  -10.209 5.787   1.00 60.56 ? 1087 HOH B O   1 
HETATM 1697 O O   . HOH E 3 .  ? -3.935  -12.118 3.826   1.00 52.82 ? 1088 HOH B O   1 
HETATM 1698 O O   . HOH E 3 .  ? -1.276  -12.680 2.893   1.00 26.29 ? 1089 HOH B O   1 
HETATM 1699 O O   . HOH E 3 .  ? 1.322   -16.955 2.414   1.00 35.18 ? 1090 HOH B O   1 
HETATM 1700 O O   . HOH E 3 .  ? 4.362   -17.164 1.475   1.00 39.31 ? 1091 HOH B O   1 
HETATM 1701 O O   . HOH E 3 .  ? 6.039   -18.312 6.173   1.00 54.41 ? 1093 HOH B O   1 
HETATM 1702 O O   . HOH E 3 .  ? 5.853   -13.482 7.362   1.00 34.16 ? 1094 HOH B O   1 
HETATM 1703 O O   . HOH E 3 .  ? 8.576   -22.891 -7.084  1.00 46.22 ? 1095 HOH B O   1 
HETATM 1704 O O   . HOH E 3 .  ? 17.787  -18.438 2.160   1.00 28.72 ? 1096 HOH B O   1 
HETATM 1705 O O   . HOH E 3 .  ? 10.920  2.638   6.705   1.00 27.13 ? 1098 HOH B O   1 
HETATM 1706 O O   . HOH E 3 .  ? 10.827  3.303   4.110   1.00 42.86 ? 1099 HOH B O   1 
HETATM 1707 O O   . HOH E 3 .  ? 18.718  -15.690 4.230   1.00 44.19 ? 1100 HOH B O   1 
HETATM 1708 O O   . HOH E 3 .  ? 9.444   1.251   14.840  1.00 45.48 ? 1101 HOH B O   1 
HETATM 1709 O O   . HOH E 3 .  ? 14.234  0.676   10.778  1.00 49.07 ? 1108 HOH B O   1 
HETATM 1710 O O   . HOH E 3 .  ? 15.707  -7.343  8.775   1.00 40.25 ? 1109 HOH B O   1 
HETATM 1711 O O   . HOH E 3 .  ? 18.493  -12.256 3.976   1.00 38.88 ? 1110 HOH B O   1 
HETATM 1712 O O   . HOH E 3 .  ? 19.034  -10.076 2.290   1.00 32.82 ? 1111 HOH B O   1 
HETATM 1713 O O   . HOH E 3 .  ? 14.055  -13.809 4.620   1.00 44.61 ? 1112 HOH B O   1 
HETATM 1714 O O   . HOH E 3 .  ? 11.680  -15.245 6.304   1.00 39.22 ? 1113 HOH B O   1 
HETATM 1715 O O   . HOH E 3 .  ? 11.323  4.457   8.624   1.00 49.21 ? 1114 HOH B O   1 
HETATM 1716 O O   . HOH E 3 .  ? 10.900  -5.006  -7.346  1.00 29.74 ? 1116 HOH B O   1 
HETATM 1717 O O   . HOH E 3 .  ? 13.519  -5.142  -6.937  1.00 42.60 ? 1117 HOH B O   1 
HETATM 1718 O O   . HOH E 3 .  ? 9.394   -7.226  -6.326  1.00 16.97 ? 1118 HOH B O   1 
HETATM 1719 O O   . HOH E 3 .  ? 9.669   -7.133  -11.854 1.00 17.13 ? 1119 HOH B O   1 
HETATM 1720 O O   . HOH E 3 .  ? 8.022   -6.044  -13.786 1.00 24.68 ? 1120 HOH B O   1 
HETATM 1721 O O   . HOH E 3 .  ? 8.982   -3.690  -14.694 1.00 35.40 ? 1121 HOH B O   1 
HETATM 1722 O O   . HOH E 3 .  ? 6.893   -1.998  -13.931 1.00 33.05 ? 1122 HOH B O   1 
HETATM 1723 O O   . HOH E 3 .  ? 8.338   -0.691  -9.430  1.00 38.77 ? 1124 HOH B O   1 
HETATM 1724 O O   . HOH E 3 .  ? 9.782   4.554   -7.605  1.00 50.51 ? 1126 HOH B O   1 
HETATM 1725 O O   . HOH E 3 .  ? -12.279 -10.110 -8.975  1.00 68.12 ? 1171 HOH B O   1 
HETATM 1726 O O   . HOH E 3 .  ? 16.798  1.526   0.495   1.00 38.36 ? 1172 HOH B O   1 
HETATM 1727 O O   . HOH E 3 .  ? -5.416  -18.632 -8.282  1.00 55.47 ? 1173 HOH B O   1 
HETATM 1728 O O   . HOH E 3 .  ? -4.453  -19.721 -10.867 1.00 60.14 ? 1174 HOH B O   1 
HETATM 1729 O O   . HOH E 3 .  ? -5.611  -18.754 -15.772 1.00 61.50 ? 1176 HOH B O   1 
HETATM 1730 O O   . HOH E 3 .  ? -6.408  -16.994 -17.624 1.00 59.80 ? 1177 HOH B O   1 
HETATM 1731 O O   . HOH E 3 .  ? -2.776  -16.855 -17.503 1.00 51.74 ? 1178 HOH B O   1 
HETATM 1732 O O   . HOH E 3 .  ? -4.978  -12.481 -18.206 1.00 44.73 ? 1179 HOH B O   1 
HETATM 1733 O O   . HOH E 3 .  ? -3.021  -9.523  -18.542 1.00 59.34 ? 1180 HOH B O   1 
HETATM 1734 O O   . HOH E 3 .  ? -0.756  -10.331 -17.348 1.00 54.66 ? 1181 HOH B O   1 
HETATM 1735 O O   . HOH E 3 .  ? -5.437  -2.858  -18.442 1.00 45.36 ? 1183 HOH B O   1 
HETATM 1736 O O   . HOH E 3 .  ? -6.329  -0.390  -16.040 1.00 33.16 ? 1184 HOH B O   1 
HETATM 1737 O O   . HOH E 3 .  ? -0.443  0.810   -14.437 1.00 26.79 ? 1185 HOH B O   1 
HETATM 1738 O O   . HOH E 3 .  ? -0.385  -0.632  -16.954 1.00 52.93 ? 1186 HOH B O   1 
HETATM 1739 O O   . HOH E 3 .  ? 4.041   3.038   -4.799  1.00 20.14 ? 1195 HOH B O   1 
HETATM 1740 O O   . HOH E 3 .  ? 5.999   3.054   -2.820  1.00 17.62 ? 1196 HOH B O   1 
HETATM 1741 O O   . HOH E 3 .  ? 15.645  -1.645  -1.772  1.00 47.38 ? 1199 HOH B O   1 
HETATM 1742 O O   . HOH E 3 .  ? 12.697  -10.077 -12.570 1.00 26.20 ? 1201 HOH B O   1 
HETATM 1743 O O   . HOH E 3 .  ? 14.766  -9.388  -14.071 1.00 36.37 ? 1202 HOH B O   1 
HETATM 1744 O O   . HOH E 3 .  ? 17.164  -7.268  -11.121 1.00 42.85 ? 1203 HOH B O   1 
HETATM 1745 O O   . HOH E 3 .  ? 18.941  -5.211  -4.285  1.00 49.06 ? 1204 HOH B O   1 
HETATM 1746 O O   . HOH E 3 .  ? 18.848  -2.999  -1.082  1.00 33.86 ? 1205 HOH B O   1 
HETATM 1747 O O   . HOH E 3 .  ? -9.654  -10.561 -15.377 1.00 39.44 ? 1212 HOH B O   1 
HETATM 1748 O O   . HOH E 3 .  ? -14.097 -5.936  -2.718  1.00 58.24 ? 1213 HOH B O   1 
HETATM 1749 O O   . HOH E 3 .  ? -5.052  -18.851 1.853   1.00 58.29 ? 1214 HOH B O   1 
HETATM 1750 O O   . HOH F 3 .  ? -2.032  -2.186  12.180  1.00 26.08 ? 1075 HOH C O   1 
HETATM 1751 O O   . HOH F 3 .  ? -4.472  -4.591  11.242  1.00 37.75 ? 1092 HOH C O   1 
HETATM 1752 O O   . HOH F 3 .  ? 4.465   -0.884  5.738   1.00 21.89 ? 1097 HOH C O   1 
# 
